data_8F7R
#
_entry.id   8F7R
#
_cell.length_a   1.00
_cell.length_b   1.00
_cell.length_c   1.00
_cell.angle_alpha   90.00
_cell.angle_beta   90.00
_cell.angle_gamma   90.00
#
_symmetry.space_group_name_H-M   'P 1'
#
loop_
_entity.id
_entity.type
_entity.pdbx_description
1 polymer 'Mu-type opioid receptor'
2 polymer endomorphin
3 polymer 'Guanine nucleotide-binding protein G(i) subunit alpha-1'
4 polymer 'Guanine nucleotide-binding protein G(I)/G(S)/G(T) subunit beta-1'
5 polymer 'Guanine nucleotide-binding protein G(I)/G(S)/G(O) subunit gamma-2'
6 polymer scFv16
7 non-polymer CHOLESTEROL
#
loop_
_entity_poly.entity_id
_entity_poly.type
_entity_poly.pdbx_seq_one_letter_code
_entity_poly.pdbx_strand_id
1 'polypeptide(L)'
;DYKDDDDVDSSAAPTNASNCTDALAYSSCSPAPSPGSWVNLSHLDGNLSDPCGPNRTDLGGRDSLCPPTGSPSMITAITI
MALYSIVCVVGLFGNFLVMYVIVRYTKMKTATNIYIFNLALADALATSTLPFQSVNYLMGTWPFGTILCKIVISIDYYNM
FTSIFTLCTMSVDRYIAVCHPVKALDFRTPRNAKIINVCNWILSSAIGLPVMFMATTKYRQGSIDCTLTFSHPTWYWENL
LKICVFIFAFIMPVLIITVCYGLMILRLKSVRMLSGSKEKDRNLRRITRMVLVVVAVFIVCWTPIHIYVIIKALVTIPET
TFQTVSWHFCIALGYTNSCLNPVLYAFLDENFKRCFREFCIPTSSNIEQQNSTRIRQNTRDHPSTANTVDRTNHQHHHHH
HHH
;
R,M
2 'polypeptide(L)' YPWF(NH2) P,Q
3 'polypeptide(L)'
;MGCTLSAEDKAAVERSKMIDRNLREDGEKAAREVKLLLLGAGESGKSTIVKQMKIIHEAGYSEEECKQYKAVVYSNTIQS
IIAIIRAMGRLKIDFGDSARADDARQLFVLAGAAEEGFMTAELAGVIKRLWKDSGVQACFNRSREYQLNDSAAYYLNDLD
RIAQPNYIPTQQDVLRTRVKTTGIVETHFTFKDLHFKMFDVGAQRSERKKWIHCFEGVTAIIFCVALSDYDLVLAEDEEM
NRMHESMKLFDSICNNKWFTDTSIILFLNKKDLFEEKIKKSPLTICYPEYAGSNTYEEAAAYIQCQFEDLNKRKDTKEIY
THFTCSTDTKNVQFVFDAVTDVIIKNNLKDCGLF
;
A,F
4 'polypeptide(L)'
;MHHHHHHHHGSLLQSELDQLRQEAEQLKNQIRDARKACADATLSQITNNIDPVGRIQMRTRRTLRGHLAKIYAMHWGTDS
RLLVSASQDGKLIIWDSYTTNKVHAIPLRSSWVMTCAYAPSGNYVACGGLDNICSIYNLKTREGNVRVSRELAGHTGYLS
CCRFLDDNQIVTSSGDTTCALWDIETGQQTTTFTGHTGDVMSLSLAPDTRLFVSGACDASAKLWDVREGMCRQTFTGHES
DINAICFFPNGNAFATGSDDATCRLFDLRADQELMTYSHDNIICGITSVSFSKSGRLLLAGYDDFNCNVWDALKADRAGV
LAGHDNRVSCLGVTDDGMAVATGSWDSFLKIWN
;
B
5 'polypeptide(L)' MASNNTASIAQARKLVEQLKMEANIDRIKVSKAAADLMAYCEAHAKEDPLLTPVPASENPFREKKFFC C
6 'polypeptide(L)'
;MVQLVESGGGLVQPGGSRKLSCSASGFAFSSFGMHWVRQAPEKGLEWVAYISSGSGTIYYADTVKGRFTISRDDPKNTLF
LQMTSLRSEDTAMYYCVRSIYYYGSSPFDFWGQGTTLTVSAGGGGSGGGGSGGGGSADIVMTQATSSVPVTPGESVSISC
RSSKSLLHSNGNTYLYWFLQRPGQSPQLLIYRMSNLASGVPDRFSGSGSGTAFTLTISRLEAEDVGVYYCMQHLEYPLTF
GAGTKLEL
;
E
#
loop_
_chem_comp.id
_chem_comp.type
_chem_comp.name
_chem_comp.formula
CLR non-polymer CHOLESTEROL 'C27 H46 O'
NH2 non-polymer 'AMINO GROUP' 'H2 N'
#
# COMPACT_ATOMS: atom_id res chain seq x y z
N SER A 73 0.72 -58.72 -9.04
CA SER A 73 1.51 -57.62 -9.57
C SER A 73 1.85 -57.82 -11.04
N MET A 74 0.83 -58.15 -11.84
CA MET A 74 1.01 -58.36 -13.27
C MET A 74 0.53 -57.18 -14.11
N ILE A 75 -0.74 -56.80 -14.01
CA ILE A 75 -1.29 -55.68 -14.74
C ILE A 75 -1.61 -54.51 -13.82
N THR A 76 -2.11 -54.80 -12.62
CA THR A 76 -2.58 -53.79 -11.68
C THR A 76 -1.45 -52.87 -11.21
N ALA A 77 -0.28 -53.45 -10.89
CA ALA A 77 0.85 -52.65 -10.41
C ALA A 77 1.37 -51.72 -11.50
N ILE A 78 1.51 -52.23 -12.73
CA ILE A 78 1.95 -51.42 -13.87
C ILE A 78 0.95 -50.31 -14.15
N THR A 79 -0.35 -50.62 -14.08
CA THR A 79 -1.41 -49.64 -14.28
C THR A 79 -1.35 -48.52 -13.24
N ILE A 80 -1.20 -48.90 -11.97
CA ILE A 80 -1.13 -47.92 -10.88
C ILE A 80 0.12 -47.04 -11.00
N MET A 81 1.27 -47.66 -11.30
CA MET A 81 2.51 -46.89 -11.45
C MET A 81 2.45 -45.95 -12.65
N ALA A 82 1.85 -46.38 -13.76
CA ALA A 82 1.70 -45.51 -14.92
C ALA A 82 0.72 -44.37 -14.63
N LEU A 83 -0.34 -44.66 -13.87
CA LEU A 83 -1.31 -43.62 -13.51
C LEU A 83 -0.68 -42.55 -12.63
N TYR A 84 0.04 -42.95 -11.59
CA TYR A 84 0.72 -41.97 -10.74
C TYR A 84 1.85 -41.25 -11.46
N SER A 85 2.50 -41.91 -12.43
CA SER A 85 3.52 -41.24 -13.22
C SER A 85 2.92 -40.15 -14.10
N ILE A 86 1.79 -40.45 -14.76
CA ILE A 86 1.11 -39.45 -15.58
C ILE A 86 0.60 -38.29 -14.72
N VAL A 87 0.05 -38.61 -13.55
CA VAL A 87 -0.45 -37.59 -12.62
C VAL A 87 0.69 -36.69 -12.15
N CYS A 88 1.84 -37.28 -11.81
CA CYS A 88 2.99 -36.50 -11.34
C CYS A 88 3.57 -35.62 -12.44
N VAL A 89 3.66 -36.14 -13.67
CA VAL A 89 4.21 -35.37 -14.78
C VAL A 89 3.30 -34.19 -15.13
N VAL A 90 1.98 -34.43 -15.21
CA VAL A 90 1.03 -33.36 -15.51
C VAL A 90 1.02 -32.32 -14.41
N GLY A 91 1.08 -32.76 -13.15
CA GLY A 91 1.05 -31.80 -12.04
C GLY A 91 2.30 -30.95 -11.95
N LEU A 92 3.48 -31.57 -12.10
CA LEU A 92 4.72 -30.80 -12.06
C LEU A 92 4.83 -29.87 -13.26
N PHE A 93 4.39 -30.31 -14.44
CA PHE A 93 4.43 -29.46 -15.63
C PHE A 93 3.51 -28.25 -15.49
N GLY A 94 2.28 -28.47 -15.00
CA GLY A 94 1.37 -27.35 -14.81
C GLY A 94 1.82 -26.39 -13.73
N ASN A 95 2.32 -26.92 -12.60
CA ASN A 95 2.73 -26.07 -11.50
C ASN A 95 3.96 -25.24 -11.85
N PHE A 96 4.99 -25.87 -12.42
CA PHE A 96 6.17 -25.11 -12.79
C PHE A 96 5.93 -24.21 -14.00
N LEU A 97 4.96 -24.54 -14.87
CA LEU A 97 4.61 -23.63 -15.96
C LEU A 97 3.92 -22.38 -15.43
N VAL A 98 3.00 -22.54 -14.46
CA VAL A 98 2.34 -21.39 -13.86
C VAL A 98 3.33 -20.52 -13.08
N MET A 99 4.23 -21.17 -12.33
CA MET A 99 5.25 -20.41 -11.60
C MET A 99 6.24 -19.73 -12.54
N TYR A 100 6.52 -20.33 -13.69
CA TYR A 100 7.41 -19.71 -14.66
C TYR A 100 6.77 -18.49 -15.32
N VAL A 101 5.47 -18.59 -15.62
CA VAL A 101 4.75 -17.44 -16.19
C VAL A 101 4.65 -16.31 -15.17
N ILE A 102 4.37 -16.64 -13.90
CA ILE A 102 4.26 -15.62 -12.86
C ILE A 102 5.60 -14.92 -12.60
N VAL A 103 6.70 -15.69 -12.58
CA VAL A 103 8.00 -15.09 -12.33
C VAL A 103 8.48 -14.27 -13.53
N ARG A 104 8.38 -14.83 -14.73
CA ARG A 104 8.94 -14.15 -15.90
C ARG A 104 8.06 -13.02 -16.42
N TYR A 105 6.77 -12.99 -16.11
CA TYR A 105 5.90 -11.97 -16.69
C TYR A 105 5.20 -11.12 -15.64
N THR A 106 4.58 -11.75 -14.64
CA THR A 106 3.74 -11.01 -13.71
C THR A 106 4.57 -10.34 -12.61
N LYS A 107 5.53 -11.09 -12.03
CA LYS A 107 6.44 -10.65 -10.97
C LYS A 107 5.72 -10.29 -9.68
N MET A 108 4.48 -10.78 -9.52
CA MET A 108 3.68 -10.71 -8.28
C MET A 108 3.43 -9.28 -7.82
N LYS A 109 2.86 -8.47 -8.72
CA LYS A 109 2.48 -7.11 -8.41
C LYS A 109 1.02 -6.96 -8.03
N THR A 110 0.27 -8.06 -8.05
CA THR A 110 -1.16 -8.05 -7.77
C THR A 110 -1.45 -9.15 -6.74
N ALA A 111 -2.49 -8.93 -5.92
CA ALA A 111 -2.79 -9.84 -4.82
C ALA A 111 -3.23 -11.22 -5.33
N THR A 112 -4.10 -11.25 -6.35
CA THR A 112 -4.63 -12.50 -6.87
C THR A 112 -3.52 -13.35 -7.49
N ASN A 113 -2.55 -12.69 -8.12
CA ASN A 113 -1.41 -13.42 -8.68
C ASN A 113 -0.51 -13.97 -7.58
N ILE A 114 -0.46 -13.31 -6.41
CA ILE A 114 0.26 -13.85 -5.26
C ILE A 114 -0.44 -15.09 -4.73
N TYR A 115 -1.78 -15.07 -4.69
CA TYR A 115 -2.53 -16.26 -4.27
C TYR A 115 -2.35 -17.41 -5.27
N ILE A 116 -2.33 -17.10 -6.57
CA ILE A 116 -2.13 -18.13 -7.58
C ILE A 116 -0.71 -18.71 -7.50
N PHE A 117 0.28 -17.87 -7.20
CA PHE A 117 1.65 -18.35 -7.05
C PHE A 117 1.80 -19.24 -5.83
N ASN A 118 1.16 -18.87 -4.71
CA ASN A 118 1.22 -19.71 -3.52
C ASN A 118 0.46 -21.02 -3.71
N LEU A 119 -0.64 -20.98 -4.47
CA LEU A 119 -1.35 -22.20 -4.85
C LEU A 119 -0.48 -23.12 -5.69
N ALA A 120 0.22 -22.55 -6.68
CA ALA A 120 1.08 -23.34 -7.55
C ALA A 120 2.27 -23.93 -6.79
N LEU A 121 2.82 -23.16 -5.84
CA LEU A 121 3.92 -23.66 -5.03
C LEU A 121 3.48 -24.78 -4.09
N ALA A 122 2.30 -24.63 -3.47
CA ALA A 122 1.77 -25.67 -2.59
C ALA A 122 1.42 -26.94 -3.37
N ASP A 123 0.85 -26.79 -4.56
CA ASP A 123 0.54 -27.95 -5.38
C ASP A 123 1.80 -28.62 -5.92
N ALA A 124 2.85 -27.84 -6.24
CA ALA A 124 4.10 -28.42 -6.68
C ALA A 124 4.78 -29.20 -5.56
N LEU A 125 4.78 -28.65 -4.35
CA LEU A 125 5.39 -29.36 -3.22
C LEU A 125 4.55 -30.55 -2.79
N ALA A 126 3.23 -30.53 -3.03
CA ALA A 126 2.42 -31.71 -2.75
C ALA A 126 2.63 -32.79 -3.80
N THR A 127 2.81 -32.39 -5.07
CA THR A 127 3.06 -33.35 -6.14
C THR A 127 4.48 -33.90 -6.10
N SER A 128 5.41 -33.19 -5.46
CA SER A 128 6.79 -33.66 -5.35
C SER A 128 6.92 -34.90 -4.48
N THR A 129 5.99 -35.11 -3.53
CA THR A 129 6.04 -36.28 -2.67
C THR A 129 5.50 -37.54 -3.34
N LEU A 130 4.95 -37.43 -4.55
CA LEU A 130 4.33 -38.55 -5.25
C LEU A 130 5.31 -39.57 -5.84
N PRO A 131 6.49 -39.22 -6.41
CA PRO A 131 7.42 -40.29 -6.81
C PRO A 131 7.97 -41.10 -5.65
N PHE A 132 8.10 -40.51 -4.46
CA PHE A 132 8.52 -41.28 -3.29
C PHE A 132 7.46 -42.31 -2.91
N GLN A 133 6.19 -41.93 -3.01
CA GLN A 133 5.10 -42.87 -2.77
C GLN A 133 5.03 -43.93 -3.84
N SER A 134 5.36 -43.58 -5.09
CA SER A 134 5.39 -44.55 -6.17
C SER A 134 6.50 -45.59 -5.98
N VAL A 135 7.68 -45.14 -5.58
CA VAL A 135 8.79 -46.05 -5.30
C VAL A 135 8.47 -46.92 -4.07
N ASN A 136 7.81 -46.33 -3.07
CA ASN A 136 7.40 -47.10 -1.88
C ASN A 136 6.37 -48.18 -2.24
N TYR A 137 5.46 -47.88 -3.17
CA TYR A 137 4.49 -48.89 -3.60
C TYR A 137 5.14 -49.96 -4.46
N LEU A 138 6.02 -49.58 -5.39
CA LEU A 138 6.63 -50.56 -6.29
C LEU A 138 7.59 -51.48 -5.54
N MET A 139 8.45 -50.93 -4.68
CA MET A 139 9.39 -51.77 -3.95
C MET A 139 8.71 -52.54 -2.82
N GLY A 140 7.80 -51.88 -2.10
CA GLY A 140 7.21 -52.48 -0.93
C GLY A 140 7.91 -52.12 0.37
N THR A 141 8.99 -51.36 0.31
CA THR A 141 9.75 -50.96 1.49
C THR A 141 10.30 -49.57 1.25
N TRP A 142 10.81 -48.95 2.31
CA TRP A 142 11.34 -47.59 2.25
C TRP A 142 12.86 -47.61 2.35
N PRO A 143 13.59 -47.41 1.26
CA PRO A 143 15.05 -47.39 1.31
C PRO A 143 15.67 -46.00 1.50
N PHE A 144 14.85 -44.95 1.55
CA PHE A 144 15.35 -43.59 1.51
C PHE A 144 15.94 -43.11 2.83
N GLY A 145 15.65 -43.79 3.94
CA GLY A 145 16.17 -43.38 5.23
C GLY A 145 15.12 -42.69 6.09
N THR A 146 15.46 -42.56 7.37
CA THR A 146 14.52 -41.99 8.34
C THR A 146 14.32 -40.49 8.13
N ILE A 147 15.41 -39.76 7.84
CA ILE A 147 15.36 -38.31 7.73
C ILE A 147 14.53 -37.89 6.51
N LEU A 148 14.75 -38.55 5.36
CA LEU A 148 13.98 -38.23 4.18
C LEU A 148 12.54 -38.71 4.30
N CYS A 149 12.30 -39.77 5.09
CA CYS A 149 10.94 -40.18 5.43
C CYS A 149 10.21 -39.07 6.18
N LYS A 150 10.89 -38.48 7.18
CA LYS A 150 10.33 -37.36 7.94
C LYS A 150 10.05 -36.16 7.04
N ILE A 151 11.01 -35.84 6.16
CA ILE A 151 10.88 -34.66 5.30
C ILE A 151 9.74 -34.82 4.30
N VAL A 152 9.64 -35.99 3.66
CA VAL A 152 8.62 -36.17 2.62
C VAL A 152 7.22 -36.29 3.24
N ILE A 153 7.09 -36.97 4.39
CA ILE A 153 5.79 -37.04 5.06
C ILE A 153 5.36 -35.66 5.56
N SER A 154 6.30 -34.89 6.12
CA SER A 154 5.98 -33.54 6.59
C SER A 154 5.58 -32.62 5.44
N ILE A 155 6.27 -32.72 4.30
CA ILE A 155 5.94 -31.90 3.14
C ILE A 155 4.56 -32.28 2.58
N ASP A 156 4.23 -33.58 2.56
CA ASP A 156 2.93 -34.00 2.03
C ASP A 156 1.77 -33.53 2.91
N TYR A 157 1.83 -33.84 4.21
CA TYR A 157 0.78 -33.42 5.14
C TYR A 157 0.73 -31.90 5.30
N TYR A 158 1.87 -31.22 5.16
CA TYR A 158 1.92 -29.77 5.25
C TYR A 158 1.27 -29.12 4.03
N ASN A 159 1.66 -29.54 2.84
CA ASN A 159 1.23 -28.85 1.63
C ASN A 159 -0.16 -29.23 1.16
N MET A 160 -0.74 -30.35 1.64
CA MET A 160 -2.16 -30.54 1.36
C MET A 160 -3.01 -29.47 2.07
N PHE A 161 -2.77 -29.29 3.37
CA PHE A 161 -3.45 -28.23 4.12
C PHE A 161 -3.08 -26.84 3.60
N THR A 162 -1.86 -26.66 3.11
CA THR A 162 -1.48 -25.37 2.53
C THR A 162 -2.28 -25.08 1.26
N SER A 163 -2.42 -26.07 0.37
CA SER A 163 -3.18 -25.88 -0.86
C SER A 163 -4.66 -25.66 -0.57
N ILE A 164 -5.22 -26.41 0.38
CA ILE A 164 -6.65 -26.28 0.69
C ILE A 164 -6.93 -24.95 1.39
N PHE A 165 -6.03 -24.51 2.27
CA PHE A 165 -6.20 -23.20 2.89
C PHE A 165 -6.01 -22.07 1.87
N THR A 166 -5.17 -22.27 0.87
CA THR A 166 -5.05 -21.30 -0.22
C THR A 166 -6.34 -21.25 -1.05
N LEU A 167 -6.98 -22.40 -1.27
CA LEU A 167 -8.27 -22.44 -1.96
C LEU A 167 -9.35 -21.71 -1.18
N CYS A 168 -9.40 -21.94 0.13
CA CYS A 168 -10.37 -21.24 0.99
C CYS A 168 -10.10 -19.74 1.02
N THR A 169 -8.82 -19.36 1.02
CA THR A 169 -8.45 -17.95 1.05
C THR A 169 -8.83 -17.26 -0.26
N MET A 170 -8.67 -17.94 -1.40
CA MET A 170 -9.12 -17.36 -2.67
C MET A 170 -10.64 -17.29 -2.75
N SER A 171 -11.34 -18.24 -2.13
CA SER A 171 -12.80 -18.16 -2.06
C SER A 171 -13.25 -16.95 -1.24
N VAL A 172 -12.59 -16.72 -0.10
CA VAL A 172 -12.89 -15.56 0.74
C VAL A 172 -12.52 -14.26 0.02
N ASP A 173 -11.44 -14.28 -0.76
CA ASP A 173 -11.04 -13.11 -1.55
C ASP A 173 -12.08 -12.75 -2.59
N ARG A 174 -12.60 -13.75 -3.30
CA ARG A 174 -13.62 -13.47 -4.31
C ARG A 174 -14.96 -13.08 -3.67
N TYR A 175 -15.25 -13.63 -2.49
CA TYR A 175 -16.47 -13.24 -1.77
C TYR A 175 -16.40 -11.79 -1.31
N ILE A 176 -15.26 -11.36 -0.77
CA ILE A 176 -15.11 -9.97 -0.37
C ILE A 176 -15.06 -9.05 -1.59
N ALA A 177 -14.46 -9.53 -2.70
CA ALA A 177 -14.36 -8.73 -3.92
C ALA A 177 -15.73 -8.48 -4.55
N VAL A 178 -16.65 -9.43 -4.43
CA VAL A 178 -17.98 -9.22 -5.02
C VAL A 178 -18.93 -8.58 -4.02
N CYS A 179 -19.11 -9.21 -2.85
CA CYS A 179 -20.19 -8.81 -1.96
C CYS A 179 -19.90 -7.55 -1.16
N HIS A 180 -18.65 -7.32 -0.74
CA HIS A 180 -18.27 -6.19 0.10
C HIS A 180 -17.20 -5.35 -0.58
N PRO A 181 -17.58 -4.53 -1.58
CA PRO A 181 -16.57 -3.88 -2.43
C PRO A 181 -15.79 -2.76 -1.73
N VAL A 182 -16.48 -1.97 -0.92
CA VAL A 182 -15.84 -0.87 -0.19
C VAL A 182 -14.81 -1.40 0.80
N LYS A 183 -15.15 -2.51 1.46
CA LYS A 183 -14.18 -3.20 2.29
C LYS A 183 -13.18 -4.01 1.47
N ALA A 184 -13.53 -4.41 0.25
CA ALA A 184 -12.56 -5.05 -0.63
C ALA A 184 -11.47 -4.08 -1.08
N LEU A 185 -11.76 -2.78 -1.07
CA LEU A 185 -10.70 -1.78 -1.27
C LEU A 185 -9.64 -1.87 -0.18
N ASP A 186 -10.06 -2.17 1.06
CA ASP A 186 -9.11 -2.41 2.13
C ASP A 186 -8.47 -3.78 2.01
N PHE A 187 -9.25 -4.78 1.61
CA PHE A 187 -8.81 -6.17 1.63
C PHE A 187 -7.87 -6.50 0.47
N ARG A 188 -8.27 -6.18 -0.76
CA ARG A 188 -7.51 -6.54 -1.96
C ARG A 188 -6.30 -5.62 -2.16
N THR A 189 -5.33 -5.76 -1.26
CA THR A 189 -4.04 -5.10 -1.37
C THR A 189 -2.95 -6.16 -1.32
N PRO A 190 -1.80 -5.93 -1.99
CA PRO A 190 -0.73 -6.94 -1.95
C PRO A 190 -0.16 -7.19 -0.56
N ARG A 191 -0.09 -6.17 0.29
CA ARG A 191 0.40 -6.35 1.66
C ARG A 191 -0.51 -7.27 2.47
N ASN A 192 -1.83 -7.08 2.33
CA ASN A 192 -2.78 -7.92 3.06
C ASN A 192 -2.75 -9.34 2.54
N ALA A 193 -2.56 -9.51 1.23
CA ALA A 193 -2.45 -10.85 0.66
C ALA A 193 -1.20 -11.56 1.13
N LYS A 194 -0.08 -10.82 1.26
CA LYS A 194 1.14 -11.42 1.79
C LYS A 194 0.98 -11.80 3.27
N ILE A 195 0.29 -10.96 4.05
CA ILE A 195 0.08 -11.25 5.47
C ILE A 195 -0.81 -12.48 5.64
N ILE A 196 -1.91 -12.55 4.89
CA ILE A 196 -2.83 -13.68 5.02
C ILE A 196 -2.21 -14.97 4.47
N ASN A 197 -1.38 -14.88 3.42
CA ASN A 197 -0.72 -16.08 2.92
C ASN A 197 0.35 -16.58 3.89
N VAL A 198 1.13 -15.67 4.49
CA VAL A 198 2.09 -16.08 5.52
C VAL A 198 1.36 -16.69 6.72
N CYS A 199 0.20 -16.14 7.09
CA CYS A 199 -0.62 -16.75 8.13
C CYS A 199 -1.15 -18.12 7.74
N ASN A 200 -1.45 -18.33 6.45
CA ASN A 200 -1.91 -19.64 5.98
C ASN A 200 -0.79 -20.68 6.06
N TRP A 201 0.43 -20.30 5.66
CA TRP A 201 1.56 -21.22 5.78
C TRP A 201 1.92 -21.49 7.25
N ILE A 202 1.76 -20.48 8.12
CA ILE A 202 2.01 -20.68 9.56
C ILE A 202 0.95 -21.59 10.18
N LEU A 203 -0.32 -21.42 9.80
CA LEU A 203 -1.37 -22.32 10.29
C LEU A 203 -1.20 -23.73 9.75
N SER A 204 -0.65 -23.88 8.54
CA SER A 204 -0.30 -25.20 8.06
C SER A 204 0.91 -25.78 8.77
N SER A 205 1.78 -24.95 9.33
CA SER A 205 2.91 -25.46 10.11
C SER A 205 2.47 -26.16 11.39
N ALA A 206 1.26 -25.86 11.90
CA ALA A 206 0.73 -26.54 13.06
C ALA A 206 0.45 -28.02 12.80
N ILE A 207 0.11 -28.39 11.56
CA ILE A 207 0.02 -29.81 11.20
C ILE A 207 1.34 -30.28 10.59
N GLY A 208 2.19 -29.37 10.12
CA GLY A 208 3.45 -29.78 9.52
C GLY A 208 4.47 -30.28 10.54
N LEU A 209 4.64 -29.55 11.64
CA LEU A 209 5.73 -29.85 12.57
C LEU A 209 5.53 -31.13 13.40
N PRO A 210 4.38 -31.39 14.08
CA PRO A 210 4.29 -32.64 14.86
C PRO A 210 4.28 -33.90 14.02
N VAL A 211 3.76 -33.83 12.79
CA VAL A 211 3.86 -34.95 11.87
C VAL A 211 5.33 -35.20 11.48
N MET A 212 6.14 -34.14 11.40
CA MET A 212 7.58 -34.30 11.22
C MET A 212 8.23 -34.95 12.43
N PHE A 213 7.78 -34.59 13.64
CA PHE A 213 8.36 -35.20 14.84
C PHE A 213 8.00 -36.68 14.97
N MET A 214 6.75 -37.03 14.66
CA MET A 214 6.28 -38.39 14.94
C MET A 214 6.74 -39.43 13.93
N ALA A 215 7.09 -39.01 12.71
CA ALA A 215 7.45 -39.95 11.65
C ALA A 215 8.79 -40.64 11.94
N THR A 216 8.77 -41.97 12.00
CA THR A 216 9.98 -42.78 12.10
C THR A 216 9.85 -43.96 11.13
N THR A 217 10.87 -44.80 11.10
CA THR A 217 10.91 -45.98 10.25
C THR A 217 11.03 -47.23 11.12
N LYS A 218 10.10 -48.17 10.94
CA LYS A 218 10.06 -49.41 11.71
C LYS A 218 10.09 -50.61 10.79
N TYR A 219 10.84 -51.64 11.18
CA TYR A 219 10.94 -52.87 10.41
C TYR A 219 9.67 -53.69 10.59
N ARG A 220 8.95 -53.94 9.50
CA ARG A 220 7.74 -54.75 9.51
C ARG A 220 7.89 -55.86 8.47
N GLN A 221 7.96 -57.11 8.96
CA GLN A 221 8.07 -58.33 8.15
C GLN A 221 9.31 -58.30 7.26
N GLY A 222 10.42 -57.80 7.80
CA GLY A 222 11.65 -57.68 7.04
C GLY A 222 11.70 -56.52 6.07
N SER A 223 10.70 -55.66 6.07
CA SER A 223 10.63 -54.51 5.16
C SER A 223 10.51 -53.24 5.99
N ILE A 224 11.31 -52.24 5.63
CA ILE A 224 11.24 -50.94 6.31
C ILE A 224 9.92 -50.26 5.96
N ASP A 225 9.26 -49.69 6.97
CA ASP A 225 7.99 -49.02 6.77
C ASP A 225 8.13 -47.57 7.21
N CYS A 226 7.80 -46.65 6.30
CA CYS A 226 7.86 -45.23 6.52
C CYS A 226 6.45 -44.77 6.91
N THR A 227 6.26 -44.45 8.19
CA THR A 227 4.92 -44.17 8.69
C THR A 227 5.01 -43.25 9.90
N LEU A 228 3.89 -43.08 10.58
CA LEU A 228 3.78 -42.21 11.76
C LEU A 228 3.59 -43.07 12.99
N THR A 229 4.35 -42.78 14.04
CA THR A 229 4.25 -43.48 15.31
C THR A 229 3.71 -42.54 16.38
N PHE A 230 2.66 -42.97 17.05
CA PHE A 230 1.96 -42.16 18.04
C PHE A 230 2.30 -42.65 19.45
N SER A 231 2.23 -41.74 20.41
CA SER A 231 2.40 -42.11 21.81
C SER A 231 1.21 -42.95 22.26
N HIS A 232 1.44 -43.77 23.28
CA HIS A 232 0.41 -44.68 23.77
C HIS A 232 -0.70 -43.87 24.45
N PRO A 233 -1.99 -44.16 24.16
CA PRO A 233 -2.53 -45.14 23.21
C PRO A 233 -2.43 -44.73 21.74
N THR A 234 -2.01 -45.68 20.89
CA THR A 234 -1.77 -45.39 19.48
C THR A 234 -3.09 -45.13 18.74
N TRP A 235 -4.13 -45.90 19.07
CA TRP A 235 -5.41 -45.82 18.36
C TRP A 235 -6.07 -44.46 18.55
N TYR A 236 -5.97 -43.89 19.75
CA TYR A 236 -6.64 -42.62 20.04
C TYR A 236 -6.00 -41.47 19.26
N TRP A 237 -4.68 -41.37 19.29
CA TRP A 237 -4.01 -40.29 18.58
C TRP A 237 -4.06 -40.50 17.07
N GLU A 238 -4.08 -41.76 16.62
CA GLU A 238 -4.19 -42.04 15.19
C GLU A 238 -5.57 -41.64 14.64
N ASN A 239 -6.64 -42.05 15.32
CA ASN A 239 -7.98 -41.65 14.90
C ASN A 239 -8.19 -40.15 15.11
N LEU A 240 -7.54 -39.55 16.12
CA LEU A 240 -7.62 -38.10 16.29
C LEU A 240 -6.97 -37.37 15.14
N LEU A 241 -5.81 -37.86 14.66
CA LEU A 241 -5.16 -37.26 13.50
C LEU A 241 -6.02 -37.43 12.24
N LYS A 242 -6.57 -38.62 12.03
CA LYS A 242 -7.39 -38.87 10.84
C LYS A 242 -8.65 -38.01 10.83
N ILE A 243 -9.32 -37.89 11.98
CA ILE A 243 -10.55 -37.12 12.07
C ILE A 243 -10.27 -35.62 12.00
N CYS A 244 -9.18 -35.15 12.61
CA CYS A 244 -8.82 -33.73 12.50
C CYS A 244 -8.45 -33.36 11.08
N VAL A 245 -7.72 -34.23 10.37
CA VAL A 245 -7.42 -33.98 8.96
C VAL A 245 -8.69 -34.01 8.12
N PHE A 246 -9.59 -34.96 8.41
CA PHE A 246 -10.86 -35.06 7.68
C PHE A 246 -11.73 -33.82 7.87
N ILE A 247 -11.90 -33.36 9.11
CA ILE A 247 -12.71 -32.18 9.39
C ILE A 247 -12.07 -30.94 8.79
N PHE A 248 -10.81 -30.67 9.16
CA PHE A 248 -10.17 -29.42 8.80
C PHE A 248 -9.80 -29.33 7.32
N ALA A 249 -9.76 -30.45 6.60
CA ALA A 249 -9.49 -30.40 5.17
C ALA A 249 -10.72 -30.68 4.31
N PHE A 250 -11.81 -31.19 4.88
CA PHE A 250 -13.00 -31.43 4.07
C PHE A 250 -14.24 -30.70 4.57
N ILE A 251 -14.59 -30.83 5.85
CA ILE A 251 -15.91 -30.40 6.32
C ILE A 251 -16.01 -28.89 6.33
N MET A 252 -15.07 -28.21 6.98
CA MET A 252 -15.01 -26.75 6.94
C MET A 252 -14.65 -26.19 5.56
N PRO A 253 -13.69 -26.73 4.78
CA PRO A 253 -13.44 -26.13 3.46
C PRO A 253 -14.59 -26.25 2.45
N VAL A 254 -15.29 -27.38 2.39
CA VAL A 254 -16.42 -27.53 1.46
C VAL A 254 -17.54 -26.55 1.84
N LEU A 255 -17.82 -26.41 3.14
CA LEU A 255 -18.84 -25.47 3.57
C LEU A 255 -18.46 -24.02 3.31
N ILE A 256 -17.20 -23.64 3.58
CA ILE A 256 -16.76 -22.26 3.34
C ILE A 256 -16.78 -21.93 1.85
N ILE A 257 -16.25 -22.82 1.02
CA ILE A 257 -16.22 -22.60 -0.43
C ILE A 257 -17.63 -22.57 -1.01
N THR A 258 -18.48 -23.52 -0.59
CA THR A 258 -19.84 -23.61 -1.11
C THR A 258 -20.68 -22.39 -0.74
N VAL A 259 -20.63 -21.98 0.53
CA VAL A 259 -21.44 -20.85 0.98
C VAL A 259 -20.92 -19.53 0.39
N CYS A 260 -19.59 -19.33 0.38
CA CYS A 260 -19.03 -18.09 -0.15
C CYS A 260 -19.29 -17.95 -1.65
N TYR A 261 -19.07 -19.02 -2.43
CA TYR A 261 -19.35 -18.93 -3.86
C TYR A 261 -20.85 -18.89 -4.16
N GLY A 262 -21.69 -19.52 -3.34
CA GLY A 262 -23.13 -19.45 -3.57
C GLY A 262 -23.68 -18.05 -3.34
N LEU A 263 -23.28 -17.41 -2.23
CA LEU A 263 -23.66 -16.02 -1.99
C LEU A 263 -23.00 -15.09 -2.99
N MET A 264 -21.82 -15.45 -3.50
CA MET A 264 -21.18 -14.71 -4.58
C MET A 264 -22.01 -14.77 -5.86
N ILE A 265 -22.53 -15.94 -6.22
CA ILE A 265 -23.39 -16.08 -7.39
C ILE A 265 -24.70 -15.31 -7.21
N LEU A 266 -25.25 -15.34 -5.99
CA LEU A 266 -26.46 -14.56 -5.70
C LEU A 266 -26.22 -13.06 -5.84
N ARG A 267 -25.06 -12.58 -5.37
CA ARG A 267 -24.75 -11.16 -5.53
C ARG A 267 -24.48 -10.81 -6.99
N LEU A 268 -23.83 -11.71 -7.75
CA LEU A 268 -23.55 -11.45 -9.16
C LEU A 268 -24.81 -11.41 -10.00
N LYS A 269 -25.76 -12.31 -9.74
CA LYS A 269 -27.06 -12.21 -10.43
C LYS A 269 -27.84 -11.00 -9.93
N SER A 270 -27.62 -10.57 -8.68
CA SER A 270 -28.22 -9.33 -8.20
C SER A 270 -27.67 -8.10 -8.92
N VAL A 271 -26.44 -8.17 -9.43
CA VAL A 271 -25.82 -7.02 -10.12
C VAL A 271 -26.58 -6.70 -11.40
N ARG A 272 -26.93 -5.42 -11.56
CA ARG A 272 -27.64 -4.94 -12.74
C ARG A 272 -26.75 -4.98 -13.99
N MET A 273 -25.44 -4.77 -13.82
CA MET A 273 -24.51 -4.70 -14.94
C MET A 273 -24.41 -6.03 -15.67
N LEU A 274 -24.36 -7.15 -14.93
CA LEU A 274 -24.22 -8.46 -15.54
C LEU A 274 -25.49 -8.87 -16.30
N SER A 275 -26.66 -8.43 -15.86
CA SER A 275 -27.88 -8.69 -16.59
C SER A 275 -28.13 -7.57 -17.61
N GLY A 276 -29.22 -7.69 -18.35
CA GLY A 276 -29.63 -6.64 -19.26
C GLY A 276 -29.60 -6.96 -20.74
N SER A 277 -28.56 -7.65 -21.21
CA SER A 277 -28.42 -7.95 -22.63
C SER A 277 -27.93 -9.38 -22.81
N LYS A 278 -27.99 -9.85 -24.05
CA LYS A 278 -27.65 -11.25 -24.36
C LYS A 278 -26.17 -11.53 -24.15
N GLU A 279 -25.29 -10.60 -24.53
CA GLU A 279 -23.86 -10.78 -24.34
C GLU A 279 -23.49 -10.75 -22.85
N LYS A 280 -24.09 -9.83 -22.09
CA LYS A 280 -23.82 -9.75 -20.66
C LYS A 280 -24.40 -10.94 -19.92
N ASP A 281 -25.57 -11.44 -20.34
CA ASP A 281 -26.12 -12.67 -19.77
C ASP A 281 -25.27 -13.87 -20.11
N ARG A 282 -24.68 -13.90 -21.31
CA ARG A 282 -23.77 -14.98 -21.69
C ARG A 282 -22.52 -14.96 -20.81
N ASN A 283 -21.97 -13.77 -20.56
CA ASN A 283 -20.79 -13.67 -19.72
C ASN A 283 -21.11 -14.02 -18.26
N LEU A 284 -22.31 -13.64 -17.78
CA LEU A 284 -22.76 -14.04 -16.45
C LEU A 284 -22.91 -15.57 -16.34
N ARG A 285 -23.46 -16.20 -17.38
CA ARG A 285 -23.56 -17.65 -17.41
C ARG A 285 -22.19 -18.30 -17.43
N ARG A 286 -21.24 -17.69 -18.13
CA ARG A 286 -19.88 -18.22 -18.18
C ARG A 286 -19.19 -18.11 -16.82
N ILE A 287 -19.39 -17.00 -16.11
CA ILE A 287 -18.80 -16.83 -14.78
C ILE A 287 -19.42 -17.80 -13.78
N THR A 288 -20.75 -17.97 -13.83
CA THR A 288 -21.44 -18.90 -12.94
C THR A 288 -21.04 -20.34 -13.25
N ARG A 289 -20.86 -20.67 -14.54
CA ARG A 289 -20.39 -21.99 -14.94
C ARG A 289 -18.97 -22.25 -14.45
N MET A 290 -18.10 -21.24 -14.55
CA MET A 290 -16.73 -21.37 -14.05
C MET A 290 -16.69 -21.61 -12.55
N VAL A 291 -17.51 -20.87 -11.80
CA VAL A 291 -17.60 -21.04 -10.34
C VAL A 291 -18.12 -22.42 -9.98
N LEU A 292 -19.18 -22.87 -10.67
CA LEU A 292 -19.73 -24.21 -10.40
C LEU A 292 -18.75 -25.32 -10.79
N VAL A 293 -17.96 -25.12 -11.85
CA VAL A 293 -16.92 -26.09 -12.21
C VAL A 293 -15.85 -26.15 -11.12
N VAL A 294 -15.47 -24.99 -10.57
CA VAL A 294 -14.46 -24.96 -9.49
C VAL A 294 -14.95 -25.71 -8.26
N VAL A 295 -16.18 -25.41 -7.82
CA VAL A 295 -16.74 -26.04 -6.63
C VAL A 295 -16.97 -27.54 -6.87
N ALA A 296 -17.44 -27.90 -8.07
CA ALA A 296 -17.68 -29.30 -8.40
C ALA A 296 -16.39 -30.11 -8.46
N VAL A 297 -15.32 -29.54 -9.05
CA VAL A 297 -14.04 -30.23 -9.10
C VAL A 297 -13.48 -30.43 -7.70
N PHE A 298 -13.59 -29.41 -6.83
CA PHE A 298 -13.10 -29.55 -5.46
C PHE A 298 -13.85 -30.63 -4.68
N ILE A 299 -15.19 -30.63 -4.77
CA ILE A 299 -16.00 -31.59 -4.02
C ILE A 299 -15.82 -33.01 -4.58
N VAL A 300 -15.93 -33.17 -5.90
CA VAL A 300 -15.82 -34.48 -6.54
C VAL A 300 -14.42 -35.08 -6.38
N CYS A 301 -13.38 -34.25 -6.28
CA CYS A 301 -12.06 -34.81 -6.07
C CYS A 301 -11.81 -35.18 -4.60
N TRP A 302 -12.11 -34.28 -3.66
CA TRP A 302 -11.73 -34.59 -2.29
C TRP A 302 -12.75 -35.42 -1.51
N THR A 303 -13.98 -35.56 -2.01
CA THR A 303 -14.99 -36.33 -1.29
C THR A 303 -14.72 -37.84 -1.20
N PRO A 304 -14.41 -38.58 -2.30
CA PRO A 304 -14.33 -40.04 -2.16
C PRO A 304 -13.16 -40.53 -1.32
N ILE A 305 -12.00 -39.87 -1.42
CA ILE A 305 -10.84 -40.33 -0.66
C ILE A 305 -11.05 -40.10 0.84
N HIS A 306 -11.70 -39.00 1.22
CA HIS A 306 -11.98 -38.76 2.63
C HIS A 306 -13.02 -39.72 3.18
N ILE A 307 -14.12 -39.95 2.43
CA ILE A 307 -15.13 -40.90 2.88
C ILE A 307 -14.56 -42.32 2.92
N TYR A 308 -13.68 -42.65 1.97
CA TYR A 308 -13.10 -43.99 1.93
C TYR A 308 -12.09 -44.22 3.05
N VAL A 309 -11.33 -43.18 3.42
CA VAL A 309 -10.44 -43.28 4.59
C VAL A 309 -11.25 -43.42 5.88
N ILE A 310 -12.38 -42.70 5.98
CA ILE A 310 -13.23 -42.82 7.16
C ILE A 310 -13.85 -44.23 7.24
N ILE A 311 -14.29 -44.78 6.10
CA ILE A 311 -14.87 -46.12 6.09
C ILE A 311 -13.81 -47.18 6.40
N LYS A 312 -12.58 -47.00 5.88
CA LYS A 312 -11.50 -47.93 6.17
C LYS A 312 -11.10 -47.88 7.65
N ALA A 313 -11.11 -46.68 8.24
CA ALA A 313 -10.79 -46.53 9.66
C ALA A 313 -11.86 -47.16 10.54
N LEU A 314 -13.13 -46.92 10.23
CA LEU A 314 -14.23 -47.43 11.05
C LEU A 314 -14.36 -48.94 10.92
N VAL A 315 -14.51 -49.44 9.70
CA VAL A 315 -14.83 -50.85 9.46
C VAL A 315 -13.64 -51.50 8.78
N THR A 316 -13.15 -52.59 9.39
CA THR A 316 -12.07 -53.37 8.79
C THR A 316 -12.60 -54.10 7.55
N ILE A 317 -11.91 -53.94 6.43
CA ILE A 317 -12.33 -54.51 5.16
C ILE A 317 -11.27 -55.49 4.68
N PRO A 318 -11.66 -56.62 4.08
CA PRO A 318 -10.67 -57.57 3.58
C PRO A 318 -9.92 -57.02 2.37
N GLU A 319 -8.62 -57.31 2.32
CA GLU A 319 -7.77 -56.86 1.24
C GLU A 319 -8.15 -57.56 -0.06
N THR A 320 -8.48 -56.78 -1.08
CA THR A 320 -8.93 -57.29 -2.37
C THR A 320 -8.22 -56.48 -3.44
N THR A 321 -8.13 -57.05 -4.65
CA THR A 321 -7.52 -56.32 -5.77
C THR A 321 -8.35 -55.09 -6.13
N PHE A 322 -9.68 -55.25 -6.18
CA PHE A 322 -10.57 -54.11 -6.44
C PHE A 322 -10.52 -53.09 -5.31
N GLN A 323 -10.33 -53.56 -4.07
CA GLN A 323 -10.17 -52.66 -2.93
C GLN A 323 -8.91 -51.79 -3.09
N THR A 324 -7.82 -52.41 -3.55
CA THR A 324 -6.57 -51.69 -3.78
C THR A 324 -6.70 -50.71 -4.96
N VAL A 325 -7.40 -51.12 -6.02
CA VAL A 325 -7.62 -50.27 -7.18
C VAL A 325 -8.48 -49.06 -6.81
N SER A 326 -9.52 -49.26 -5.99
CA SER A 326 -10.34 -48.14 -5.51
C SER A 326 -9.55 -47.22 -4.60
N TRP A 327 -8.67 -47.78 -3.76
CA TRP A 327 -7.82 -46.99 -2.88
C TRP A 327 -6.88 -46.09 -3.67
N HIS A 328 -6.20 -46.66 -4.67
CA HIS A 328 -5.28 -45.84 -5.44
C HIS A 328 -5.99 -44.92 -6.43
N PHE A 329 -7.22 -45.24 -6.85
CA PHE A 329 -7.98 -44.28 -7.65
C PHE A 329 -8.44 -43.09 -6.81
N CYS A 330 -8.82 -43.32 -5.55
CA CYS A 330 -9.21 -42.20 -4.69
C CYS A 330 -8.01 -41.33 -4.34
N ILE A 331 -6.84 -41.93 -4.09
CA ILE A 331 -5.64 -41.14 -3.87
C ILE A 331 -5.22 -40.40 -5.15
N ALA A 332 -5.43 -41.04 -6.31
CA ALA A 332 -5.12 -40.42 -7.59
C ALA A 332 -6.02 -39.21 -7.85
N LEU A 333 -7.30 -39.29 -7.49
CA LEU A 333 -8.18 -38.12 -7.61
C LEU A 333 -7.79 -37.03 -6.64
N GLY A 334 -7.38 -37.41 -5.42
CA GLY A 334 -6.94 -36.44 -4.43
C GLY A 334 -5.72 -35.64 -4.87
N TYR A 335 -4.77 -36.30 -5.52
CA TYR A 335 -3.66 -35.55 -6.13
C TYR A 335 -4.02 -34.91 -7.46
N THR A 336 -5.01 -35.46 -8.18
CA THR A 336 -5.44 -34.91 -9.45
C THR A 336 -6.06 -33.52 -9.28
N ASN A 337 -6.71 -33.26 -8.14
CA ASN A 337 -7.21 -31.91 -7.88
C ASN A 337 -6.05 -30.91 -7.77
N SER A 338 -4.98 -31.28 -7.05
CA SER A 338 -3.80 -30.42 -6.98
C SER A 338 -3.13 -30.26 -8.34
N CYS A 339 -3.24 -31.30 -9.19
CA CYS A 339 -2.69 -31.19 -10.55
C CYS A 339 -3.52 -30.24 -11.42
N LEU A 340 -4.84 -30.27 -11.29
CA LEU A 340 -5.73 -29.48 -12.14
C LEU A 340 -6.07 -28.11 -11.57
N ASN A 341 -5.62 -27.79 -10.35
CA ASN A 341 -5.76 -26.41 -9.86
C ASN A 341 -5.06 -25.35 -10.73
N PRO A 342 -3.88 -25.58 -11.35
CA PRO A 342 -3.44 -24.61 -12.37
C PRO A 342 -4.38 -24.46 -13.55
N VAL A 343 -4.94 -25.56 -14.05
CA VAL A 343 -5.82 -25.51 -15.22
C VAL A 343 -7.09 -24.72 -14.92
N LEU A 344 -7.68 -24.95 -13.74
CA LEU A 344 -8.88 -24.21 -13.36
C LEU A 344 -8.57 -22.76 -13.02
N TYR A 345 -7.53 -22.53 -12.22
CA TYR A 345 -7.33 -21.19 -11.64
C TYR A 345 -6.49 -20.26 -12.51
N ALA A 346 -5.34 -20.71 -13.01
CA ALA A 346 -4.42 -19.81 -13.70
C ALA A 346 -4.62 -19.83 -15.21
N PHE A 347 -4.82 -21.00 -15.81
CA PHE A 347 -4.96 -21.09 -17.25
C PHE A 347 -6.27 -20.48 -17.73
N LEU A 348 -7.34 -20.64 -16.96
CA LEU A 348 -8.63 -20.04 -17.26
C LEU A 348 -8.75 -18.61 -16.74
N ASP A 349 -7.73 -18.09 -16.07
CA ASP A 349 -7.72 -16.69 -15.67
C ASP A 349 -7.55 -15.79 -16.89
N GLU A 350 -8.42 -14.80 -17.02
CA GLU A 350 -8.43 -13.94 -18.21
C GLU A 350 -7.18 -13.07 -18.31
N ASN A 351 -6.61 -12.65 -17.19
CA ASN A 351 -5.38 -11.88 -17.22
C ASN A 351 -4.22 -12.72 -17.75
N PHE A 352 -4.13 -13.98 -17.30
CA PHE A 352 -3.14 -14.89 -17.88
C PHE A 352 -3.46 -15.24 -19.33
N LYS A 353 -4.75 -15.29 -19.70
CA LYS A 353 -5.13 -15.48 -21.10
C LYS A 353 -4.60 -14.34 -21.96
N ARG A 354 -4.71 -13.10 -21.47
CA ARG A 354 -4.12 -11.95 -22.17
C ARG A 354 -2.60 -12.04 -22.21
N CYS A 355 -1.99 -12.55 -21.13
CA CYS A 355 -0.53 -12.71 -21.09
C CYS A 355 -0.04 -13.73 -22.12
N PHE A 356 -0.77 -14.85 -22.27
CA PHE A 356 -0.43 -15.82 -23.32
C PHE A 356 -0.73 -15.27 -24.70
N ARG A 357 -1.80 -14.48 -24.84
CA ARG A 357 -2.19 -13.96 -26.15
C ARG A 357 -1.20 -12.91 -26.65
N GLU A 358 -0.64 -12.11 -25.74
CA GLU A 358 0.35 -11.11 -26.16
C GLU A 358 1.67 -11.78 -26.54
N PHE A 359 2.06 -12.82 -25.81
CA PHE A 359 3.32 -13.51 -26.09
C PHE A 359 3.07 -14.86 -26.75
N TYR B 1 -1.58 -37.16 1.49
CA TYR B 1 -2.53 -37.84 2.37
C TYR B 1 -3.49 -38.72 1.58
N PRO B 2 -3.60 -40.00 1.96
CA PRO B 2 -2.86 -40.63 3.06
C PRO B 2 -1.52 -41.18 2.59
N TRP B 3 -0.77 -41.76 3.51
CA TRP B 3 0.54 -42.29 3.18
C TRP B 3 0.46 -43.78 2.80
N PHE B 4 1.27 -44.19 1.83
CA PHE B 4 1.38 -45.63 1.50
C PHE B 4 2.83 -45.96 1.10
N NH2 B 5 3.08 -47.18 0.70
N LEU C 5 29.66 4.17 4.19
CA LEU C 5 28.97 5.46 4.14
C LEU C 5 29.30 6.30 5.37
N SER C 6 29.31 7.62 5.18
CA SER C 6 29.55 8.55 6.27
C SER C 6 28.29 8.69 7.14
N ALA C 7 28.39 9.53 8.17
CA ALA C 7 27.26 9.73 9.08
C ALA C 7 26.13 10.51 8.40
N GLU C 8 26.47 11.51 7.59
CA GLU C 8 25.42 12.27 6.91
C GLU C 8 24.78 11.46 5.80
N ASP C 9 25.53 10.55 5.16
CA ASP C 9 24.93 9.66 4.17
C ASP C 9 23.95 8.69 4.83
N LYS C 10 24.29 8.20 6.03
CA LYS C 10 23.40 7.33 6.78
C LYS C 10 22.14 8.08 7.21
N ALA C 11 22.29 9.33 7.68
CA ALA C 11 21.13 10.11 8.07
C ALA C 11 20.27 10.50 6.88
N ALA C 12 20.89 10.70 5.70
CA ALA C 12 20.13 10.99 4.49
C ALA C 12 19.35 9.76 4.02
N VAL C 13 19.95 8.57 4.16
CA VAL C 13 19.24 7.34 3.85
C VAL C 13 18.08 7.12 4.83
N GLU C 14 18.30 7.47 6.10
CA GLU C 14 17.22 7.40 7.10
C GLU C 14 16.07 8.36 6.77
N ARG C 15 16.41 9.59 6.37
CA ARG C 15 15.41 10.55 5.94
C ARG C 15 14.66 10.06 4.70
N SER C 16 15.39 9.43 3.76
CA SER C 16 14.76 8.89 2.56
C SER C 16 13.83 7.72 2.88
N LYS C 17 14.17 6.90 3.87
CA LYS C 17 13.27 5.83 4.29
C LYS C 17 12.04 6.37 5.01
N MET C 18 12.19 7.46 5.76
CA MET C 18 11.03 8.08 6.40
C MET C 18 10.11 8.72 5.36
N ILE C 19 10.70 9.31 4.31
CA ILE C 19 9.90 9.85 3.21
C ILE C 19 9.23 8.72 2.44
N ASP C 20 9.91 7.57 2.29
CA ASP C 20 9.30 6.41 1.65
C ASP C 20 8.11 5.88 2.46
N ARG C 21 8.22 5.90 3.79
CA ARG C 21 7.10 5.49 4.64
C ARG C 21 5.93 6.47 4.53
N ASN C 22 6.23 7.77 4.47
CA ASN C 22 5.16 8.77 4.33
C ASN C 22 4.48 8.67 2.96
N LEU C 23 5.26 8.40 1.90
CA LEU C 23 4.69 8.24 0.57
C LEU C 23 3.88 6.97 0.46
N ARG C 24 4.32 5.89 1.11
CA ARG C 24 3.55 4.65 1.14
C ARG C 24 2.23 4.84 1.88
N GLU C 25 2.25 5.56 2.99
CA GLU C 25 1.02 5.82 3.74
C GLU C 25 0.06 6.70 2.95
N ASP C 26 0.59 7.74 2.28
CA ASP C 26 -0.26 8.60 1.47
C ASP C 26 -0.81 7.89 0.24
N GLY C 27 -0.03 6.97 -0.34
CA GLY C 27 -0.54 6.19 -1.46
C GLY C 27 -1.59 5.18 -1.04
N GLU C 28 -1.43 4.58 0.14
CA GLU C 28 -2.46 3.69 0.67
C GLU C 28 -3.73 4.46 1.02
N LYS C 29 -3.60 5.71 1.46
CA LYS C 29 -4.80 6.52 1.68
C LYS C 29 -5.45 6.94 0.36
N ALA C 30 -4.64 7.26 -0.66
CA ALA C 30 -5.18 7.75 -1.92
C ALA C 30 -5.78 6.63 -2.79
N ALA C 31 -5.29 5.39 -2.63
CA ALA C 31 -5.80 4.29 -3.45
C ALA C 31 -7.23 3.91 -3.08
N ARG C 32 -7.62 4.13 -1.82
CA ARG C 32 -8.96 3.78 -1.38
C ARG C 32 -10.00 4.76 -1.91
N GLU C 33 -9.59 6.01 -2.14
CA GLU C 33 -10.52 7.08 -2.45
C GLU C 33 -10.98 7.00 -3.91
N VAL C 34 -12.27 7.25 -4.13
CA VAL C 34 -12.89 7.11 -5.44
C VAL C 34 -12.88 8.47 -6.15
N LYS C 35 -12.35 8.50 -7.37
CA LYS C 35 -12.31 9.70 -8.19
C LYS C 35 -13.45 9.68 -9.20
N LEU C 36 -14.18 10.79 -9.27
CA LEU C 36 -15.30 10.94 -10.20
C LEU C 36 -15.10 12.20 -11.02
N LEU C 37 -15.35 12.09 -12.33
CA LEU C 37 -15.22 13.22 -13.24
C LEU C 37 -16.59 13.83 -13.52
N LEU C 38 -16.69 15.15 -13.37
CA LEU C 38 -17.93 15.88 -13.59
C LEU C 38 -17.89 16.54 -14.97
N LEU C 39 -18.89 16.27 -15.80
CA LEU C 39 -18.94 16.78 -17.16
C LEU C 39 -20.33 17.29 -17.47
N GLY C 40 -20.41 18.09 -18.53
CA GLY C 40 -21.67 18.67 -18.98
C GLY C 40 -21.51 20.12 -19.39
N ALA C 41 -22.61 20.77 -19.75
CA ALA C 41 -22.57 22.18 -20.08
C ALA C 41 -22.60 23.02 -18.79
N GLY C 42 -22.43 24.33 -18.96
CA GLY C 42 -22.40 25.22 -17.82
C GLY C 42 -23.77 25.43 -17.19
N GLU C 43 -24.81 25.52 -18.02
CA GLU C 43 -26.17 25.72 -17.54
C GLU C 43 -26.90 24.39 -17.29
N SER C 44 -26.18 23.28 -17.28
CA SER C 44 -26.80 21.98 -17.05
C SER C 44 -27.26 21.82 -15.60
N GLY C 45 -26.61 22.49 -14.66
CA GLY C 45 -26.96 22.35 -13.26
C GLY C 45 -25.91 21.61 -12.47
N LYS C 46 -24.63 21.86 -12.78
CA LYS C 46 -23.54 21.25 -12.03
C LYS C 46 -23.50 21.75 -10.59
N SER C 47 -23.66 23.06 -10.40
CA SER C 47 -23.65 23.66 -9.07
C SER C 47 -24.77 23.11 -8.19
N THR C 48 -25.96 22.95 -8.78
CA THR C 48 -27.12 22.46 -8.05
C THR C 48 -26.92 21.02 -7.58
N ILE C 49 -26.44 20.15 -8.48
CA ILE C 49 -26.26 18.75 -8.11
C ILE C 49 -25.09 18.58 -7.14
N VAL C 50 -24.05 19.43 -7.25
CA VAL C 50 -22.93 19.37 -6.31
C VAL C 50 -23.37 19.81 -4.92
N LYS C 51 -24.12 20.93 -4.82
CA LYS C 51 -24.58 21.38 -3.52
C LYS C 51 -25.62 20.43 -2.92
N GLN C 52 -26.40 19.73 -3.76
CA GLN C 52 -27.28 18.69 -3.26
C GLN C 52 -26.48 17.52 -2.67
N MET C 53 -25.41 17.11 -3.35
CA MET C 53 -24.60 16.00 -2.85
C MET C 53 -23.83 16.38 -1.59
N LYS C 54 -23.42 17.65 -1.46
CA LYS C 54 -22.71 18.11 -0.26
C LYS C 54 -23.55 17.97 1.00
N ILE C 55 -24.84 18.26 0.90
CA ILE C 55 -25.73 18.18 2.05
C ILE C 55 -26.29 16.76 2.18
N THR C 182 -10.11 29.83 -11.76
CA THR C 182 -11.01 29.07 -12.60
C THR C 182 -10.36 27.77 -13.06
N GLY C 183 -9.89 26.98 -12.10
CA GLY C 183 -9.19 25.74 -12.43
C GLY C 183 -10.07 24.51 -12.34
N ILE C 184 -9.83 23.67 -11.34
CA ILE C 184 -10.58 22.45 -11.12
C ILE C 184 -11.15 22.49 -9.71
N VAL C 185 -12.47 22.50 -9.61
CA VAL C 185 -13.14 22.50 -8.31
C VAL C 185 -13.21 21.05 -7.82
N GLU C 186 -12.63 20.80 -6.66
CA GLU C 186 -12.54 19.46 -6.10
C GLU C 186 -13.45 19.35 -4.88
N THR C 187 -14.34 18.36 -4.90
CA THR C 187 -15.33 18.17 -3.85
C THR C 187 -15.08 16.85 -3.15
N HIS C 188 -14.98 16.90 -1.82
CA HIS C 188 -14.78 15.71 -0.99
C HIS C 188 -16.04 15.46 -0.17
N PHE C 189 -16.63 14.29 -0.34
CA PHE C 189 -17.77 13.89 0.49
C PHE C 189 -17.70 12.39 0.72
N THR C 190 -18.21 11.97 1.87
CA THR C 190 -18.12 10.58 2.32
C THR C 190 -19.52 10.02 2.48
N PHE C 191 -19.80 8.91 1.81
CA PHE C 191 -21.08 8.23 1.94
C PHE C 191 -20.83 6.74 2.12
N LYS C 192 -21.31 6.19 3.23
CA LYS C 192 -21.20 4.78 3.61
C LYS C 192 -19.75 4.29 3.60
N ASP C 193 -18.90 5.05 4.32
CA ASP C 193 -17.47 4.76 4.55
C ASP C 193 -16.71 4.66 3.22
N LEU C 194 -17.09 5.49 2.26
CA LEU C 194 -16.45 5.51 0.95
C LEU C 194 -16.16 6.96 0.56
N HIS C 195 -14.89 7.26 0.31
CA HIS C 195 -14.45 8.62 0.02
C HIS C 195 -14.61 8.91 -1.46
N PHE C 196 -15.17 10.07 -1.78
CA PHE C 196 -15.44 10.47 -3.15
C PHE C 196 -14.63 11.72 -3.50
N LYS C 197 -14.03 11.71 -4.69
CA LYS C 197 -13.40 12.87 -5.28
C LYS C 197 -14.17 13.26 -6.53
N MET C 198 -14.72 14.46 -6.55
CA MET C 198 -15.41 14.98 -7.72
C MET C 198 -14.64 16.17 -8.27
N PHE C 199 -14.31 16.11 -9.55
CA PHE C 199 -13.51 17.14 -10.21
C PHE C 199 -14.38 17.88 -11.22
N ASP C 200 -14.65 19.15 -10.94
CA ASP C 200 -15.47 19.98 -11.81
C ASP C 200 -14.55 20.68 -12.81
N VAL C 201 -14.71 20.37 -14.10
CA VAL C 201 -13.84 20.86 -15.15
C VAL C 201 -14.52 21.94 -15.99
N GLY C 202 -15.66 22.46 -15.53
CA GLY C 202 -16.44 23.41 -16.32
C GLY C 202 -15.81 24.78 -16.45
N ALA C 203 -14.90 25.14 -15.54
CA ALA C 203 -14.29 26.47 -15.57
C ALA C 203 -13.33 26.64 -16.74
N GLN C 204 -12.56 25.61 -17.05
CA GLN C 204 -11.58 25.66 -18.13
C GLN C 204 -12.25 25.83 -19.49
N ARG C 205 -11.69 26.72 -20.30
CA ARG C 205 -12.17 27.03 -21.64
C ARG C 205 -11.21 26.53 -22.71
N SER C 206 -10.18 25.78 -22.31
CA SER C 206 -9.17 25.30 -23.24
C SER C 206 -9.69 24.10 -24.04
N GLU C 207 -8.88 23.67 -25.01
CA GLU C 207 -9.20 22.50 -25.80
C GLU C 207 -9.10 21.26 -24.93
N ARG C 208 -10.20 20.49 -24.87
CA ARG C 208 -10.29 19.39 -23.93
C ARG C 208 -9.45 18.19 -24.36
N LYS C 209 -9.20 18.04 -25.67
CA LYS C 209 -8.56 16.86 -26.21
C LYS C 209 -7.12 16.69 -25.71
N LYS C 210 -6.45 17.79 -25.37
CA LYS C 210 -5.06 17.72 -24.93
C LYS C 210 -4.90 17.42 -23.45
N TRP C 211 -5.89 17.70 -22.61
CA TRP C 211 -5.80 17.36 -21.20
C TRP C 211 -6.75 16.25 -20.79
N ILE C 212 -7.48 15.64 -21.73
CA ILE C 212 -8.39 14.56 -21.37
C ILE C 212 -7.63 13.26 -21.08
N HIS C 213 -6.38 13.14 -21.54
CA HIS C 213 -5.62 11.93 -21.33
C HIS C 213 -5.12 11.78 -19.89
N CYS C 214 -5.17 12.86 -19.11
CA CYS C 214 -4.80 12.79 -17.70
C CYS C 214 -5.80 11.97 -16.88
N PHE C 215 -7.08 12.01 -17.27
CA PHE C 215 -8.16 11.39 -16.51
C PHE C 215 -8.40 9.93 -16.91
N GLU C 216 -7.36 9.21 -17.33
CA GLU C 216 -7.51 7.82 -17.74
C GLU C 216 -7.91 6.93 -16.58
N GLY C 217 -7.21 7.05 -15.45
CA GLY C 217 -7.50 6.22 -14.29
C GLY C 217 -8.56 6.81 -13.39
N VAL C 218 -9.79 6.88 -13.87
CA VAL C 218 -10.90 7.42 -13.10
C VAL C 218 -11.94 6.31 -12.94
N THR C 219 -12.69 6.36 -11.84
CA THR C 219 -13.65 5.31 -11.55
C THR C 219 -14.86 5.39 -12.47
N ALA C 220 -15.49 6.57 -12.55
CA ALA C 220 -16.68 6.74 -13.38
C ALA C 220 -16.76 8.17 -13.85
N ILE C 221 -17.61 8.39 -14.86
CA ILE C 221 -17.86 9.71 -15.43
C ILE C 221 -19.26 10.14 -15.01
N ILE C 222 -19.35 11.27 -14.31
CA ILE C 222 -20.64 11.87 -14.00
C ILE C 222 -20.92 12.91 -15.07
N PHE C 223 -21.91 12.63 -15.93
CA PHE C 223 -22.26 13.50 -17.06
C PHE C 223 -23.64 14.07 -16.79
N CYS C 224 -23.71 15.38 -16.55
CA CYS C 224 -24.93 16.05 -16.17
C CYS C 224 -25.40 16.96 -17.30
N VAL C 225 -26.64 16.77 -17.73
CA VAL C 225 -27.31 17.64 -18.68
C VAL C 225 -28.72 17.93 -18.18
N ALA C 226 -29.33 18.96 -18.75
CA ALA C 226 -30.68 19.38 -18.40
C ALA C 226 -31.66 18.96 -19.48
N LEU C 227 -32.82 18.45 -19.04
CA LEU C 227 -33.83 18.00 -19.99
C LEU C 227 -34.52 19.15 -20.70
N SER C 228 -34.55 20.33 -20.10
CA SER C 228 -35.23 21.49 -20.66
C SER C 228 -34.40 22.23 -21.71
N ASP C 229 -33.27 21.66 -22.14
CA ASP C 229 -32.37 22.33 -23.07
C ASP C 229 -32.85 22.29 -24.53
N TYR C 230 -33.90 21.52 -24.84
CA TYR C 230 -34.28 21.33 -26.23
C TYR C 230 -34.95 22.56 -26.82
N ASP C 231 -35.76 23.26 -26.01
CA ASP C 231 -36.39 24.49 -26.49
C ASP C 231 -35.43 25.68 -26.41
N LEU C 232 -34.55 25.68 -25.41
CA LEU C 232 -33.59 26.78 -25.24
C LEU C 232 -32.50 26.67 -26.29
N VAL C 233 -32.44 27.67 -27.17
CA VAL C 233 -31.41 27.71 -28.21
C VAL C 233 -30.09 28.13 -27.57
N LEU C 234 -28.98 27.62 -28.09
CA LEU C 234 -27.66 27.97 -27.59
C LEU C 234 -27.36 29.45 -27.84
N ALA C 235 -26.75 30.09 -26.85
CA ALA C 235 -26.46 31.53 -26.89
C ALA C 235 -25.06 31.83 -27.41
N GLU C 236 -24.50 30.94 -28.24
CA GLU C 236 -23.21 31.16 -28.87
C GLU C 236 -23.36 31.65 -30.30
N ASP C 237 -24.15 30.96 -31.12
CA ASP C 237 -24.42 31.38 -32.48
C ASP C 237 -25.90 31.50 -32.80
N GLU C 238 -26.79 31.07 -31.88
CA GLU C 238 -28.25 31.05 -32.06
C GLU C 238 -28.66 30.30 -33.33
N GLU C 239 -28.03 29.15 -33.56
CA GLU C 239 -28.29 28.35 -34.74
C GLU C 239 -28.39 26.86 -34.44
N MET C 240 -28.22 26.43 -33.20
CA MET C 240 -28.19 25.02 -32.85
C MET C 240 -28.83 24.82 -31.48
N ASN C 241 -29.64 23.75 -31.37
CA ASN C 241 -30.26 23.41 -30.10
C ASN C 241 -29.22 22.89 -29.12
N ARG C 242 -29.43 23.23 -27.84
CA ARG C 242 -28.51 22.82 -26.78
C ARG C 242 -28.51 21.30 -26.58
N MET C 243 -29.67 20.65 -26.79
CA MET C 243 -29.76 19.20 -26.64
C MET C 243 -28.87 18.46 -27.62
N HIS C 244 -28.78 18.96 -28.86
CA HIS C 244 -27.90 18.30 -29.84
C HIS C 244 -26.44 18.59 -29.56
N GLU C 245 -26.13 19.74 -28.96
CA GLU C 245 -24.77 20.01 -28.50
C GLU C 245 -24.39 19.09 -27.35
N SER C 246 -25.33 18.80 -26.45
CA SER C 246 -25.09 17.84 -25.38
C SER C 246 -24.96 16.42 -25.92
N MET C 247 -25.69 16.10 -26.99
CA MET C 247 -25.52 14.80 -27.65
C MET C 247 -24.13 14.67 -28.27
N LYS C 248 -23.65 15.74 -28.92
CA LYS C 248 -22.29 15.71 -29.44
C LYS C 248 -21.24 15.68 -28.33
N LEU C 249 -21.53 16.32 -27.20
CA LEU C 249 -20.63 16.27 -26.04
C LEU C 249 -20.53 14.85 -25.48
N PHE C 250 -21.68 14.17 -25.37
CA PHE C 250 -21.70 12.78 -24.92
C PHE C 250 -21.08 11.85 -25.95
N ASP C 251 -21.20 12.19 -27.23
CA ASP C 251 -20.59 11.37 -28.29
C ASP C 251 -19.06 11.51 -28.26
N SER C 252 -18.57 12.71 -27.94
CA SER C 252 -17.13 12.92 -27.84
C SER C 252 -16.56 12.27 -26.59
N ILE C 253 -17.32 12.30 -25.47
CA ILE C 253 -16.82 11.69 -24.25
C ILE C 253 -16.90 10.17 -24.30
N CYS C 254 -18.03 9.62 -24.81
CA CYS C 254 -18.25 8.18 -24.76
C CYS C 254 -17.35 7.44 -25.74
N ASN C 255 -17.13 7.99 -26.93
CA ASN C 255 -16.29 7.35 -27.94
C ASN C 255 -14.82 7.73 -27.81
N ASN C 256 -14.41 8.30 -26.68
CA ASN C 256 -13.01 8.65 -26.48
C ASN C 256 -12.17 7.40 -26.31
N LYS C 257 -10.94 7.45 -26.82
CA LYS C 257 -10.04 6.30 -26.72
C LYS C 257 -9.53 6.09 -25.30
N TRP C 258 -9.53 7.13 -24.47
CA TRP C 258 -9.07 7.00 -23.09
C TRP C 258 -10.14 6.47 -22.15
N PHE C 259 -11.40 6.51 -22.56
CA PHE C 259 -12.52 6.02 -21.76
C PHE C 259 -13.15 4.86 -22.53
N THR C 260 -12.63 3.65 -22.31
CA THR C 260 -13.15 2.44 -22.92
C THR C 260 -13.91 1.56 -21.95
N ASP C 261 -13.40 1.40 -20.72
CA ASP C 261 -14.07 0.63 -19.69
C ASP C 261 -14.61 1.51 -18.56
N THR C 262 -14.59 2.83 -18.73
CA THR C 262 -15.10 3.76 -17.73
C THR C 262 -16.58 3.99 -17.99
N SER C 263 -17.41 3.67 -17.00
CA SER C 263 -18.84 3.87 -17.13
C SER C 263 -19.18 5.35 -17.01
N ILE C 264 -20.32 5.73 -17.58
CA ILE C 264 -20.80 7.10 -17.54
C ILE C 264 -22.07 7.14 -16.70
N ILE C 265 -22.06 7.96 -15.65
CA ILE C 265 -23.24 8.15 -14.81
C ILE C 265 -23.98 9.36 -15.32
N LEU C 266 -25.11 9.12 -15.99
CA LEU C 266 -25.87 10.18 -16.63
C LEU C 266 -26.92 10.74 -15.67
N PHE C 267 -26.96 12.06 -15.57
CA PHE C 267 -27.98 12.76 -14.81
C PHE C 267 -28.80 13.63 -15.75
N LEU C 268 -30.13 13.53 -15.63
CA LEU C 268 -31.06 14.32 -16.40
C LEU C 268 -31.71 15.32 -15.45
N ASN C 269 -31.42 16.60 -15.63
CA ASN C 269 -31.80 17.65 -14.70
C ASN C 269 -33.06 18.38 -15.17
N LYS C 270 -33.65 19.13 -14.23
CA LYS C 270 -34.79 20.04 -14.47
C LYS C 270 -36.01 19.29 -15.00
N LYS C 271 -36.37 18.19 -14.31
CA LYS C 271 -37.45 17.34 -14.79
C LYS C 271 -38.84 17.97 -14.60
N ASP C 272 -39.02 18.80 -13.58
CA ASP C 272 -40.29 19.51 -13.42
C ASP C 272 -40.45 20.61 -14.46
N LEU C 273 -39.37 21.35 -14.71
CA LEU C 273 -39.37 22.31 -15.82
C LEU C 273 -39.50 21.60 -17.16
N PHE C 274 -38.95 20.39 -17.28
CA PHE C 274 -39.18 19.57 -18.48
C PHE C 274 -40.63 19.18 -18.61
N GLU C 275 -41.30 18.88 -17.49
CA GLU C 275 -42.72 18.53 -17.52
C GLU C 275 -43.57 19.71 -17.98
N GLU C 276 -43.34 20.89 -17.40
CA GLU C 276 -44.08 22.08 -17.80
C GLU C 276 -43.78 22.47 -19.25
N LYS C 277 -42.51 22.37 -19.66
CA LYS C 277 -42.12 22.69 -21.02
C LYS C 277 -42.68 21.69 -22.03
N ILE C 278 -42.71 20.40 -21.68
CA ILE C 278 -43.28 19.42 -22.60
C ILE C 278 -44.80 19.56 -22.67
N LYS C 279 -45.45 20.03 -21.59
CA LYS C 279 -46.87 20.32 -21.66
C LYS C 279 -47.15 21.51 -22.57
N LYS C 280 -46.36 22.57 -22.45
CA LYS C 280 -46.58 23.77 -23.26
C LYS C 280 -46.20 23.54 -24.72
N SER C 281 -45.00 22.99 -24.97
CA SER C 281 -44.45 22.83 -26.31
C SER C 281 -44.07 21.37 -26.57
N PRO C 282 -44.42 20.82 -27.73
CA PRO C 282 -44.07 19.42 -28.02
C PRO C 282 -42.59 19.21 -28.28
N LEU C 283 -42.14 17.97 -28.04
CA LEU C 283 -40.76 17.58 -28.32
C LEU C 283 -40.46 17.48 -29.81
N THR C 284 -41.50 17.35 -30.65
CA THR C 284 -41.34 17.11 -32.08
C THR C 284 -40.62 18.25 -32.80
N ILE C 285 -40.72 19.48 -32.29
CA ILE C 285 -40.13 20.64 -32.97
C ILE C 285 -38.60 20.59 -32.94
N CYS C 286 -38.00 20.12 -31.84
CA CYS C 286 -36.53 20.10 -31.76
C CYS C 286 -35.94 19.01 -32.64
N TYR C 287 -36.57 17.84 -32.68
CA TYR C 287 -36.07 16.70 -33.43
C TYR C 287 -37.22 16.19 -34.32
N PRO C 288 -37.07 16.38 -35.63
CA PRO C 288 -38.16 16.13 -36.58
C PRO C 288 -38.48 14.65 -36.72
N GLU C 289 -37.47 13.79 -36.67
CA GLU C 289 -37.65 12.36 -36.94
C GLU C 289 -38.53 11.68 -35.90
N TYR C 290 -38.45 12.11 -34.64
CA TYR C 290 -39.29 11.54 -33.58
C TYR C 290 -40.77 11.84 -33.82
N ALA C 291 -41.58 10.78 -33.79
CA ALA C 291 -43.02 10.88 -34.05
C ALA C 291 -43.87 10.40 -32.88
N GLY C 292 -43.25 10.18 -31.71
CA GLY C 292 -44.01 9.71 -30.56
C GLY C 292 -44.96 10.75 -30.01
N SER C 293 -45.99 10.27 -29.33
CA SER C 293 -47.03 11.13 -28.78
C SER C 293 -46.51 11.97 -27.62
N ASN C 294 -47.16 13.12 -27.42
CA ASN C 294 -46.77 14.04 -26.36
C ASN C 294 -47.13 13.48 -24.99
N THR C 295 -46.17 12.78 -24.38
CA THR C 295 -46.33 12.21 -23.04
C THR C 295 -45.03 12.43 -22.29
N TYR C 296 -45.13 12.77 -21.00
CA TYR C 296 -43.95 13.06 -20.19
C TYR C 296 -43.06 11.83 -20.02
N GLU C 297 -43.65 10.69 -19.66
CA GLU C 297 -42.89 9.47 -19.45
C GLU C 297 -42.30 8.95 -20.76
N GLU C 298 -43.09 9.02 -21.85
CA GLU C 298 -42.63 8.56 -23.15
C GLU C 298 -41.48 9.41 -23.68
N ALA C 299 -41.59 10.74 -23.54
CA ALA C 299 -40.51 11.63 -24.00
C ALA C 299 -39.26 11.47 -23.16
N ALA C 300 -39.43 11.27 -21.83
CA ALA C 300 -38.29 11.04 -20.96
C ALA C 300 -37.58 9.73 -21.29
N ALA C 301 -38.35 8.67 -21.52
CA ALA C 301 -37.76 7.38 -21.92
C ALA C 301 -37.12 7.46 -23.30
N TYR C 302 -37.68 8.26 -24.21
CA TYR C 302 -37.07 8.39 -25.53
C TYR C 302 -35.77 9.17 -25.47
N ILE C 303 -35.71 10.23 -24.66
CA ILE C 303 -34.47 10.99 -24.52
C ILE C 303 -33.40 10.15 -23.81
N GLN C 304 -33.81 9.32 -22.84
CA GLN C 304 -32.89 8.38 -22.21
C GLN C 304 -32.35 7.35 -23.21
N CYS C 305 -33.22 6.79 -24.04
CA CYS C 305 -32.79 5.86 -25.09
C CYS C 305 -31.95 6.55 -26.15
N GLN C 306 -32.20 7.84 -26.39
CA GLN C 306 -31.41 8.61 -27.34
C GLN C 306 -30.00 8.83 -26.84
N PHE C 307 -29.84 9.09 -25.53
CA PHE C 307 -28.49 9.14 -24.96
C PHE C 307 -27.83 7.77 -24.94
N GLU C 308 -28.60 6.70 -24.68
CA GLU C 308 -28.03 5.36 -24.70
C GLU C 308 -27.62 4.92 -26.10
N ASP C 309 -28.29 5.43 -27.14
CA ASP C 309 -27.98 5.05 -28.52
C ASP C 309 -26.61 5.56 -28.95
N LEU C 310 -26.14 6.67 -28.36
CA LEU C 310 -24.85 7.25 -28.70
C LEU C 310 -23.67 6.35 -28.32
N ASN C 311 -23.86 5.40 -27.40
CA ASN C 311 -22.79 4.49 -27.02
C ASN C 311 -22.52 3.50 -28.15
N LYS C 312 -21.24 3.37 -28.51
CA LYS C 312 -20.82 2.44 -29.56
C LYS C 312 -20.15 1.19 -29.02
N ARG C 313 -19.82 1.16 -27.73
CA ARG C 313 -19.23 -0.01 -27.08
C ARG C 313 -20.07 -0.25 -25.81
N LYS C 314 -21.15 -1.02 -25.97
CA LYS C 314 -22.10 -1.22 -24.88
C LYS C 314 -21.74 -2.35 -23.94
N ASP C 315 -20.81 -3.23 -24.33
CA ASP C 315 -20.51 -4.38 -23.49
C ASP C 315 -19.58 -4.04 -22.34
N THR C 316 -18.64 -3.11 -22.55
CA THR C 316 -17.63 -2.80 -21.54
C THR C 316 -17.86 -1.42 -20.94
N LYS C 317 -19.01 -0.80 -21.20
CA LYS C 317 -19.27 0.55 -20.74
C LYS C 317 -20.75 0.69 -20.40
N GLU C 318 -21.04 0.92 -19.11
CA GLU C 318 -22.40 1.12 -18.64
C GLU C 318 -22.79 2.59 -18.69
N ILE C 319 -24.07 2.84 -18.90
CA ILE C 319 -24.65 4.18 -18.78
C ILE C 319 -25.70 4.12 -17.68
N TYR C 320 -25.46 4.83 -16.59
CA TYR C 320 -26.35 4.85 -15.44
C TYR C 320 -27.13 6.17 -15.48
N THR C 321 -28.41 6.08 -15.79
CA THR C 321 -29.25 7.25 -16.02
C THR C 321 -30.21 7.43 -14.85
N HIS C 322 -30.23 8.64 -14.28
CA HIS C 322 -31.12 8.96 -13.17
C HIS C 322 -31.75 10.33 -13.38
N PHE C 323 -33.07 10.39 -13.26
CA PHE C 323 -33.79 11.66 -13.33
C PHE C 323 -33.64 12.37 -11.99
N THR C 324 -32.97 13.52 -12.00
CA THR C 324 -32.51 14.14 -10.75
C THR C 324 -33.69 14.73 -9.97
N CYS C 325 -33.78 14.34 -8.70
CA CYS C 325 -34.87 14.77 -7.82
C CYS C 325 -34.36 15.77 -6.80
N SER C 326 -35.31 16.38 -6.10
CA SER C 326 -34.99 17.35 -5.05
C SER C 326 -34.29 16.68 -3.87
N THR C 327 -34.67 15.44 -3.55
CA THR C 327 -34.10 14.73 -2.42
C THR C 327 -32.62 14.44 -2.62
N ASP C 328 -31.80 14.84 -1.65
CA ASP C 328 -30.36 14.66 -1.73
C ASP C 328 -29.97 13.19 -1.60
N THR C 329 -30.70 12.47 -0.73
CA THR C 329 -30.36 11.09 -0.39
C THR C 329 -30.43 10.16 -1.60
N LYS C 330 -31.45 10.32 -2.44
CA LYS C 330 -31.59 9.51 -3.64
C LYS C 330 -30.47 9.80 -4.64
N ASN C 331 -30.12 11.08 -4.80
CA ASN C 331 -29.05 11.48 -5.71
C ASN C 331 -27.69 10.91 -5.28
N VAL C 332 -27.42 10.92 -3.97
CA VAL C 332 -26.17 10.35 -3.47
C VAL C 332 -26.19 8.82 -3.58
N GLN C 333 -27.33 8.21 -3.21
CA GLN C 333 -27.52 6.76 -3.26
C GLN C 333 -27.32 6.21 -4.68
N PHE C 334 -27.78 6.93 -5.70
CA PHE C 334 -27.59 6.47 -7.08
C PHE C 334 -26.11 6.43 -7.45
N VAL C 335 -25.36 7.46 -7.05
CA VAL C 335 -23.92 7.49 -7.28
C VAL C 335 -23.23 6.37 -6.53
N PHE C 336 -23.66 6.11 -5.29
CA PHE C 336 -23.08 5.03 -4.49
C PHE C 336 -23.34 3.66 -5.13
N ASP C 337 -24.55 3.45 -5.66
CA ASP C 337 -24.87 2.20 -6.34
C ASP C 337 -24.06 2.02 -7.62
N ALA C 338 -23.94 3.09 -8.42
CA ALA C 338 -23.17 3.01 -9.66
C ALA C 338 -21.68 2.78 -9.39
N VAL C 339 -21.12 3.51 -8.43
CA VAL C 339 -19.71 3.33 -8.05
C VAL C 339 -19.48 1.94 -7.48
N THR C 340 -20.43 1.43 -6.67
CA THR C 340 -20.32 0.08 -6.12
C THR C 340 -20.32 -0.98 -7.22
N ASP C 341 -21.17 -0.80 -8.24
CA ASP C 341 -21.18 -1.71 -9.39
C ASP C 341 -19.87 -1.63 -10.17
N VAL C 342 -19.30 -0.42 -10.32
CA VAL C 342 -18.02 -0.28 -11.01
C VAL C 342 -16.90 -0.95 -10.22
N ILE C 343 -16.91 -0.82 -8.90
CA ILE C 343 -15.90 -1.49 -8.06
C ILE C 343 -16.07 -3.01 -8.12
N ILE C 344 -17.31 -3.50 -8.19
CA ILE C 344 -17.56 -4.93 -8.40
C ILE C 344 -16.98 -5.40 -9.73
N LYS C 345 -17.19 -4.61 -10.78
CA LYS C 345 -16.64 -4.93 -12.10
C LYS C 345 -15.10 -4.92 -12.08
N ASN C 346 -14.51 -3.93 -11.41
CA ASN C 346 -13.05 -3.84 -11.33
C ASN C 346 -12.46 -4.99 -10.52
N ASN C 347 -13.14 -5.39 -9.45
CA ASN C 347 -12.71 -6.55 -8.67
C ASN C 347 -12.80 -7.83 -9.49
N LEU C 348 -13.85 -7.95 -10.32
CA LEU C 348 -13.94 -9.09 -11.24
C LEU C 348 -12.82 -9.05 -12.28
N LYS C 349 -12.45 -7.85 -12.75
CA LYS C 349 -11.30 -7.72 -13.65
C LYS C 349 -10.01 -8.17 -12.99
N ASP C 350 -9.79 -7.75 -11.74
CA ASP C 350 -8.59 -8.13 -11.00
C ASP C 350 -8.54 -9.62 -10.71
N CYS C 351 -9.67 -10.20 -10.29
CA CYS C 351 -9.75 -11.65 -10.13
C CYS C 351 -9.64 -12.36 -11.47
N GLY C 352 -10.20 -11.76 -12.52
CA GLY C 352 -10.12 -12.33 -13.85
C GLY C 352 -11.27 -13.23 -14.23
N LEU C 353 -12.28 -13.38 -13.37
CA LEU C 353 -13.47 -14.15 -13.74
C LEU C 353 -14.25 -13.47 -14.85
N PHE C 354 -14.25 -12.14 -14.88
CA PHE C 354 -14.96 -11.41 -15.92
C PHE C 354 -14.14 -11.41 -17.21
N LEU D 20 -7.76 42.68 -47.83
CA LEU D 20 -7.20 42.49 -46.49
C LEU D 20 -6.78 41.03 -46.28
N ARG D 21 -7.75 40.12 -46.38
CA ARG D 21 -7.44 38.70 -46.26
C ARG D 21 -6.69 38.19 -47.49
N GLN D 22 -7.08 38.66 -48.68
CA GLN D 22 -6.36 38.33 -49.90
C GLN D 22 -4.94 38.89 -49.87
N GLU D 23 -4.78 40.09 -49.32
CA GLU D 23 -3.44 40.67 -49.14
C GLU D 23 -2.60 39.83 -48.17
N ALA D 24 -3.24 39.30 -47.12
CA ALA D 24 -2.54 38.41 -46.19
C ALA D 24 -2.11 37.12 -46.88
N GLU D 25 -2.97 36.58 -47.75
CA GLU D 25 -2.62 35.38 -48.51
C GLU D 25 -1.46 35.66 -49.47
N GLN D 26 -1.47 36.83 -50.12
CA GLN D 26 -0.37 37.22 -51.00
C GLN D 26 0.94 37.40 -50.23
N LEU D 27 0.88 37.98 -49.03
CA LEU D 27 2.07 38.12 -48.21
C LEU D 27 2.61 36.77 -47.74
N LYS D 28 1.71 35.84 -47.37
CA LYS D 28 2.12 34.48 -47.04
C LYS D 28 2.78 33.79 -48.23
N ASN D 29 2.23 33.99 -49.43
CA ASN D 29 2.82 33.45 -50.65
C ASN D 29 4.21 34.05 -50.89
N GLN D 30 4.37 35.35 -50.63
CA GLN D 30 5.66 36.01 -50.78
C GLN D 30 6.69 35.47 -49.79
N ILE D 31 6.27 35.23 -48.54
CA ILE D 31 7.17 34.65 -47.54
C ILE D 31 7.56 33.23 -47.93
N ARG D 32 6.62 32.44 -48.44
CA ARG D 32 6.92 31.08 -48.90
C ARG D 32 7.87 31.09 -50.09
N ASP D 33 7.69 32.04 -51.02
CA ASP D 33 8.60 32.20 -52.15
C ASP D 33 9.99 32.60 -51.70
N ALA D 34 10.08 33.48 -50.68
CA ALA D 34 11.37 33.87 -50.13
C ALA D 34 12.07 32.68 -49.45
N ARG D 35 11.29 31.84 -48.75
CA ARG D 35 11.84 30.63 -48.15
C ARG D 35 12.35 29.66 -49.22
N LYS D 36 11.61 29.53 -50.33
CA LYS D 36 12.06 28.68 -51.43
C LYS D 36 13.31 29.23 -52.09
N ALA D 37 13.38 30.55 -52.28
CA ALA D 37 14.54 31.18 -52.91
C ALA D 37 15.78 31.10 -52.02
N CYS D 38 15.59 31.19 -50.69
CA CYS D 38 16.72 31.13 -49.76
C CYS D 38 17.42 29.77 -49.81
N ALA D 39 16.65 28.69 -49.74
CA ALA D 39 17.21 27.34 -49.79
C ALA D 39 17.84 27.03 -51.14
N ASP D 40 19.08 26.55 -51.11
CA ASP D 40 19.80 26.12 -52.30
C ASP D 40 20.25 24.66 -52.24
N ALA D 41 20.69 24.19 -51.08
CA ALA D 41 21.18 22.83 -50.91
C ALA D 41 20.46 22.15 -49.76
N THR D 42 20.08 20.89 -49.96
CA THR D 42 19.46 20.12 -48.89
C THR D 42 20.53 19.74 -47.86
N LEU D 43 20.15 19.84 -46.58
CA LEU D 43 21.09 19.55 -45.49
C LEU D 43 21.50 18.08 -45.44
N SER D 44 20.60 17.17 -45.86
CA SER D 44 20.94 15.74 -45.87
C SER D 44 22.04 15.43 -46.88
N GLN D 45 22.14 16.20 -47.97
CA GLN D 45 23.25 16.04 -48.90
C GLN D 45 24.56 16.54 -48.32
N ILE D 46 24.51 17.56 -47.46
CA ILE D 46 25.73 18.15 -46.91
C ILE D 46 26.30 17.26 -45.81
N THR D 47 25.43 16.63 -45.02
CA THR D 47 25.83 15.77 -43.90
C THR D 47 26.29 14.38 -44.34
N ASN D 48 26.39 14.13 -45.64
CA ASN D 48 26.86 12.83 -46.13
C ASN D 48 28.33 12.59 -45.78
N ASN D 49 29.11 13.66 -45.62
CA ASN D 49 30.54 13.52 -45.39
C ASN D 49 30.84 12.94 -44.00
N ILE D 50 30.12 13.40 -42.98
CA ILE D 50 30.42 13.01 -41.61
C ILE D 50 29.96 11.57 -41.37
N ASP D 51 30.75 10.83 -40.58
CA ASP D 51 30.49 9.42 -40.37
C ASP D 51 29.30 9.20 -39.45
N PRO D 52 28.59 8.08 -39.60
CA PRO D 52 27.52 7.75 -38.66
C PRO D 52 28.08 7.32 -37.31
N VAL D 53 27.30 7.60 -36.26
CA VAL D 53 27.76 7.34 -34.89
C VAL D 53 27.81 5.85 -34.57
N GLY D 54 26.98 5.04 -35.22
CA GLY D 54 26.92 3.63 -34.88
C GLY D 54 25.93 3.36 -33.77
N ARG D 55 25.95 2.11 -33.30
CA ARG D 55 25.09 1.71 -32.20
C ARG D 55 25.54 2.36 -30.90
N ILE D 56 24.60 3.01 -30.22
CA ILE D 56 24.85 3.66 -28.93
C ILE D 56 24.01 2.93 -27.89
N GLN D 57 24.68 2.23 -26.98
CA GLN D 57 24.01 1.38 -26.00
C GLN D 57 24.06 2.07 -24.64
N MET D 58 22.89 2.24 -24.04
CA MET D 58 22.76 2.86 -22.71
C MET D 58 22.12 1.86 -21.76
N ARG D 59 22.75 1.66 -20.61
CA ARG D 59 22.24 0.77 -19.57
C ARG D 59 21.71 1.60 -18.40
N THR D 60 20.64 1.11 -17.78
CA THR D 60 20.09 1.74 -16.57
C THR D 60 21.11 1.72 -15.44
N ARG D 61 21.34 2.89 -14.84
CA ARG D 61 22.25 3.03 -13.71
C ARG D 61 21.53 3.02 -12.37
N ARG D 62 20.42 3.75 -12.27
CA ARG D 62 19.63 3.81 -11.06
C ARG D 62 18.18 3.52 -11.39
N THR D 63 17.49 2.86 -10.46
CA THR D 63 16.05 2.63 -10.57
C THR D 63 15.41 3.36 -9.39
N LEU D 64 14.66 4.41 -9.71
CA LEU D 64 14.16 5.35 -8.72
C LEU D 64 12.69 5.04 -8.45
N ARG D 65 12.32 4.99 -7.17
CA ARG D 65 10.98 4.60 -6.74
C ARG D 65 10.39 5.70 -5.86
N GLY D 66 9.25 5.38 -5.24
CA GLY D 66 8.55 6.30 -4.38
C GLY D 66 7.36 7.01 -4.99
N HIS D 67 7.07 6.79 -6.27
CA HIS D 67 5.83 7.26 -6.87
C HIS D 67 4.83 6.12 -6.95
N LEU D 68 3.61 6.37 -6.49
CA LEU D 68 2.51 5.45 -6.68
C LEU D 68 1.54 5.91 -7.77
N ALA D 69 1.86 7.00 -8.46
CA ALA D 69 0.95 7.57 -9.45
C ALA D 69 1.72 8.04 -10.67
N LYS D 70 0.95 8.44 -11.69
CA LYS D 70 1.44 8.81 -13.01
C LYS D 70 2.36 10.03 -12.98
N ILE D 71 3.59 9.84 -13.46
CA ILE D 71 4.58 10.92 -13.55
C ILE D 71 4.38 11.69 -14.85
N TYR D 72 4.40 13.02 -14.77
CA TYR D 72 4.20 13.88 -15.94
C TYR D 72 5.42 14.69 -16.37
N ALA D 73 6.34 15.02 -15.46
CA ALA D 73 7.40 15.97 -15.80
C ALA D 73 8.57 15.82 -14.84
N MET D 74 9.75 16.24 -15.32
CA MET D 74 10.96 16.27 -14.52
C MET D 74 11.90 17.34 -15.07
N HIS D 75 12.53 18.11 -14.16
CA HIS D 75 13.49 19.12 -14.54
C HIS D 75 14.82 18.85 -13.86
N TRP D 76 15.90 18.87 -14.64
CA TRP D 76 17.25 18.64 -14.12
C TRP D 76 17.77 19.82 -13.33
N GLY D 77 18.55 19.52 -12.29
CA GLY D 77 19.29 20.55 -11.59
C GLY D 77 20.53 20.98 -12.36
N THR D 78 21.01 22.18 -12.02
CA THR D 78 22.23 22.69 -12.65
C THR D 78 23.46 21.90 -12.23
N ASP D 79 23.48 21.42 -10.98
CA ASP D 79 24.58 20.60 -10.48
C ASP D 79 24.59 19.19 -11.06
N SER D 80 23.56 18.80 -11.80
CA SER D 80 23.33 17.54 -12.51
C SER D 80 23.00 16.38 -11.56
N ARG D 81 23.00 16.61 -10.25
CA ARG D 81 22.68 15.58 -9.27
C ARG D 81 21.23 15.64 -8.81
N LEU D 82 20.68 16.83 -8.63
CA LEU D 82 19.32 16.98 -8.11
C LEU D 82 18.31 16.98 -9.26
N LEU D 83 17.14 16.40 -9.01
CA LEU D 83 16.07 16.38 -9.99
C LEU D 83 14.72 16.35 -9.26
N VAL D 84 13.73 17.02 -9.85
CA VAL D 84 12.38 17.09 -9.31
C VAL D 84 11.48 16.22 -10.19
N SER D 85 10.38 15.74 -9.62
CA SER D 85 9.43 14.90 -10.34
C SER D 85 8.01 15.23 -9.90
N ALA D 86 7.08 15.22 -10.86
CA ALA D 86 5.69 15.61 -10.63
C ALA D 86 4.77 14.43 -10.88
N SER D 87 3.91 14.13 -9.93
CA SER D 87 3.03 12.97 -10.01
C SER D 87 1.64 13.32 -9.52
N GLN D 88 0.71 12.36 -9.69
CA GLN D 88 -0.68 12.50 -9.29
C GLN D 88 -0.98 12.10 -7.86
N ASP D 89 0.03 11.70 -7.08
CA ASP D 89 -0.20 11.45 -5.67
C ASP D 89 -0.24 12.72 -4.83
N GLY D 90 -0.13 13.90 -5.45
CA GLY D 90 -0.08 15.14 -4.73
C GLY D 90 1.31 15.50 -4.26
N LYS D 91 2.34 14.99 -4.92
CA LYS D 91 3.71 15.10 -4.44
C LYS D 91 4.64 15.60 -5.53
N LEU D 92 5.40 16.65 -5.22
CA LEU D 92 6.64 16.95 -5.92
C LEU D 92 7.77 16.39 -5.06
N ILE D 93 8.49 15.42 -5.60
CA ILE D 93 9.53 14.74 -4.83
C ILE D 93 10.87 15.07 -5.46
N ILE D 94 11.74 15.70 -4.69
CA ILE D 94 13.07 16.08 -5.16
C ILE D 94 14.04 14.99 -4.75
N TRP D 95 14.84 14.51 -5.70
CA TRP D 95 15.63 13.32 -5.52
C TRP D 95 17.13 13.59 -5.52
N ASP D 96 17.85 12.61 -5.01
CA ASP D 96 19.30 12.52 -5.11
C ASP D 96 19.58 11.39 -6.09
N SER D 97 20.05 11.75 -7.29
CA SER D 97 20.19 10.77 -8.37
C SER D 97 21.30 9.76 -8.09
N TYR D 98 22.38 10.18 -7.43
CA TYR D 98 23.51 9.29 -7.22
C TYR D 98 23.20 8.23 -6.16
N THR D 99 22.65 8.66 -5.02
CA THR D 99 22.50 7.79 -3.85
C THR D 99 21.09 7.22 -3.69
N THR D 100 20.18 7.54 -4.62
CA THR D 100 18.78 7.08 -4.67
C THR D 100 17.96 7.63 -3.49
N ASN D 101 18.46 8.67 -2.82
CA ASN D 101 17.76 9.27 -1.70
C ASN D 101 16.76 10.33 -2.17
N LYS D 102 15.78 10.59 -1.32
CA LYS D 102 14.75 11.60 -1.57
C LYS D 102 15.10 12.86 -0.79
N VAL D 103 15.48 13.92 -1.51
CA VAL D 103 15.91 15.16 -0.87
C VAL D 103 14.73 15.89 -0.24
N HIS D 104 13.66 16.07 -1.01
CA HIS D 104 12.46 16.73 -0.50
C HIS D 104 11.21 15.99 -1.01
N ALA D 105 10.12 16.16 -0.26
CA ALA D 105 8.81 15.65 -0.67
C ALA D 105 7.80 16.76 -0.41
N ILE D 106 7.30 17.36 -1.48
CA ILE D 106 6.47 18.56 -1.40
C ILE D 106 5.00 18.13 -1.53
N PRO D 107 4.19 18.28 -0.49
CA PRO D 107 2.76 17.99 -0.64
C PRO D 107 2.07 19.08 -1.46
N LEU D 108 1.20 18.67 -2.37
CA LEU D 108 0.57 19.57 -3.32
C LEU D 108 -0.90 19.77 -2.97
N ARG D 109 -1.38 20.99 -3.21
CA ARG D 109 -2.79 21.29 -2.98
C ARG D 109 -3.65 20.70 -4.08
N SER D 110 -3.29 20.95 -5.33
CA SER D 110 -3.97 20.38 -6.48
C SER D 110 -3.22 19.13 -6.93
N SER D 111 -3.93 18.00 -6.97
CA SER D 111 -3.34 16.74 -7.39
C SER D 111 -2.93 16.77 -8.86
N TRP D 112 -3.77 17.36 -9.72
CA TRP D 112 -3.49 17.39 -11.15
C TRP D 112 -2.37 18.39 -11.44
N VAL D 113 -1.25 17.87 -11.93
CA VAL D 113 -0.04 18.65 -12.23
C VAL D 113 0.47 18.16 -13.58
N MET D 114 0.87 19.10 -14.44
CA MET D 114 1.36 18.76 -15.77
C MET D 114 2.77 19.24 -16.05
N THR D 115 3.41 19.98 -15.15
CA THR D 115 4.76 20.47 -15.37
C THR D 115 5.43 20.76 -14.03
N CYS D 116 6.76 20.81 -14.07
CA CYS D 116 7.55 21.16 -12.89
C CYS D 116 8.90 21.69 -13.35
N ALA D 117 9.39 22.71 -12.65
CA ALA D 117 10.65 23.37 -12.99
C ALA D 117 11.55 23.45 -11.76
N TYR D 118 12.86 23.44 -12.01
CA TYR D 118 13.87 23.64 -10.99
C TYR D 118 14.65 24.91 -11.30
N ALA D 119 14.89 25.73 -10.29
CA ALA D 119 15.53 27.04 -10.49
C ALA D 119 17.00 26.87 -10.84
N PRO D 120 17.59 27.83 -11.57
CA PRO D 120 19.03 27.74 -11.87
C PRO D 120 19.91 27.90 -10.64
N SER D 121 19.51 28.75 -9.69
CA SER D 121 20.25 28.86 -8.43
C SER D 121 20.05 27.63 -7.55
N GLY D 122 18.95 26.90 -7.75
CA GLY D 122 18.61 25.78 -6.89
C GLY D 122 17.69 26.14 -5.75
N ASN D 123 17.24 27.39 -5.66
CA ASN D 123 16.45 27.83 -4.53
C ASN D 123 14.98 27.46 -4.66
N TYR D 124 14.43 27.47 -5.87
CA TYR D 124 12.98 27.39 -6.05
C TYR D 124 12.59 26.22 -6.94
N VAL D 125 11.35 25.74 -6.74
CA VAL D 125 10.76 24.68 -7.54
C VAL D 125 9.34 25.08 -7.89
N ALA D 126 9.02 25.08 -9.17
CA ALA D 126 7.68 25.40 -9.65
C ALA D 126 6.90 24.15 -10.01
N CYS D 127 5.58 24.31 -10.09
CA CYS D 127 4.71 23.29 -10.65
C CYS D 127 3.47 23.98 -11.21
N GLY D 128 2.79 23.28 -12.11
CA GLY D 128 1.57 23.82 -12.70
C GLY D 128 0.81 22.73 -13.39
N GLY D 129 -0.48 22.98 -13.59
CA GLY D 129 -1.35 22.01 -14.19
C GLY D 129 -2.75 22.51 -14.47
N LEU D 130 -3.74 21.69 -14.14
CA LEU D 130 -5.14 21.97 -14.44
C LEU D 130 -5.79 22.97 -13.47
N ASP D 131 -5.12 23.33 -12.37
CA ASP D 131 -5.68 24.27 -11.42
C ASP D 131 -5.46 25.72 -11.81
N ASN D 132 -4.76 25.97 -12.92
CA ASN D 132 -4.44 27.29 -13.46
C ASN D 132 -3.61 28.14 -12.49
N ILE D 133 -2.92 27.51 -11.54
CA ILE D 133 -2.13 28.21 -10.53
C ILE D 133 -0.70 27.69 -10.62
N CYS D 134 0.27 28.61 -10.70
CA CYS D 134 1.68 28.27 -10.64
C CYS D 134 2.19 28.51 -9.23
N SER D 135 2.59 27.45 -8.55
CA SER D 135 3.06 27.53 -7.17
C SER D 135 4.58 27.49 -7.17
N ILE D 136 5.20 28.44 -6.49
CA ILE D 136 6.65 28.53 -6.37
C ILE D 136 7.03 28.07 -4.96
N TYR D 137 7.89 27.08 -4.88
CA TYR D 137 8.24 26.43 -3.61
C TYR D 137 9.67 26.77 -3.23
N ASN D 138 9.85 27.34 -2.03
CA ASN D 138 11.16 27.72 -1.54
C ASN D 138 11.81 26.52 -0.87
N LEU D 139 13.11 26.32 -1.16
CA LEU D 139 13.84 25.17 -0.64
C LEU D 139 14.88 25.53 0.43
N LYS D 140 15.35 26.78 0.45
CA LYS D 140 16.40 27.19 1.38
C LYS D 140 15.84 28.02 2.53
N THR D 141 14.65 27.67 2.99
CA THR D 141 14.01 28.37 4.10
C THR D 141 14.61 27.93 5.43
N ARG D 142 14.44 28.79 6.43
CA ARG D 142 14.98 28.52 7.76
C ARG D 142 14.05 27.62 8.57
N GLU D 143 12.78 27.50 8.16
CA GLU D 143 11.83 26.68 8.92
C GLU D 143 12.01 25.20 8.64
N GLY D 144 12.53 24.82 7.48
CA GLY D 144 12.84 23.44 7.19
C GLY D 144 11.77 22.68 6.45
N ASN D 145 10.59 23.27 6.24
CA ASN D 145 9.54 22.67 5.44
C ASN D 145 9.36 23.47 4.15
N VAL D 146 9.19 22.74 3.04
CA VAL D 146 9.05 23.36 1.73
C VAL D 146 7.63 23.92 1.65
N ARG D 147 7.50 25.23 1.82
CA ARG D 147 6.20 25.89 1.83
C ARG D 147 5.99 26.67 0.54
N VAL D 148 4.74 27.07 0.33
CA VAL D 148 4.36 27.84 -0.85
C VAL D 148 4.84 29.28 -0.65
N SER D 149 5.66 29.77 -1.58
CA SER D 149 6.11 31.15 -1.53
C SER D 149 5.12 32.09 -2.21
N ARG D 150 4.86 31.87 -3.49
CA ARG D 150 3.96 32.72 -4.27
C ARG D 150 3.10 31.85 -5.18
N GLU D 151 1.80 32.11 -5.18
CA GLU D 151 0.85 31.45 -6.08
C GLU D 151 0.55 32.40 -7.23
N LEU D 152 1.00 32.04 -8.43
CA LEU D 152 0.75 32.84 -9.62
C LEU D 152 -0.61 32.46 -10.20
N ALA D 153 -1.46 33.45 -10.42
CA ALA D 153 -2.81 33.20 -10.91
C ALA D 153 -3.14 34.17 -12.02
N GLY D 154 -4.26 33.93 -12.70
CA GLY D 154 -4.68 34.72 -13.83
C GLY D 154 -4.69 34.01 -15.16
N HIS D 155 -4.51 32.69 -15.18
CA HIS D 155 -4.59 31.90 -16.41
C HIS D 155 -6.00 31.37 -16.58
N THR D 156 -6.55 31.57 -17.77
CA THR D 156 -7.85 31.00 -18.12
C THR D 156 -7.70 29.58 -18.65
N GLY D 157 -6.47 29.13 -18.91
CA GLY D 157 -6.24 27.80 -19.40
C GLY D 157 -5.21 27.07 -18.55
N TYR D 158 -5.16 25.75 -18.74
CA TYR D 158 -4.28 24.89 -17.95
C TYR D 158 -2.81 25.19 -18.23
N LEU D 159 -2.00 25.26 -17.17
CA LEU D 159 -0.57 25.38 -17.36
C LEU D 159 0.00 24.06 -17.88
N SER D 160 0.78 24.15 -18.96
CA SER D 160 1.37 22.97 -19.56
C SER D 160 2.88 22.92 -19.45
N CYS D 161 3.55 24.07 -19.30
CA CYS D 161 4.99 24.10 -19.10
C CYS D 161 5.37 25.41 -18.42
N CYS D 162 6.43 25.35 -17.61
CA CYS D 162 6.98 26.51 -16.93
C CYS D 162 8.47 26.30 -16.73
N ARG D 163 9.25 27.37 -16.91
CA ARG D 163 10.70 27.30 -16.81
C ARG D 163 11.22 28.60 -16.17
N PHE D 164 12.14 28.45 -15.20
CA PHE D 164 12.72 29.60 -14.51
C PHE D 164 13.75 30.30 -15.39
N LEU D 165 13.47 31.55 -15.76
CA LEU D 165 14.56 32.42 -16.23
C LEU D 165 15.51 32.76 -15.10
N ASP D 166 14.97 33.09 -13.94
CA ASP D 166 15.75 33.56 -12.81
C ASP D 166 14.97 33.21 -11.54
N ASP D 167 15.51 33.59 -10.38
CA ASP D 167 14.77 33.44 -9.13
C ASP D 167 13.58 34.40 -9.01
N ASN D 168 13.52 35.43 -9.87
CA ASN D 168 12.45 36.41 -9.83
C ASN D 168 11.58 36.38 -11.10
N GLN D 169 12.04 35.72 -12.17
CA GLN D 169 11.30 35.66 -13.42
C GLN D 169 11.09 34.21 -13.83
N ILE D 170 9.89 33.92 -14.33
CA ILE D 170 9.53 32.60 -14.82
C ILE D 170 8.59 32.75 -16.01
N VAL D 171 8.83 31.95 -17.04
CA VAL D 171 8.01 31.95 -18.26
C VAL D 171 7.12 30.72 -18.22
N THR D 172 5.81 30.92 -18.34
CA THR D 172 4.85 29.83 -18.30
C THR D 172 4.06 29.74 -19.60
N SER D 173 3.70 28.52 -19.97
CA SER D 173 2.76 28.28 -21.06
C SER D 173 1.43 27.85 -20.47
N SER D 174 0.34 28.26 -21.13
CA SER D 174 -0.99 28.02 -20.60
C SER D 174 -1.91 27.53 -21.71
N GLY D 175 -3.11 27.14 -21.31
CA GLY D 175 -4.11 26.65 -22.22
C GLY D 175 -5.04 27.68 -22.81
N ASP D 176 -4.94 28.95 -22.38
CA ASP D 176 -5.75 30.02 -22.90
C ASP D 176 -5.08 30.76 -24.06
N THR D 177 -4.14 30.09 -24.75
CA THR D 177 -3.34 30.59 -25.87
C THR D 177 -2.42 31.73 -25.48
N THR D 178 -2.15 31.89 -24.18
CA THR D 178 -1.38 33.01 -23.66
C THR D 178 -0.17 32.50 -22.89
N CYS D 179 1.02 32.93 -23.30
CA CYS D 179 2.24 32.71 -22.55
C CYS D 179 2.58 34.00 -21.80
N ALA D 180 2.97 33.85 -20.54
CA ALA D 180 3.20 35.02 -19.70
C ALA D 180 4.58 34.98 -19.05
N LEU D 181 5.12 36.16 -18.80
CA LEU D 181 6.32 36.35 -18.01
C LEU D 181 5.92 36.90 -16.66
N TRP D 182 6.37 36.24 -15.59
CA TRP D 182 5.87 36.51 -14.25
C TRP D 182 6.96 37.11 -13.37
N ASP D 183 6.65 38.25 -12.76
CA ASP D 183 7.48 38.81 -11.70
C ASP D 183 7.08 38.13 -10.40
N ILE D 184 7.95 37.24 -9.90
CA ILE D 184 7.63 36.43 -8.72
C ILE D 184 7.51 37.31 -7.48
N GLU D 185 8.39 38.30 -7.34
CA GLU D 185 8.33 39.20 -6.19
C GLU D 185 7.08 40.07 -6.22
N THR D 186 6.73 40.60 -7.38
CA THR D 186 5.50 41.38 -7.51
C THR D 186 4.27 40.49 -7.42
N GLY D 187 4.30 39.34 -8.09
CA GLY D 187 3.16 38.44 -8.14
C GLY D 187 2.25 38.63 -9.33
N GLN D 188 2.55 39.58 -10.21
CA GLN D 188 1.76 39.86 -11.39
C GLN D 188 2.60 39.59 -12.64
N GLN D 189 1.94 39.59 -13.79
CA GLN D 189 2.62 39.36 -15.05
C GLN D 189 3.14 40.67 -15.64
N THR D 190 4.35 40.60 -16.21
CA THR D 190 4.97 41.78 -16.81
C THR D 190 4.69 41.86 -18.30
N THR D 191 5.07 40.82 -19.05
CA THR D 191 4.91 40.80 -20.50
C THR D 191 3.95 39.67 -20.87
N THR D 192 2.96 40.00 -21.69
CA THR D 192 1.98 39.02 -22.16
C THR D 192 2.30 38.65 -23.61
N PHE D 193 2.31 37.35 -23.90
CA PHE D 193 2.58 36.85 -25.24
C PHE D 193 1.31 36.17 -25.74
N THR D 194 0.80 36.63 -26.89
CA THR D 194 -0.43 36.11 -27.46
C THR D 194 -0.21 35.99 -28.98
N GLY D 195 -1.02 35.16 -29.63
CA GLY D 195 -0.89 35.00 -31.07
C GLY D 195 -1.00 33.56 -31.55
N HIS D 196 -1.00 32.60 -30.63
CA HIS D 196 -1.11 31.19 -31.00
C HIS D 196 -2.57 30.80 -31.12
N THR D 197 -2.91 30.15 -32.23
CA THR D 197 -4.22 29.52 -32.36
C THR D 197 -4.16 28.19 -31.64
N GLY D 198 -4.85 28.08 -30.52
CA GLY D 198 -4.75 26.82 -29.79
C GLY D 198 -3.76 26.89 -28.65
N ASP D 199 -4.00 26.04 -27.65
CA ASP D 199 -3.19 26.00 -26.42
C ASP D 199 -1.73 25.66 -26.70
N VAL D 200 -0.85 26.25 -25.90
CA VAL D 200 0.59 26.09 -26.03
C VAL D 200 1.03 24.94 -25.14
N MET D 201 1.49 23.84 -25.75
CA MET D 201 1.79 22.62 -25.01
C MET D 201 3.10 22.70 -24.24
N SER D 202 4.11 23.40 -24.76
CA SER D 202 5.40 23.40 -24.09
C SER D 202 6.18 24.65 -24.42
N LEU D 203 7.33 24.79 -23.75
CA LEU D 203 8.30 25.85 -24.02
C LEU D 203 9.65 25.40 -23.49
N SER D 204 10.70 26.05 -23.99
CA SER D 204 12.07 25.83 -23.55
C SER D 204 12.78 27.17 -23.49
N LEU D 205 13.78 27.27 -22.63
CA LEU D 205 14.56 28.50 -22.51
C LEU D 205 15.91 28.35 -23.20
N ALA D 206 16.31 29.39 -23.91
CA ALA D 206 17.61 29.44 -24.55
C ALA D 206 18.70 29.60 -23.48
N PRO D 207 19.95 29.20 -23.80
CA PRO D 207 21.03 29.38 -22.80
C PRO D 207 21.35 30.82 -22.46
N ASP D 208 21.28 31.73 -23.44
CA ASP D 208 21.48 33.15 -23.13
C ASP D 208 20.26 33.78 -22.46
N THR D 209 19.10 33.09 -22.47
CA THR D 209 17.86 33.44 -21.76
C THR D 209 17.24 34.75 -22.23
N ARG D 210 17.63 35.25 -23.41
CA ARG D 210 17.05 36.46 -23.94
C ARG D 210 15.88 36.18 -24.89
N LEU D 211 15.63 34.91 -25.21
CA LEU D 211 14.56 34.54 -26.14
C LEU D 211 14.08 33.13 -25.80
N PHE D 212 12.85 32.85 -26.17
CA PHE D 212 12.30 31.50 -26.02
C PHE D 212 11.33 31.24 -27.16
N VAL D 213 11.15 29.98 -27.50
CA VAL D 213 10.25 29.55 -28.57
C VAL D 213 9.25 28.56 -28.00
N SER D 214 7.98 28.72 -28.37
CA SER D 214 6.89 27.90 -27.86
C SER D 214 6.05 27.39 -29.02
N GLY D 215 5.76 26.09 -29.02
CA GLY D 215 4.95 25.47 -30.04
C GLY D 215 3.53 25.21 -29.54
N ALA D 216 2.56 25.45 -30.42
CA ALA D 216 1.14 25.32 -30.11
C ALA D 216 0.50 24.26 -30.99
N CYS D 217 -0.82 24.13 -30.86
CA CYS D 217 -1.57 23.08 -31.55
C CYS D 217 -2.15 23.53 -32.89
N ASP D 218 -1.70 24.66 -33.44
CA ASP D 218 -1.95 24.99 -34.84
C ASP D 218 -0.76 24.65 -35.72
N ALA D 219 0.04 23.67 -35.29
CA ALA D 219 1.22 23.17 -36.00
C ALA D 219 2.27 24.26 -36.21
N SER D 220 2.34 25.22 -35.29
CA SER D 220 3.26 26.34 -35.41
C SER D 220 4.07 26.51 -34.13
N ALA D 221 5.31 26.97 -34.30
CA ALA D 221 6.20 27.28 -33.19
C ALA D 221 6.71 28.69 -33.39
N LYS D 222 6.42 29.57 -32.44
CA LYS D 222 6.71 31.00 -32.59
C LYS D 222 7.84 31.40 -31.66
N LEU D 223 8.88 32.01 -32.24
CA LEU D 223 9.97 32.55 -31.44
C LEU D 223 9.54 33.84 -30.77
N TRP D 224 9.90 34.00 -29.49
CA TRP D 224 9.50 35.17 -28.72
C TRP D 224 10.73 35.89 -28.17
N ASP D 225 10.56 37.18 -27.91
CA ASP D 225 11.60 38.02 -27.31
C ASP D 225 11.10 38.48 -25.96
N VAL D 226 11.90 38.23 -24.92
CA VAL D 226 11.52 38.60 -23.56
C VAL D 226 11.46 40.12 -23.40
N ARG D 227 12.44 40.82 -24.00
CA ARG D 227 12.52 42.27 -23.85
C ARG D 227 11.40 42.99 -24.59
N GLU D 228 11.32 42.80 -25.91
CA GLU D 228 10.33 43.51 -26.71
C GLU D 228 8.91 42.97 -26.48
N GLY D 229 8.77 41.65 -26.44
CA GLY D 229 7.45 41.06 -26.29
C GLY D 229 6.69 40.81 -27.57
N MET D 230 7.35 40.88 -28.73
CA MET D 230 6.71 40.67 -30.02
C MET D 230 7.28 39.41 -30.65
N CYS D 231 6.48 38.79 -31.52
CA CYS D 231 6.85 37.53 -32.14
C CYS D 231 7.93 37.75 -33.20
N ARG D 232 9.05 37.04 -33.07
CA ARG D 232 10.14 37.18 -34.03
C ARG D 232 9.90 36.36 -35.29
N GLN D 233 9.77 35.04 -35.15
CA GLN D 233 9.60 34.13 -36.26
C GLN D 233 8.47 33.16 -35.98
N THR D 234 8.01 32.50 -37.04
CA THR D 234 6.98 31.47 -36.95
C THR D 234 7.27 30.41 -38.00
N PHE D 235 7.20 29.14 -37.61
CA PHE D 235 7.48 28.02 -38.50
C PHE D 235 6.23 27.16 -38.63
N THR D 236 5.85 26.83 -39.85
CA THR D 236 4.61 26.09 -40.13
C THR D 236 4.91 24.84 -40.94
N GLY D 237 5.89 24.06 -40.49
CA GLY D 237 6.27 22.84 -41.16
C GLY D 237 5.64 21.57 -40.64
N HIS D 238 4.76 21.67 -39.64
CA HIS D 238 4.16 20.50 -39.01
C HIS D 238 2.79 20.23 -39.60
N GLU D 239 2.39 18.96 -39.59
CA GLU D 239 1.08 18.61 -40.13
C GLU D 239 -0.04 18.93 -39.15
N SER D 240 0.08 18.49 -37.89
CA SER D 240 -1.05 18.58 -36.96
C SER D 240 -0.82 19.52 -35.79
N ASP D 241 0.19 19.26 -34.94
CA ASP D 241 0.30 19.95 -33.65
C ASP D 241 1.65 19.64 -33.00
N ILE D 242 2.01 20.47 -32.02
CA ILE D 242 3.29 20.39 -31.34
C ILE D 242 3.06 20.07 -29.86
N ASN D 243 3.59 18.93 -29.42
CA ASN D 243 3.61 18.63 -27.99
C ASN D 243 4.89 19.07 -27.28
N ALA D 244 6.00 19.19 -28.00
CA ALA D 244 7.29 19.38 -27.34
C ALA D 244 8.20 20.27 -28.17
N ILE D 245 9.10 20.95 -27.48
CA ILE D 245 10.05 21.88 -28.10
C ILE D 245 11.24 22.04 -27.16
N CYS D 246 12.44 22.01 -27.73
CA CYS D 246 13.67 22.15 -26.95
C CYS D 246 14.74 22.82 -27.78
N PHE D 247 15.48 23.76 -27.18
CA PHE D 247 16.55 24.46 -27.88
C PHE D 247 17.77 23.57 -28.09
N PHE D 248 18.52 23.88 -29.16
CA PHE D 248 19.87 23.39 -29.38
C PHE D 248 20.81 24.19 -28.46
N PRO D 249 21.95 23.62 -28.06
CA PRO D 249 22.84 24.34 -27.11
C PRO D 249 23.40 25.67 -27.59
N ASN D 250 23.59 25.91 -28.89
CA ASN D 250 24.12 27.21 -29.30
C ASN D 250 23.06 28.31 -29.18
N GLY D 251 21.79 27.96 -29.33
CA GLY D 251 20.71 28.93 -29.30
C GLY D 251 20.16 29.34 -30.65
N ASN D 252 20.56 28.68 -31.74
CA ASN D 252 20.09 29.01 -33.07
C ASN D 252 19.15 27.99 -33.67
N ALA D 253 19.01 26.81 -33.06
CA ALA D 253 18.17 25.75 -33.60
C ALA D 253 17.31 25.16 -32.49
N PHE D 254 16.25 24.46 -32.90
CA PHE D 254 15.39 23.75 -31.96
C PHE D 254 14.69 22.61 -32.68
N ALA D 255 14.81 21.39 -32.15
CA ALA D 255 14.02 20.27 -32.63
C ALA D 255 12.65 20.30 -31.97
N THR D 256 11.64 19.84 -32.71
CA THR D 256 10.26 19.95 -32.29
C THR D 256 9.61 18.56 -32.35
N GLY D 257 8.73 18.29 -31.38
CA GLY D 257 8.03 17.01 -31.30
C GLY D 257 6.56 17.18 -31.63
N SER D 258 6.01 16.22 -32.37
CA SER D 258 4.67 16.32 -32.92
C SER D 258 3.93 14.99 -32.74
N ASP D 259 2.63 15.02 -33.05
CA ASP D 259 1.79 13.82 -32.95
C ASP D 259 1.70 13.00 -34.23
N ASP D 260 2.26 13.48 -35.35
CA ASP D 260 2.26 12.71 -36.58
C ASP D 260 3.49 11.83 -36.72
N ALA D 261 4.09 11.44 -35.58
CA ALA D 261 5.29 10.59 -35.50
C ALA D 261 6.48 11.20 -36.23
N THR D 262 6.57 12.52 -36.25
CA THR D 262 7.68 13.21 -36.89
C THR D 262 8.38 14.14 -35.90
N CYS D 263 9.67 14.35 -36.14
CA CYS D 263 10.45 15.33 -35.41
C CYS D 263 11.12 16.23 -36.44
N ARG D 264 11.00 17.54 -36.24
CA ARG D 264 11.49 18.50 -37.20
C ARG D 264 12.45 19.47 -36.54
N LEU D 265 13.49 19.87 -37.28
CA LEU D 265 14.52 20.76 -36.80
C LEU D 265 14.44 22.08 -37.56
N PHE D 266 14.35 23.18 -36.83
CA PHE D 266 14.16 24.49 -37.42
C PHE D 266 15.31 25.41 -37.03
N ASP D 267 15.81 26.15 -38.00
CA ASP D 267 16.91 27.09 -37.80
C ASP D 267 16.33 28.50 -37.71
N LEU D 268 16.78 29.25 -36.70
CA LEU D 268 16.29 30.62 -36.53
C LEU D 268 16.82 31.53 -37.62
N ARG D 269 18.12 31.43 -37.93
CA ARG D 269 18.71 32.32 -38.92
C ARG D 269 18.29 31.95 -40.34
N ALA D 270 18.24 30.65 -40.65
CA ALA D 270 17.86 30.22 -42.00
C ALA D 270 16.36 30.36 -42.24
N ASP D 271 15.55 30.39 -41.17
CA ASP D 271 14.10 30.61 -41.21
C ASP D 271 13.39 29.54 -42.04
N GLN D 272 13.82 28.30 -41.90
CA GLN D 272 13.20 27.18 -42.62
C GLN D 272 13.50 25.88 -41.90
N GLU D 273 12.88 24.81 -42.37
CA GLU D 273 13.02 23.48 -41.78
C GLU D 273 14.33 22.85 -42.20
N LEU D 274 15.16 22.48 -41.22
CA LEU D 274 16.43 21.81 -41.53
C LEU D 274 16.24 20.35 -41.86
N MET D 275 15.75 19.55 -40.91
CA MET D 275 15.70 18.11 -41.05
C MET D 275 14.36 17.57 -40.59
N THR D 276 13.97 16.43 -41.15
CA THR D 276 12.74 15.74 -40.80
C THR D 276 13.09 14.33 -40.35
N TYR D 277 12.57 13.92 -39.19
CA TYR D 277 12.81 12.61 -38.62
C TYR D 277 11.53 11.79 -38.73
N SER D 278 11.61 10.62 -39.38
CA SER D 278 10.43 9.79 -39.54
C SER D 278 10.85 8.34 -39.72
N HIS D 279 9.91 7.43 -39.45
CA HIS D 279 10.10 6.01 -39.65
C HIS D 279 8.72 5.36 -39.81
N ASP D 280 8.64 4.34 -40.66
CA ASP D 280 7.37 3.88 -41.21
C ASP D 280 6.44 3.26 -40.17
N ASN D 281 6.94 2.30 -39.38
CA ASN D 281 6.04 1.58 -38.47
C ASN D 281 5.65 2.43 -37.26
N ILE D 282 6.43 3.45 -36.93
CA ILE D 282 6.12 4.34 -35.81
C ILE D 282 5.05 5.32 -36.28
N ILE D 283 3.86 5.23 -35.68
CA ILE D 283 2.78 6.17 -35.93
C ILE D 283 2.40 6.95 -34.68
N CYS D 284 3.04 6.66 -33.55
CA CYS D 284 2.70 7.27 -32.27
C CYS D 284 3.31 8.67 -32.14
N GLY D 285 2.67 9.50 -31.30
CA GLY D 285 3.14 10.86 -31.12
C GLY D 285 4.34 10.98 -30.22
N ILE D 286 5.00 12.13 -30.31
CA ILE D 286 6.17 12.45 -29.49
C ILE D 286 5.73 13.31 -28.32
N THR D 287 6.08 12.89 -27.11
CA THR D 287 5.78 13.65 -25.91
C THR D 287 6.89 14.64 -25.55
N SER D 288 8.15 14.26 -25.71
CA SER D 288 9.25 15.12 -25.29
C SER D 288 10.47 14.89 -26.17
N VAL D 289 11.30 15.94 -26.28
CA VAL D 289 12.58 15.88 -26.97
C VAL D 289 13.62 16.57 -26.09
N SER D 290 14.89 16.22 -26.32
CA SER D 290 16.00 16.82 -25.58
C SER D 290 17.27 16.68 -26.39
N PHE D 291 18.32 17.36 -25.93
CA PHE D 291 19.62 17.38 -26.58
C PHE D 291 20.71 17.03 -25.59
N SER D 292 21.78 16.42 -26.10
CA SER D 292 22.95 16.10 -25.28
C SER D 292 23.79 17.35 -25.05
N LYS D 293 24.94 17.16 -24.40
CA LYS D 293 25.85 18.27 -24.13
C LYS D 293 26.42 18.86 -25.41
N SER D 294 26.92 17.99 -26.30
CA SER D 294 27.37 18.44 -27.60
C SER D 294 26.22 18.91 -28.48
N GLY D 295 25.04 18.33 -28.31
CA GLY D 295 23.92 18.57 -29.20
C GLY D 295 23.84 17.62 -30.37
N ARG D 296 24.80 16.69 -30.48
CA ARG D 296 24.83 15.75 -31.59
C ARG D 296 23.70 14.73 -31.50
N LEU D 297 23.36 14.31 -30.29
CA LEU D 297 22.33 13.30 -30.07
C LEU D 297 21.00 13.96 -29.78
N LEU D 298 19.97 13.57 -30.54
CA LEU D 298 18.60 14.02 -30.32
C LEU D 298 17.82 12.87 -29.70
N LEU D 299 17.45 13.01 -28.43
CA LEU D 299 16.73 11.98 -27.70
C LEU D 299 15.27 12.39 -27.57
N ALA D 300 14.37 11.49 -27.95
CA ALA D 300 12.95 11.77 -27.96
C ALA D 300 12.18 10.72 -27.16
N GLY D 301 10.97 11.08 -26.77
CA GLY D 301 10.07 10.18 -26.07
C GLY D 301 8.81 9.97 -26.89
N TYR D 302 8.37 8.72 -26.99
CA TYR D 302 7.28 8.33 -27.88
C TYR D 302 6.15 7.71 -27.06
N ASP D 303 5.05 7.42 -27.75
CA ASP D 303 3.88 6.81 -27.13
C ASP D 303 3.84 5.30 -27.24
N ASP D 304 4.78 4.68 -27.97
CA ASP D 304 4.83 3.24 -28.14
C ASP D 304 5.69 2.54 -27.10
N PHE D 305 5.83 3.15 -25.91
CA PHE D 305 6.62 2.68 -24.76
C PHE D 305 8.11 2.59 -25.06
N ASN D 306 8.57 3.25 -26.14
CA ASN D 306 9.94 3.14 -26.62
C ASN D 306 10.52 4.53 -26.81
N CYS D 307 11.74 4.73 -26.35
CA CYS D 307 12.47 5.97 -26.57
C CYS D 307 13.59 5.72 -27.57
N ASN D 308 13.60 6.50 -28.65
CA ASN D 308 14.54 6.33 -29.76
C ASN D 308 15.52 7.50 -29.77
N VAL D 309 16.81 7.19 -29.73
CA VAL D 309 17.86 8.19 -29.79
C VAL D 309 18.19 8.44 -31.27
N TRP D 310 18.23 9.71 -31.65
CA TRP D 310 18.44 10.11 -33.03
C TRP D 310 19.77 10.85 -33.15
N ASP D 311 20.11 11.25 -34.38
CA ASP D 311 21.33 11.98 -34.65
C ASP D 311 20.95 13.31 -35.29
N ALA D 312 21.64 14.38 -34.88
CA ALA D 312 21.32 15.73 -35.35
C ALA D 312 21.58 15.88 -36.84
N LEU D 313 22.68 15.31 -37.33
CA LEU D 313 23.08 15.49 -38.72
C LEU D 313 22.72 14.29 -39.61
N LYS D 314 23.06 13.07 -39.18
CA LYS D 314 22.90 11.90 -40.04
C LYS D 314 21.46 11.43 -40.16
N ALA D 315 20.62 11.77 -39.17
CA ALA D 315 19.17 11.47 -39.15
C ALA D 315 18.88 9.98 -39.22
N ASP D 316 19.49 9.23 -38.31
CA ASP D 316 19.20 7.81 -38.15
C ASP D 316 19.00 7.50 -36.67
N ARG D 317 18.88 6.22 -36.32
CA ARG D 317 18.56 5.81 -34.96
C ARG D 317 19.83 5.23 -34.32
N ALA D 318 20.32 5.90 -33.29
CA ALA D 318 21.57 5.52 -32.64
C ALA D 318 21.37 4.56 -31.48
N GLY D 319 20.19 4.52 -30.88
CA GLY D 319 19.97 3.66 -29.74
C GLY D 319 18.49 3.53 -29.44
N VAL D 320 18.18 2.50 -28.65
CA VAL D 320 16.81 2.17 -28.27
C VAL D 320 16.76 2.04 -26.75
N LEU D 321 15.86 2.79 -26.13
CA LEU D 321 15.65 2.72 -24.69
C LEU D 321 14.30 2.07 -24.42
N ALA D 322 14.31 0.99 -23.65
CA ALA D 322 13.08 0.27 -23.31
C ALA D 322 13.11 -0.08 -21.84
N GLY D 323 11.98 -0.57 -21.34
CA GLY D 323 11.84 -0.93 -19.93
C GLY D 323 10.84 -0.11 -19.16
N HIS D 324 10.11 0.80 -19.81
CA HIS D 324 9.04 1.55 -19.17
C HIS D 324 7.71 0.84 -19.47
N ASP D 325 7.02 0.41 -18.40
CA ASP D 325 5.79 -0.35 -18.55
C ASP D 325 4.68 0.49 -19.17
N ASN D 326 4.54 1.73 -18.74
CA ASN D 326 3.47 2.60 -19.21
C ASN D 326 4.08 3.72 -20.05
N ARG D 327 3.21 4.56 -20.63
CA ARG D 327 3.62 5.51 -21.67
C ARG D 327 4.59 6.57 -21.16
N VAL D 328 5.54 6.93 -22.02
CA VAL D 328 6.62 7.86 -21.67
C VAL D 328 6.10 9.29 -21.72
N SER D 329 6.08 9.96 -20.55
CA SER D 329 5.59 11.33 -20.46
C SER D 329 6.63 12.36 -20.87
N CYS D 330 7.87 12.21 -20.42
CA CYS D 330 8.87 13.26 -20.59
C CYS D 330 10.26 12.66 -20.65
N LEU D 331 11.20 13.44 -21.20
CA LEU D 331 12.59 13.03 -21.27
C LEU D 331 13.46 14.28 -21.32
N GLY D 332 14.50 14.31 -20.48
CA GLY D 332 15.44 15.41 -20.46
C GLY D 332 16.87 14.98 -20.21
N VAL D 333 17.80 15.50 -20.99
CA VAL D 333 19.22 15.21 -20.81
C VAL D 333 19.82 16.29 -19.93
N THR D 334 20.67 15.87 -18.98
CA THR D 334 21.17 16.74 -17.92
C THR D 334 22.15 17.79 -18.47
N ASP D 335 22.62 18.64 -17.55
CA ASP D 335 23.38 19.84 -17.92
C ASP D 335 24.74 19.49 -18.50
N ASP D 336 25.54 18.73 -17.75
CA ASP D 336 26.86 18.33 -18.26
C ASP D 336 26.78 17.19 -19.27
N GLY D 337 25.66 16.47 -19.34
CA GLY D 337 25.53 15.37 -20.25
C GLY D 337 25.89 14.01 -19.69
N MET D 338 26.01 13.90 -18.35
CA MET D 338 26.47 12.66 -17.75
C MET D 338 25.37 11.60 -17.70
N ALA D 339 24.09 12.02 -17.66
CA ALA D 339 23.02 11.06 -17.49
C ALA D 339 21.79 11.50 -18.26
N VAL D 340 20.90 10.54 -18.50
CA VAL D 340 19.58 10.79 -19.09
C VAL D 340 18.56 10.03 -18.25
N ALA D 341 17.60 10.76 -17.69
CA ALA D 341 16.49 10.13 -16.97
C ALA D 341 15.20 10.34 -17.75
N THR D 342 14.47 9.26 -17.97
CA THR D 342 13.27 9.25 -18.78
C THR D 342 12.05 9.16 -17.88
N GLY D 343 11.03 9.97 -18.18
CA GLY D 343 9.81 9.99 -17.41
C GLY D 343 8.69 9.24 -18.12
N SER D 344 8.12 8.28 -17.41
CA SER D 344 7.06 7.44 -17.94
C SER D 344 5.88 7.48 -16.99
N TRP D 345 4.76 6.91 -17.45
CA TRP D 345 3.56 6.84 -16.63
C TRP D 345 3.54 5.65 -15.68
N ASP D 346 4.61 4.84 -15.63
CA ASP D 346 4.64 3.66 -14.79
C ASP D 346 5.14 3.94 -13.37
N SER D 347 5.26 5.22 -13.00
CA SER D 347 5.69 5.69 -11.67
C SER D 347 7.13 5.28 -11.35
N PHE D 348 7.99 5.27 -12.38
CA PHE D 348 9.43 5.06 -12.21
C PHE D 348 10.20 6.02 -13.10
N LEU D 349 11.25 6.63 -12.56
CA LEU D 349 12.25 7.32 -13.38
C LEU D 349 13.50 6.45 -13.43
N LYS D 350 13.96 6.13 -14.64
CA LYS D 350 15.15 5.32 -14.84
C LYS D 350 16.24 6.16 -15.48
N ILE D 351 17.46 6.05 -14.94
CA ILE D 351 18.59 6.88 -15.35
C ILE D 351 19.44 6.10 -16.34
N TRP D 352 19.58 6.64 -17.55
CA TRP D 352 20.30 5.99 -18.65
C TRP D 352 21.60 6.75 -18.91
N ASN D 353 22.72 6.07 -18.75
CA ASN D 353 24.02 6.65 -19.07
C ASN D 353 24.48 6.10 -20.41
N ALA E 10 -10.52 44.12 -37.64
CA ALA E 10 -9.52 44.66 -36.73
C ALA E 10 -8.48 43.61 -36.35
N GLN E 11 -8.96 42.39 -36.07
CA GLN E 11 -8.06 41.28 -35.79
C GLN E 11 -7.29 40.86 -37.03
N ALA E 12 -7.95 40.90 -38.19
CA ALA E 12 -7.28 40.60 -39.45
C ALA E 12 -6.21 41.64 -39.76
N ARG E 13 -6.45 42.90 -39.40
CA ARG E 13 -5.42 43.94 -39.55
C ARG E 13 -4.22 43.65 -38.66
N LYS E 14 -4.47 43.17 -37.44
CA LYS E 14 -3.37 42.79 -36.55
C LYS E 14 -2.59 41.60 -37.09
N LEU E 15 -3.28 40.64 -37.71
CA LEU E 15 -2.61 39.52 -38.34
C LEU E 15 -1.76 39.96 -39.53
N VAL E 16 -2.27 40.88 -40.35
CA VAL E 16 -1.52 41.40 -41.48
C VAL E 16 -0.31 42.20 -41.00
N GLU E 17 -0.47 42.97 -39.91
CA GLU E 17 0.64 43.74 -39.35
C GLU E 17 1.73 42.83 -38.79
N GLN E 18 1.35 41.77 -38.06
CA GLN E 18 2.32 40.83 -37.54
C GLN E 18 3.00 40.06 -38.67
N LEU E 19 2.27 39.76 -39.74
CA LEU E 19 2.86 39.08 -40.90
C LEU E 19 3.86 39.98 -41.61
N LYS E 20 3.55 41.28 -41.71
CA LYS E 20 4.49 42.23 -42.29
C LYS E 20 5.73 42.41 -41.42
N MET E 21 5.56 42.38 -40.09
CA MET E 21 6.71 42.44 -39.20
C MET E 21 7.58 41.19 -39.31
N GLU E 22 6.96 40.03 -39.47
CA GLU E 22 7.71 38.80 -39.63
C GLU E 22 8.43 38.74 -40.99
N ALA E 23 7.83 39.30 -42.04
CA ALA E 23 8.35 39.17 -43.39
C ALA E 23 9.70 39.87 -43.57
N ASN E 24 9.86 41.06 -42.98
CA ASN E 24 11.10 41.82 -43.14
C ASN E 24 12.11 41.37 -42.09
N ILE E 25 12.81 40.28 -42.40
CA ILE E 25 13.84 39.73 -41.53
C ILE E 25 15.03 39.32 -42.38
N ASP E 26 16.24 39.55 -41.86
CA ASP E 26 17.47 39.17 -42.54
C ASP E 26 17.69 37.67 -42.45
N ARG E 27 17.79 37.00 -43.60
CA ARG E 27 18.00 35.57 -43.67
C ARG E 27 19.38 35.30 -44.27
N ILE E 28 20.20 34.55 -43.54
CA ILE E 28 21.53 34.16 -44.02
C ILE E 28 21.41 32.88 -44.83
N LYS E 29 22.48 32.52 -45.53
CA LYS E 29 22.52 31.29 -46.31
C LYS E 29 22.47 30.07 -45.40
N VAL E 30 21.69 29.07 -45.82
CA VAL E 30 21.50 27.85 -45.03
C VAL E 30 22.80 27.04 -44.97
N SER E 31 23.66 27.15 -45.98
CA SER E 31 24.91 26.38 -46.00
C SER E 31 25.90 26.88 -44.94
N LYS E 32 25.98 28.20 -44.74
CA LYS E 32 26.86 28.76 -43.72
C LYS E 32 26.40 28.38 -42.31
N ALA E 33 25.09 28.45 -42.06
CA ALA E 33 24.55 28.02 -40.78
C ALA E 33 24.70 26.52 -40.57
N ALA E 34 24.63 25.74 -41.66
CA ALA E 34 24.88 24.31 -41.58
C ALA E 34 26.34 24.02 -41.23
N ALA E 35 27.26 24.81 -41.78
CA ALA E 35 28.67 24.68 -41.44
C ALA E 35 28.92 25.05 -39.97
N ASP E 36 28.20 26.07 -39.48
CA ASP E 36 28.26 26.44 -38.07
C ASP E 36 27.74 25.32 -37.17
N LEU E 37 26.63 24.69 -37.58
CA LEU E 37 26.06 23.57 -36.83
C LEU E 37 27.01 22.37 -36.80
N MET E 38 27.61 22.04 -37.94
CA MET E 38 28.57 20.94 -37.99
C MET E 38 29.83 21.25 -37.19
N ALA E 39 30.27 22.51 -37.19
CA ALA E 39 31.44 22.90 -36.40
C ALA E 39 31.16 22.80 -34.91
N TYR E 40 29.95 23.21 -34.48
CA TYR E 40 29.59 23.08 -33.07
C TYR E 40 29.46 21.62 -32.66
N CYS E 41 28.93 20.77 -33.55
CA CYS E 41 28.83 19.35 -33.24
C CYS E 41 30.19 18.67 -33.17
N GLU E 42 31.10 19.02 -34.08
CA GLU E 42 32.42 18.40 -34.10
C GLU E 42 33.30 18.89 -32.96
N ALA E 43 33.18 20.18 -32.59
CA ALA E 43 34.07 20.76 -31.59
C ALA E 43 33.81 20.21 -30.19
N HIS E 44 32.54 20.04 -29.82
CA HIS E 44 32.16 19.64 -28.48
C HIS E 44 31.90 18.14 -28.36
N ALA E 45 32.32 17.34 -29.34
CA ALA E 45 32.08 15.90 -29.32
C ALA E 45 32.87 15.22 -28.19
N LYS E 46 34.09 15.70 -27.92
CA LYS E 46 34.92 15.09 -26.88
C LYS E 46 34.35 15.34 -25.49
N GLU E 47 33.78 16.52 -25.27
CA GLU E 47 33.24 16.87 -23.94
C GLU E 47 32.00 16.06 -23.58
N ASP E 48 31.23 15.63 -24.57
CA ASP E 48 29.95 14.95 -24.34
C ASP E 48 30.16 13.57 -23.73
N PRO E 49 29.63 13.29 -22.53
CA PRO E 49 29.77 11.94 -21.97
C PRO E 49 28.97 10.88 -22.69
N LEU E 50 27.87 11.25 -23.35
CA LEU E 50 27.00 10.26 -23.99
C LEU E 50 27.65 9.68 -25.24
N LEU E 51 28.41 10.50 -25.98
CA LEU E 51 29.02 10.05 -27.22
C LEU E 51 30.16 9.07 -26.96
N THR E 52 31.07 9.42 -26.06
CA THR E 52 32.24 8.62 -25.76
C THR E 52 32.10 8.06 -24.35
N PRO E 53 32.15 6.73 -24.17
CA PRO E 53 31.86 6.14 -22.85
C PRO E 53 32.93 6.49 -21.81
N VAL E 54 32.45 6.94 -20.65
CA VAL E 54 33.29 7.44 -19.56
C VAL E 54 33.81 6.24 -18.79
N PRO E 55 35.06 6.25 -18.33
CA PRO E 55 35.53 5.19 -17.43
C PRO E 55 34.78 5.21 -16.10
N ALA E 56 34.75 4.03 -15.46
CA ALA E 56 33.93 3.82 -14.27
C ALA E 56 34.39 4.65 -13.08
N SER E 57 35.70 4.89 -12.96
CA SER E 57 36.22 5.72 -11.88
C SER E 57 35.77 7.18 -12.04
N GLU E 58 35.80 7.70 -13.25
CA GLU E 58 35.31 9.05 -13.52
C GLU E 58 33.79 9.10 -13.47
N ASN E 59 33.12 8.00 -13.81
CA ASN E 59 31.66 7.94 -13.84
C ASN E 59 31.09 8.04 -12.42
N PRO E 60 30.23 9.01 -12.13
CA PRO E 60 29.61 9.04 -10.79
C PRO E 60 28.57 7.94 -10.58
N PHE E 61 27.94 7.46 -11.65
CA PHE E 61 26.99 6.36 -11.55
C PHE E 61 27.74 5.04 -11.67
N ARG E 62 27.65 4.21 -10.64
CA ARG E 62 28.37 2.95 -10.59
C ARG E 62 27.45 1.86 -10.04
N GLU E 63 27.82 0.62 -10.31
CA GLU E 63 27.06 -0.52 -9.79
C GLU E 63 27.24 -0.63 -8.28
N LYS E 64 26.14 -0.89 -7.58
CA LYS E 64 26.18 -1.02 -6.13
C LYS E 64 25.83 -2.44 -5.70
N VAL F 2 12.09 30.57 14.24
CA VAL F 2 13.05 29.59 14.74
C VAL F 2 13.61 30.04 16.08
N GLN F 3 13.31 29.26 17.14
CA GLN F 3 13.77 29.60 18.48
C GLN F 3 13.82 28.33 19.31
N LEU F 4 14.90 28.19 20.08
CA LEU F 4 15.07 27.07 21.01
C LEU F 4 15.47 27.63 22.36
N VAL F 5 14.68 27.31 23.39
CA VAL F 5 14.95 27.73 24.76
C VAL F 5 14.97 26.50 25.66
N GLU F 6 15.89 26.47 26.61
CA GLU F 6 16.09 25.34 27.49
C GLU F 6 15.62 25.67 28.90
N SER F 7 15.11 24.67 29.59
CA SER F 7 14.66 24.83 30.97
C SER F 7 15.02 23.59 31.78
N GLY F 8 15.15 23.78 33.08
CA GLY F 8 15.49 22.71 33.99
C GLY F 8 16.85 22.80 34.65
N GLY F 9 17.51 23.95 34.61
CA GLY F 9 18.83 24.11 35.18
C GLY F 9 18.83 24.26 36.69
N GLY F 10 19.90 24.85 37.19
CA GLY F 10 20.08 25.05 38.62
C GLY F 10 21.12 24.10 39.20
N LEU F 11 21.27 24.18 40.51
CA LEU F 11 22.23 23.35 41.21
C LEU F 11 21.65 21.95 41.40
N VAL F 12 22.47 20.94 41.09
CA VAL F 12 22.07 19.54 41.19
C VAL F 12 23.08 18.82 42.08
N GLN F 13 22.57 18.06 43.06
CA GLN F 13 23.44 17.27 43.91
C GLN F 13 24.04 16.11 43.13
N PRO F 14 25.27 15.69 43.45
CA PRO F 14 25.87 14.57 42.72
C PRO F 14 25.20 13.24 43.08
N GLY F 15 25.02 12.41 42.06
CA GLY F 15 24.30 11.16 42.21
C GLY F 15 22.80 11.27 42.03
N GLY F 16 22.27 12.47 41.86
CA GLY F 16 20.84 12.68 41.70
C GLY F 16 20.39 12.52 40.25
N SER F 17 19.24 13.12 39.96
CA SER F 17 18.65 13.04 38.64
C SER F 17 17.97 14.37 38.29
N ARG F 18 17.94 14.68 37.00
CA ARG F 18 17.32 15.90 36.51
C ARG F 18 16.90 15.67 35.06
N LYS F 19 15.71 16.16 34.71
CA LYS F 19 15.13 15.95 33.38
C LYS F 19 14.97 17.30 32.69
N LEU F 20 15.74 17.52 31.64
CA LEU F 20 15.68 18.76 30.89
C LEU F 20 14.61 18.69 29.80
N SER F 21 14.09 19.86 29.44
CA SER F 21 13.11 19.97 28.36
C SER F 21 13.42 21.23 27.56
N CYS F 22 13.51 21.08 26.24
CA CYS F 22 13.73 22.20 25.33
C CYS F 22 12.52 22.31 24.40
N SER F 23 11.89 23.47 24.38
CA SER F 23 10.72 23.71 23.56
C SER F 23 11.12 24.37 22.24
N ALA F 24 10.51 23.93 21.15
CA ALA F 24 10.82 24.42 19.81
C ALA F 24 9.66 25.27 19.29
N SER F 25 9.99 26.36 18.62
CA SER F 25 9.00 27.26 18.05
C SER F 25 9.50 27.80 16.74
N GLY F 26 8.61 27.93 15.77
CA GLY F 26 8.91 28.55 14.50
C GLY F 26 9.57 27.66 13.47
N PHE F 27 9.60 26.35 13.68
CA PHE F 27 10.09 25.43 12.67
C PHE F 27 9.49 24.04 12.93
N ALA F 28 9.54 23.20 11.92
CA ALA F 28 8.99 21.85 11.97
C ALA F 28 9.95 20.98 12.78
N PHE F 29 9.59 20.73 14.04
CA PHE F 29 10.46 19.99 14.97
C PHE F 29 10.66 18.54 14.55
N SER F 30 9.68 17.94 13.88
CA SER F 30 9.73 16.51 13.58
C SER F 30 10.72 16.17 12.45
N SER F 31 11.19 17.15 11.69
CA SER F 31 12.05 16.88 10.54
C SER F 31 13.53 17.09 10.81
N PHE F 32 13.92 17.62 11.96
CA PHE F 32 15.31 17.88 12.28
C PHE F 32 15.83 16.85 13.27
N GLY F 33 17.07 16.40 13.04
CA GLY F 33 17.79 15.66 14.06
C GLY F 33 18.34 16.59 15.12
N MET F 34 18.42 16.08 16.35
CA MET F 34 18.69 16.92 17.51
C MET F 34 19.97 16.50 18.22
N HIS F 35 20.85 17.48 18.44
CA HIS F 35 22.14 17.29 19.09
C HIS F 35 22.13 17.97 20.45
N TRP F 36 22.85 17.38 21.41
CA TRP F 36 23.20 18.01 22.66
C TRP F 36 24.69 18.28 22.69
N VAL F 37 25.07 19.53 22.98
CA VAL F 37 26.46 19.95 23.06
C VAL F 37 26.69 20.60 24.41
N ARG F 38 27.72 20.17 25.14
CA ARG F 38 28.05 20.73 26.43
C ARG F 38 29.32 21.57 26.35
N GLN F 39 29.43 22.53 27.28
CA GLN F 39 30.57 23.43 27.32
C GLN F 39 31.03 23.61 28.76
N ALA F 40 32.28 23.30 29.03
CA ALA F 40 32.88 23.57 30.33
C ALA F 40 33.10 25.08 30.48
N PRO F 41 33.14 25.59 31.73
CA PRO F 41 33.35 27.04 31.91
C PRO F 41 34.69 27.56 31.41
N GLU F 42 35.79 26.83 31.65
CA GLU F 42 37.11 27.28 31.21
C GLU F 42 37.72 26.33 30.19
N LYS F 43 36.89 25.61 29.43
CA LYS F 43 37.34 24.75 28.35
C LYS F 43 36.39 24.89 27.18
N GLY F 44 36.67 24.17 26.10
CA GLY F 44 35.90 24.25 24.88
C GLY F 44 34.59 23.48 24.95
N LEU F 45 33.92 23.43 23.81
CA LEU F 45 32.66 22.71 23.67
C LEU F 45 32.91 21.21 23.67
N GLU F 46 31.83 20.43 23.86
CA GLU F 46 31.91 18.98 23.84
C GLU F 46 30.56 18.39 23.49
N TRP F 47 30.56 17.37 22.63
CA TRP F 47 29.34 16.72 22.18
C TRP F 47 28.82 15.74 23.24
N VAL F 48 27.49 15.63 23.33
CA VAL F 48 26.85 14.74 24.30
C VAL F 48 26.13 13.59 23.59
N ALA F 49 25.12 13.90 22.79
CA ALA F 49 24.23 12.86 22.26
C ALA F 49 23.53 13.37 21.01
N TYR F 50 22.88 12.44 20.31
CA TYR F 50 22.12 12.73 19.10
C TYR F 50 20.92 11.80 18.99
N ILE F 51 19.79 12.35 18.57
CA ILE F 51 18.62 11.57 18.18
C ILE F 51 18.20 12.02 16.78
N SER F 52 17.86 11.06 15.93
CA SER F 52 17.45 11.37 14.57
C SER F 52 15.96 11.74 14.52
N SER F 53 15.53 12.22 13.35
CA SER F 53 14.12 12.50 13.13
C SER F 53 13.34 11.20 13.06
N GLY F 54 12.26 11.12 13.85
CA GLY F 54 11.53 9.89 13.96
C GLY F 54 12.12 8.87 14.92
N SER F 55 13.18 9.25 15.64
CA SER F 55 13.85 8.40 16.65
C SER F 55 14.39 7.11 16.05
N GLY F 56 14.91 7.20 14.82
CA GLY F 56 15.39 6.03 14.13
C GLY F 56 16.73 5.52 14.62
N THR F 57 17.65 6.43 14.91
CA THR F 57 18.95 6.06 15.44
C THR F 57 19.33 7.01 16.56
N ILE F 58 20.11 6.50 17.51
CA ILE F 58 20.54 7.24 18.70
C ILE F 58 22.02 6.97 18.92
N TYR F 59 22.81 8.04 19.06
CA TYR F 59 24.24 7.93 19.29
C TYR F 59 24.63 8.68 20.57
N TYR F 60 25.63 8.15 21.25
CA TYR F 60 26.21 8.76 22.45
C TYR F 60 27.72 8.79 22.31
N ALA F 61 28.34 9.70 23.05
CA ALA F 61 29.79 9.64 23.24
C ALA F 61 30.14 8.54 24.23
N ASP F 62 31.39 8.10 24.19
CA ASP F 62 31.82 6.98 25.02
C ASP F 62 31.89 7.34 26.50
N THR F 63 32.18 8.61 26.82
CA THR F 63 32.27 9.03 28.21
C THR F 63 30.90 9.24 28.85
N VAL F 64 29.85 9.43 28.05
CA VAL F 64 28.52 9.72 28.56
C VAL F 64 27.54 8.60 28.26
N LYS F 65 28.03 7.43 27.84
CA LYS F 65 27.17 6.33 27.45
C LYS F 65 26.53 5.68 28.67
N GLY F 66 25.22 5.41 28.58
CA GLY F 66 24.51 4.70 29.62
C GLY F 66 23.82 5.57 30.65
N ARG F 67 24.53 6.57 31.18
CA ARG F 67 23.96 7.43 32.20
C ARG F 67 22.89 8.35 31.65
N PHE F 68 23.07 8.82 30.41
CA PHE F 68 22.17 9.79 29.80
C PHE F 68 21.18 9.08 28.89
N THR F 69 19.92 9.49 28.96
CA THR F 69 18.86 8.95 28.13
C THR F 69 18.21 10.09 27.36
N ILE F 70 18.10 9.95 26.04
CA ILE F 70 17.55 10.98 25.17
C ILE F 70 16.25 10.49 24.56
N SER F 71 15.26 11.38 24.53
CA SER F 71 13.97 11.09 23.91
C SER F 71 13.44 12.37 23.29
N ARG F 72 12.41 12.21 22.45
CA ARG F 72 11.77 13.35 21.83
C ARG F 72 10.31 13.03 21.58
N ASP F 73 9.47 14.06 21.63
CA ASP F 73 8.04 13.91 21.37
C ASP F 73 7.64 14.93 20.30
N ASP F 74 7.30 14.44 19.12
CA ASP F 74 6.92 15.26 17.97
C ASP F 74 5.58 16.00 18.08
N PRO F 75 4.48 15.43 18.63
CA PRO F 75 3.26 16.26 18.77
C PRO F 75 3.37 17.39 19.79
N LYS F 76 4.29 17.31 20.75
CA LYS F 76 4.47 18.37 21.73
C LYS F 76 5.61 19.31 21.40
N ASN F 77 6.46 18.94 20.43
CA ASN F 77 7.61 19.72 19.96
C ASN F 77 8.58 20.05 21.11
N THR F 78 8.91 19.03 21.89
CA THR F 78 9.76 19.18 23.06
C THR F 78 10.81 18.08 23.06
N LEU F 79 12.07 18.47 23.25
CA LEU F 79 13.19 17.53 23.33
C LEU F 79 13.54 17.29 24.79
N PHE F 80 13.58 16.01 25.18
CA PHE F 80 13.81 15.62 26.57
C PHE F 80 15.17 14.97 26.71
N LEU F 81 15.92 15.39 27.72
CA LEU F 81 17.18 14.74 28.12
C LEU F 81 17.02 14.24 29.55
N GLN F 82 17.23 12.93 29.73
CA GLN F 82 17.12 12.30 31.04
C GLN F 82 18.51 12.01 31.58
N MET F 83 18.79 12.49 32.79
CA MET F 83 20.10 12.37 33.40
C MET F 83 20.01 11.53 34.66
N THR F 84 20.88 10.51 34.74
CA THR F 84 20.89 9.59 35.87
C THR F 84 22.34 9.40 36.32
N SER F 85 22.56 9.52 37.64
CA SER F 85 23.86 9.36 38.29
C SER F 85 24.90 10.34 37.73
N LEU F 86 24.64 11.63 37.94
CA LEU F 86 25.54 12.67 37.49
C LEU F 86 26.82 12.68 38.32
N ARG F 87 27.91 13.10 37.69
CA ARG F 87 29.22 13.15 38.31
C ARG F 87 29.74 14.59 38.34
N SER F 88 30.93 14.76 38.90
CA SER F 88 31.52 16.08 39.08
C SER F 88 32.04 16.68 37.77
N GLU F 89 32.14 15.90 36.70
CA GLU F 89 32.60 16.40 35.41
C GLU F 89 31.46 16.88 34.53
N ASP F 90 30.21 16.77 34.98
CA ASP F 90 29.05 17.17 34.19
C ASP F 90 28.63 18.62 34.43
N THR F 91 29.47 19.41 35.08
CA THR F 91 29.18 20.83 35.31
C THR F 91 29.43 21.62 34.02
N ALA F 92 28.41 21.62 33.16
CA ALA F 92 28.53 22.23 31.84
C ALA F 92 27.19 22.82 31.43
N MET F 93 27.25 23.70 30.43
CA MET F 93 26.07 24.32 29.85
C MET F 93 25.64 23.53 28.62
N TYR F 94 24.38 23.09 28.60
CA TYR F 94 23.90 22.17 27.58
C TYR F 94 23.12 22.94 26.51
N TYR F 95 23.47 22.71 25.25
CA TYR F 95 22.83 23.38 24.11
C TYR F 95 21.99 22.39 23.32
N CYS F 96 20.91 22.91 22.72
CA CYS F 96 20.07 22.16 21.80
C CYS F 96 20.35 22.62 20.38
N VAL F 97 20.53 21.66 19.47
CA VAL F 97 20.92 21.96 18.09
C VAL F 97 19.95 21.23 17.17
N ARG F 98 19.43 21.93 16.16
CA ARG F 98 18.66 21.30 15.11
C ARG F 98 19.55 21.05 13.91
N SER F 99 19.36 19.88 13.27
CA SER F 99 20.21 19.49 12.16
C SER F 99 19.39 18.66 11.17
N ILE F 100 19.20 19.19 9.96
CA ILE F 100 18.61 18.44 8.86
C ILE F 100 19.74 17.85 8.02
N TYR F 101 19.51 16.67 7.45
CA TYR F 101 20.53 15.97 6.69
C TYR F 101 19.99 15.58 5.32
N TYR F 102 20.46 16.29 4.30
CA TYR F 102 20.25 15.91 2.90
C TYR F 102 21.41 16.48 2.10
N TYR F 103 21.42 16.21 0.79
CA TYR F 103 22.47 16.74 -0.06
C TYR F 103 22.29 18.24 -0.25
N GLY F 104 23.26 19.01 0.22
CA GLY F 104 23.16 20.45 0.18
C GLY F 104 22.61 21.08 1.45
N SER F 105 22.29 20.26 2.45
CA SER F 105 21.76 20.78 3.71
C SER F 105 22.85 21.46 4.51
N SER F 106 22.41 22.29 5.47
CA SER F 106 23.30 22.98 6.40
C SER F 106 22.93 22.57 7.81
N PRO F 107 23.43 21.45 8.32
CA PRO F 107 23.19 21.09 9.71
C PRO F 107 24.02 21.95 10.66
N PHE F 108 23.67 21.87 11.95
CA PHE F 108 24.26 22.67 13.02
C PHE F 108 24.10 24.17 12.77
N ASP F 109 22.99 24.56 12.13
CA ASP F 109 22.82 25.95 11.72
C ASP F 109 22.25 26.81 12.85
N PHE F 110 21.32 26.28 13.64
CA PHE F 110 20.71 27.03 14.73
C PHE F 110 21.04 26.36 16.05
N TRP F 111 21.55 27.15 16.99
CA TRP F 111 21.99 26.69 18.30
C TRP F 111 21.09 27.28 19.37
N GLY F 112 20.92 26.54 20.46
CA GLY F 112 20.08 26.97 21.55
C GLY F 112 20.74 28.04 22.40
N GLN F 113 20.07 28.39 23.50
CA GLN F 113 20.56 29.43 24.40
C GLN F 113 21.44 28.88 25.50
N GLY F 114 21.19 27.66 25.96
CA GLY F 114 22.04 27.04 26.95
C GLY F 114 21.52 27.20 28.37
N THR F 115 21.41 26.08 29.09
CA THR F 115 20.99 26.08 30.48
C THR F 115 22.17 25.77 31.39
N THR F 116 22.25 26.49 32.51
CA THR F 116 23.38 26.37 33.42
C THR F 116 23.17 25.19 34.37
N LEU F 117 24.19 24.34 34.49
CA LEU F 117 24.13 23.20 35.39
C LEU F 117 25.47 23.12 36.13
N THR F 118 25.42 23.36 37.44
CA THR F 118 26.62 23.33 38.28
C THR F 118 26.44 22.27 39.36
N VAL F 119 27.43 21.38 39.48
CA VAL F 119 27.42 20.33 40.50
C VAL F 119 28.59 20.56 41.44
N SER F 120 28.36 20.30 42.73
CA SER F 120 29.36 20.47 43.77
C SER F 120 29.63 19.12 44.43
N ALA F 121 30.91 18.74 44.50
CA ALA F 121 31.30 17.48 45.11
C ALA F 121 31.12 17.52 46.63
N ASP F 138 38.85 7.11 17.73
CA ASP F 138 38.33 8.46 17.92
C ASP F 138 39.21 9.49 17.22
N ILE F 139 38.61 10.26 16.31
CA ILE F 139 39.33 11.28 15.57
C ILE F 139 39.63 12.45 16.50
N VAL F 140 40.91 12.73 16.69
CA VAL F 140 41.35 13.79 17.60
C VAL F 140 41.56 15.07 16.80
N MET F 141 40.78 16.10 17.11
CA MET F 141 40.93 17.40 16.46
C MET F 141 41.87 18.26 17.29
N THR F 142 42.92 18.79 16.66
CA THR F 142 44.02 19.43 17.36
C THR F 142 44.15 20.89 16.90
N GLN F 143 43.91 21.82 17.82
CA GLN F 143 44.21 23.23 17.58
C GLN F 143 45.70 23.48 17.80
N ALA F 144 46.40 23.89 16.73
CA ALA F 144 47.83 24.15 16.86
C ALA F 144 48.10 25.40 17.68
N THR F 145 47.34 26.47 17.44
CA THR F 145 47.45 27.69 18.21
C THR F 145 46.38 27.74 19.30
N SER F 146 46.54 28.69 20.21
CA SER F 146 45.58 28.89 21.30
C SER F 146 45.04 30.30 21.35
N SER F 147 45.88 31.31 21.10
CA SER F 147 45.43 32.70 21.09
C SER F 147 46.38 33.50 20.21
N VAL F 148 45.81 34.34 19.35
CA VAL F 148 46.59 35.17 18.44
C VAL F 148 46.10 36.61 18.56
N PRO F 149 46.96 37.56 18.96
CA PRO F 149 46.53 38.97 18.99
C PRO F 149 46.48 39.55 17.59
N VAL F 150 45.31 40.06 17.21
CA VAL F 150 45.07 40.55 15.86
C VAL F 150 44.53 41.98 15.93
N THR F 151 44.67 42.70 14.80
CA THR F 151 44.19 44.05 14.61
C THR F 151 43.08 44.08 13.56
N PRO F 152 42.05 44.91 13.73
CA PRO F 152 40.95 44.97 12.75
C PRO F 152 41.42 45.55 11.42
N GLY F 153 41.37 44.73 10.37
CA GLY F 153 41.74 45.16 9.04
C GLY F 153 42.66 44.19 8.33
N GLU F 154 43.55 43.54 9.07
CA GLU F 154 44.46 42.59 8.49
C GLU F 154 43.80 41.22 8.36
N SER F 155 44.37 40.39 7.49
CA SER F 155 43.89 39.04 7.30
C SER F 155 44.34 38.15 8.46
N VAL F 156 43.41 37.33 8.94
CA VAL F 156 43.65 36.45 10.10
C VAL F 156 43.66 35.02 9.61
N SER F 157 44.70 34.27 9.96
CA SER F 157 44.84 32.87 9.57
C SER F 157 44.64 31.99 10.79
N ILE F 158 43.72 31.03 10.67
CA ILE F 158 43.40 30.09 11.75
C ILE F 158 43.56 28.69 11.20
N SER F 159 44.38 27.87 11.85
CA SER F 159 44.67 26.52 11.38
C SER F 159 44.11 25.49 12.36
N CYS F 160 43.53 24.43 11.81
CA CYS F 160 43.08 23.27 12.55
C CYS F 160 43.64 22.01 11.92
N ARG F 161 43.90 21.01 12.73
CA ARG F 161 44.45 19.73 12.28
C ARG F 161 43.62 18.59 12.84
N SER F 162 43.68 17.46 12.16
CA SER F 162 42.91 16.27 12.49
C SER F 162 43.83 15.08 12.69
N SER F 163 43.29 14.04 13.30
CA SER F 163 44.00 12.77 13.44
C SER F 163 43.68 11.80 12.31
N LYS F 164 42.65 12.08 11.52
CA LYS F 164 42.23 11.21 10.42
C LYS F 164 41.85 12.09 9.24
N SER F 165 42.14 11.62 8.03
CA SER F 165 41.78 12.35 6.82
C SER F 165 40.26 12.37 6.66
N LEU F 166 39.69 13.58 6.67
CA LEU F 166 38.25 13.75 6.62
C LEU F 166 37.71 13.70 5.20
N LEU F 167 38.56 13.58 4.19
CA LEU F 167 38.13 13.51 2.80
C LEU F 167 37.47 12.16 2.54
N HIS F 168 36.15 12.17 2.43
CA HIS F 168 35.40 10.95 2.15
C HIS F 168 35.44 10.68 0.64
N SER F 169 35.14 9.43 0.26
CA SER F 169 35.25 8.99 -1.12
C SER F 169 34.23 9.65 -2.06
N ASN F 170 33.14 10.19 -1.52
CA ASN F 170 32.19 10.91 -2.34
C ASN F 170 32.63 12.33 -2.67
N GLY F 171 33.70 12.83 -2.05
CA GLY F 171 34.22 14.16 -2.29
C GLY F 171 33.96 15.14 -1.16
N ASN F 172 33.12 14.79 -0.20
CA ASN F 172 32.77 15.70 0.89
C ASN F 172 33.77 15.59 2.03
N THR F 173 34.21 16.75 2.53
CA THR F 173 35.12 16.82 3.68
C THR F 173 34.33 17.38 4.86
N TYR F 174 34.12 16.54 5.88
CA TYR F 174 33.18 16.86 6.95
C TYR F 174 33.91 17.63 8.05
N LEU F 175 34.17 18.90 7.78
CA LEU F 175 34.73 19.82 8.77
C LEU F 175 33.84 21.05 8.85
N TYR F 176 33.34 21.34 10.05
CA TYR F 176 32.45 22.48 10.26
C TYR F 176 33.15 23.51 11.14
N TRP F 177 32.98 24.78 10.79
CA TRP F 177 33.61 25.90 11.49
C TRP F 177 32.56 26.69 12.25
N PHE F 178 32.83 26.96 13.53
CA PHE F 178 31.90 27.68 14.39
C PHE F 178 32.57 28.89 15.02
N LEU F 179 31.75 29.90 15.34
CA LEU F 179 32.19 31.07 16.09
C LEU F 179 31.26 31.26 17.27
N GLN F 180 31.81 31.24 18.47
CA GLN F 180 31.06 31.49 19.70
C GLN F 180 31.43 32.88 20.21
N ARG F 181 30.54 33.84 20.01
CA ARG F 181 30.77 35.19 20.50
C ARG F 181 30.64 35.22 22.01
N PRO F 182 31.43 36.04 22.70
CA PRO F 182 31.39 36.08 24.18
C PRO F 182 30.05 36.58 24.71
N GLY F 183 29.41 35.72 25.51
CA GLY F 183 28.09 36.03 26.03
C GLY F 183 26.94 35.72 25.09
N GLN F 184 27.19 35.04 23.98
CA GLN F 184 26.15 34.70 23.01
C GLN F 184 26.30 33.24 22.61
N SER F 185 25.26 32.74 21.94
CA SER F 185 25.27 31.37 21.44
C SER F 185 26.18 31.25 20.22
N PRO F 186 26.83 30.11 20.04
CA PRO F 186 27.67 29.93 18.84
C PRO F 186 26.83 29.77 17.59
N GLN F 187 27.43 30.15 16.46
CA GLN F 187 26.77 30.07 15.16
C GLN F 187 27.68 29.36 14.16
N LEU F 188 27.05 28.74 13.17
CA LEU F 188 27.79 28.09 12.08
C LEU F 188 28.34 29.15 11.12
N LEU F 189 29.61 29.00 10.74
CA LEU F 189 30.23 29.86 9.75
C LEU F 189 30.36 29.17 8.39
N ILE F 190 31.05 28.03 8.36
CA ILE F 190 31.37 27.31 7.13
C ILE F 190 31.07 25.84 7.36
N TYR F 191 30.26 25.25 6.49
CA TYR F 191 29.95 23.82 6.57
C TYR F 191 30.49 23.11 5.33
N ARG F 192 31.15 21.97 5.57
CA ARG F 192 31.75 21.05 4.59
C ARG F 192 32.89 21.67 3.80
N MET F 193 33.42 22.82 4.25
CA MET F 193 34.63 23.55 3.86
C MET F 193 34.54 24.19 2.48
N SER F 194 33.48 23.89 1.73
CA SER F 194 33.25 24.50 0.42
C SER F 194 32.07 25.46 0.40
N ASN F 195 31.26 25.49 1.46
CA ASN F 195 30.00 26.23 1.45
C ASN F 195 29.92 27.14 2.67
N LEU F 196 29.44 28.36 2.45
CA LEU F 196 29.19 29.31 3.52
C LEU F 196 27.78 29.09 4.08
N ALA F 197 27.64 29.28 5.38
CA ALA F 197 26.35 29.13 6.02
C ALA F 197 25.43 30.29 5.66
N SER F 198 24.12 30.04 5.74
CA SER F 198 23.12 31.05 5.43
C SER F 198 23.13 32.15 6.49
N GLY F 199 23.44 33.38 6.06
CA GLY F 199 23.59 34.49 6.97
C GLY F 199 25.02 34.87 7.28
N VAL F 200 25.99 34.18 6.71
CA VAL F 200 27.41 34.45 6.94
C VAL F 200 27.95 35.23 5.75
N PRO F 201 28.62 36.37 5.96
CA PRO F 201 29.15 37.15 4.84
C PRO F 201 30.32 36.49 4.12
N ASP F 202 30.81 37.16 3.08
CA ASP F 202 31.94 36.71 2.26
C ASP F 202 33.29 36.98 2.94
N ARG F 203 33.28 37.45 4.19
CA ARG F 203 34.52 37.70 4.90
C ARG F 203 35.20 36.40 5.34
N PHE F 204 34.42 35.36 5.60
CA PHE F 204 34.95 34.06 5.98
C PHE F 204 35.16 33.20 4.75
N SER F 205 36.26 32.43 4.75
CA SER F 205 36.54 31.49 3.67
C SER F 205 37.36 30.34 4.21
N GLY F 206 37.02 29.13 3.77
CA GLY F 206 37.69 27.91 4.22
C GLY F 206 38.47 27.28 3.09
N SER F 207 39.66 26.79 3.41
CA SER F 207 40.53 26.15 2.43
C SER F 207 41.40 25.10 3.14
N GLY F 208 42.09 24.31 2.33
CA GLY F 208 42.99 23.29 2.83
C GLY F 208 42.65 21.94 2.25
N SER F 209 43.19 20.90 2.89
CA SER F 209 43.00 19.52 2.45
C SER F 209 42.91 18.65 3.69
N GLY F 210 43.03 17.34 3.48
CA GLY F 210 43.08 16.38 4.57
C GLY F 210 44.25 16.60 5.50
N THR F 211 43.97 16.65 6.81
CA THR F 211 44.86 16.70 7.97
C THR F 211 45.51 18.09 8.11
N ALA F 212 45.29 19.00 7.17
CA ALA F 212 45.84 20.35 7.23
C ALA F 212 44.80 21.31 6.69
N PHE F 213 44.17 22.08 7.58
CA PHE F 213 43.11 23.01 7.21
C PHE F 213 43.52 24.43 7.56
N THR F 214 42.91 25.38 6.85
CA THR F 214 43.22 26.80 7.02
C THR F 214 41.93 27.60 6.96
N LEU F 215 41.78 28.56 7.88
CA LEU F 215 40.66 29.48 7.89
C LEU F 215 41.19 30.90 7.74
N THR F 216 40.59 31.65 6.82
CA THR F 216 41.03 33.01 6.51
C THR F 216 39.87 33.97 6.71
N ILE F 217 40.15 35.09 7.39
CA ILE F 217 39.15 36.10 7.68
C ILE F 217 39.69 37.43 7.15
N SER F 218 39.22 37.84 5.98
CA SER F 218 39.52 39.15 5.42
C SER F 218 38.52 40.17 5.92
N ARG F 219 38.99 41.42 6.09
CA ARG F 219 38.22 42.55 6.61
C ARG F 219 37.65 42.22 8.00
N LEU F 220 38.58 42.14 8.95
CA LEU F 220 38.25 41.76 10.32
C LEU F 220 37.31 42.78 10.96
N GLU F 221 36.35 42.27 11.73
CA GLU F 221 35.34 43.08 12.39
C GLU F 221 35.37 42.75 13.88
N ALA F 222 34.90 43.71 14.69
CA ALA F 222 34.83 43.49 16.14
C ALA F 222 33.83 42.40 16.50
N GLU F 223 32.78 42.23 15.71
CA GLU F 223 31.82 41.15 15.95
C GLU F 223 32.42 39.79 15.63
N ASP F 224 33.40 39.74 14.72
CA ASP F 224 34.04 38.49 14.36
C ASP F 224 34.92 37.95 15.49
N VAL F 225 35.38 38.83 16.39
CA VAL F 225 36.21 38.44 17.52
C VAL F 225 35.44 37.50 18.44
N GLY F 226 35.99 36.31 18.68
CA GLY F 226 35.37 35.31 19.52
C GLY F 226 36.20 34.05 19.62
N VAL F 227 35.56 32.91 19.83
CA VAL F 227 36.23 31.62 19.95
C VAL F 227 35.85 30.77 18.75
N TYR F 228 36.86 30.27 18.04
CA TYR F 228 36.68 29.53 16.79
C TYR F 228 36.89 28.05 17.03
N TYR F 229 35.94 27.24 16.58
CA TYR F 229 35.96 25.80 16.76
C TYR F 229 35.98 25.10 15.41
N CYS F 230 36.78 24.04 15.30
CA CYS F 230 36.75 23.13 14.17
C CYS F 230 36.14 21.82 14.62
N MET F 231 35.12 21.36 13.90
CA MET F 231 34.36 20.17 14.28
C MET F 231 34.34 19.18 13.11
N GLN F 232 34.66 17.93 13.40
CA GLN F 232 34.55 16.86 12.43
C GLN F 232 33.18 16.19 12.50
N HIS F 233 32.72 15.68 11.37
CA HIS F 233 31.47 14.93 11.31
C HIS F 233 31.63 13.71 10.42
N LEU F 234 32.77 13.03 10.54
CA LEU F 234 33.04 11.84 9.73
C LEU F 234 32.45 10.58 10.36
N GLU F 235 32.55 10.45 11.68
CA GLU F 235 32.01 9.30 12.38
C GLU F 235 31.70 9.69 13.82
N TYR F 236 30.77 8.94 14.42
CA TYR F 236 30.45 9.13 15.82
C TYR F 236 31.45 8.37 16.70
N PRO F 237 31.79 8.90 17.90
CA PRO F 237 31.34 10.13 18.55
C PRO F 237 31.99 11.40 18.01
N LEU F 238 31.26 12.50 18.02
CA LEU F 238 31.77 13.77 17.52
C LEU F 238 32.76 14.35 18.52
N THR F 239 33.98 14.62 18.07
CA THR F 239 35.04 15.18 18.89
C THR F 239 35.39 16.56 18.36
N PHE F 240 35.51 17.52 19.25
CA PHE F 240 35.60 18.91 18.84
C PHE F 240 37.05 19.39 18.91
N GLY F 241 37.26 20.68 18.64
CA GLY F 241 38.56 21.30 18.81
C GLY F 241 38.70 21.94 20.18
N ALA F 242 39.91 22.44 20.43
CA ALA F 242 40.18 23.13 21.69
C ALA F 242 39.54 24.51 21.72
N GLY F 243 39.64 25.25 20.61
CA GLY F 243 39.04 26.56 20.52
C GLY F 243 40.04 27.69 20.40
N THR F 244 40.16 28.25 19.20
CA THR F 244 41.07 29.35 18.94
C THR F 244 40.36 30.67 19.23
N LYS F 245 40.86 31.41 20.21
CA LYS F 245 40.28 32.68 20.62
C LYS F 245 41.13 33.83 20.11
N LEU F 246 40.48 34.85 19.55
CA LEU F 246 41.16 36.07 19.12
C LEU F 246 40.90 37.20 20.10
N GLU F 247 41.76 38.20 20.05
CA GLU F 247 41.64 39.36 20.92
C GLU F 247 42.15 40.59 20.17
N LEU F 248 41.96 41.76 20.78
CA LEU F 248 42.34 43.01 20.17
C LEU F 248 43.34 43.78 21.04
N SER G 73 -29.19 4.59 34.42
CA SER G 73 -28.45 3.86 35.44
C SER G 73 -29.11 3.99 36.81
N MET G 74 -30.43 3.74 36.85
CA MET G 74 -31.18 3.82 38.10
C MET G 74 -31.49 2.43 38.69
N ILE G 75 -32.18 1.57 37.94
CA ILE G 75 -32.52 0.23 38.39
C ILE G 75 -31.73 -0.82 37.62
N THR G 76 -31.56 -0.60 36.32
CA THR G 76 -30.93 -1.58 35.43
C THR G 76 -29.48 -1.86 35.79
N ALA G 77 -28.71 -0.81 36.10
CA ALA G 77 -27.30 -0.98 36.46
C ALA G 77 -27.13 -1.74 37.76
N ILE G 78 -27.92 -1.39 38.77
CA ILE G 78 -27.91 -2.09 40.06
C ILE G 78 -28.30 -3.55 39.88
N THR G 79 -29.33 -3.80 39.07
CA THR G 79 -29.78 -5.17 38.79
C THR G 79 -28.69 -5.99 38.11
N ILE G 80 -28.03 -5.42 37.10
CA ILE G 80 -26.96 -6.12 36.38
C ILE G 80 -25.76 -6.38 37.28
N MET G 81 -25.37 -5.40 38.10
CA MET G 81 -24.25 -5.58 39.02
C MET G 81 -24.55 -6.61 40.09
N ALA G 82 -25.78 -6.62 40.61
CA ALA G 82 -26.16 -7.63 41.60
C ALA G 82 -26.22 -9.02 40.98
N LEU G 83 -26.67 -9.11 39.72
CA LEU G 83 -26.73 -10.40 39.03
C LEU G 83 -25.33 -10.97 38.82
N TYR G 84 -24.41 -10.16 38.30
CA TYR G 84 -23.04 -10.64 38.11
C TYR G 84 -22.33 -10.90 39.44
N SER G 85 -22.69 -10.16 40.50
CA SER G 85 -22.09 -10.44 41.81
C SER G 85 -22.56 -11.79 42.35
N ILE G 86 -23.86 -12.09 42.21
CA ILE G 86 -24.38 -13.40 42.65
C ILE G 86 -23.78 -14.53 41.82
N VAL G 87 -23.66 -14.32 40.49
CA VAL G 87 -23.06 -15.31 39.60
C VAL G 87 -21.60 -15.57 39.97
N CYS G 88 -20.84 -14.50 40.26
CA CYS G 88 -19.44 -14.66 40.62
C CYS G 88 -19.26 -15.35 41.97
N VAL G 89 -20.10 -15.01 42.95
CA VAL G 89 -19.99 -15.63 44.28
C VAL G 89 -20.33 -17.11 44.22
N VAL G 90 -21.42 -17.46 43.52
CA VAL G 90 -21.83 -18.87 43.38
C VAL G 90 -20.77 -19.66 42.61
N GLY G 91 -20.21 -19.07 41.55
CA GLY G 91 -19.22 -19.77 40.76
C GLY G 91 -17.91 -20.00 41.49
N LEU G 92 -17.40 -18.97 42.19
CA LEU G 92 -16.18 -19.13 42.95
C LEU G 92 -16.36 -20.08 44.13
N PHE G 93 -17.54 -20.03 44.79
CA PHE G 93 -17.81 -20.93 45.90
C PHE G 93 -17.87 -22.38 45.44
N GLY G 94 -18.57 -22.64 44.34
CA GLY G 94 -18.64 -24.01 43.82
C GLY G 94 -17.31 -24.53 43.31
N ASN G 95 -16.56 -23.69 42.60
CA ASN G 95 -15.28 -24.13 42.03
C ASN G 95 -14.24 -24.39 43.12
N PHE G 96 -14.10 -23.47 44.08
CA PHE G 96 -13.13 -23.71 45.14
C PHE G 96 -13.60 -24.78 46.11
N LEU G 97 -14.91 -25.00 46.25
CA LEU G 97 -15.38 -26.12 47.07
C LEU G 97 -15.05 -27.47 46.43
N VAL G 98 -15.23 -27.58 45.11
CA VAL G 98 -14.89 -28.81 44.40
C VAL G 98 -13.38 -29.04 44.43
N MET G 99 -12.58 -27.98 44.23
CA MET G 99 -11.13 -28.13 44.30
C MET G 99 -10.66 -28.45 45.71
N TYR G 100 -11.35 -27.95 46.74
CA TYR G 100 -10.99 -28.26 48.11
C TYR G 100 -11.31 -29.72 48.45
N VAL G 101 -12.44 -30.23 47.97
CA VAL G 101 -12.79 -31.63 48.20
C VAL G 101 -11.82 -32.56 47.46
N ILE G 102 -11.44 -32.20 46.23
CA ILE G 102 -10.52 -33.02 45.45
C ILE G 102 -9.12 -33.03 46.07
N VAL G 103 -8.65 -31.88 46.55
CA VAL G 103 -7.31 -31.82 47.16
C VAL G 103 -7.30 -32.53 48.52
N ARG G 104 -8.28 -32.23 49.38
CA ARG G 104 -8.25 -32.76 50.73
C ARG G 104 -8.67 -34.22 50.83
N TYR G 105 -9.42 -34.75 49.87
CA TYR G 105 -9.92 -36.11 50.00
C TYR G 105 -9.48 -37.03 48.86
N THR G 106 -9.64 -36.59 47.61
CA THR G 106 -9.41 -37.48 46.48
C THR G 106 -7.92 -37.57 46.13
N LYS G 107 -7.23 -36.43 46.09
CA LYS G 107 -5.80 -36.28 45.79
C LYS G 107 -5.44 -36.73 44.37
N MET G 108 -6.45 -36.81 43.49
CA MET G 108 -6.31 -37.03 42.04
C MET G 108 -5.62 -38.35 41.72
N LYS G 109 -6.19 -39.43 42.25
CA LYS G 109 -5.70 -40.77 41.98
C LYS G 109 -6.48 -41.47 40.88
N THR G 110 -7.49 -40.82 40.31
CA THR G 110 -8.35 -41.39 39.29
C THR G 110 -8.45 -40.39 38.14
N ALA G 111 -8.64 -40.91 36.92
CA ALA G 111 -8.65 -40.07 35.72
C ALA G 111 -9.81 -39.10 35.70
N THR G 112 -11.01 -39.58 36.05
CA THR G 112 -12.22 -38.76 36.02
C THR G 112 -12.13 -37.61 37.02
N ASN G 113 -11.51 -37.87 38.18
CA ASN G 113 -11.30 -36.81 39.16
C ASN G 113 -10.29 -35.78 38.69
N ILE G 114 -9.32 -36.20 37.85
CA ILE G 114 -8.40 -35.25 37.24
C ILE G 114 -9.13 -34.36 36.23
N TYR G 115 -10.06 -34.95 35.47
CA TYR G 115 -10.86 -34.14 34.55
C TYR G 115 -11.78 -33.17 35.29
N ILE G 116 -12.35 -33.61 36.42
CA ILE G 116 -13.22 -32.75 37.22
C ILE G 116 -12.40 -31.62 37.86
N PHE G 117 -11.17 -31.91 38.28
CA PHE G 117 -10.30 -30.88 38.85
C PHE G 117 -9.90 -29.85 37.80
N ASN G 118 -9.58 -30.30 36.59
CA ASN G 118 -9.23 -29.36 35.53
C ASN G 118 -10.43 -28.53 35.09
N LEU G 119 -11.63 -29.15 35.11
CA LEU G 119 -12.86 -28.40 34.85
C LEU G 119 -13.10 -27.33 35.91
N ALA G 120 -12.91 -27.68 37.18
CA ALA G 120 -13.11 -26.72 38.26
C ALA G 120 -12.09 -25.59 38.21
N LEU G 121 -10.84 -25.91 37.85
CA LEU G 121 -9.80 -24.88 37.73
C LEU G 121 -10.09 -23.95 36.56
N ALA G 122 -10.52 -24.50 35.42
CA ALA G 122 -10.85 -23.66 34.26
C ALA G 122 -12.06 -22.79 34.53
N ASP G 123 -13.07 -23.33 35.21
CA ASP G 123 -14.25 -22.52 35.55
C ASP G 123 -13.92 -21.47 36.60
N ALA G 124 -13.03 -21.77 37.54
CA ALA G 124 -12.62 -20.77 38.53
C ALA G 124 -11.83 -19.63 37.88
N LEU G 125 -10.93 -19.97 36.96
CA LEU G 125 -10.17 -18.92 36.28
C LEU G 125 -11.05 -18.14 35.30
N ALA G 126 -12.11 -18.75 34.76
CA ALA G 126 -13.04 -18.01 33.92
C ALA G 126 -13.93 -17.09 34.75
N THR G 127 -14.34 -17.55 35.94
CA THR G 127 -15.15 -16.73 36.83
C THR G 127 -14.35 -15.63 37.51
N SER G 128 -13.03 -15.79 37.60
CA SER G 128 -12.18 -14.76 38.21
C SER G 128 -12.13 -13.48 37.39
N THR G 129 -12.36 -13.56 36.08
CA THR G 129 -12.33 -12.36 35.24
C THR G 129 -13.63 -11.56 35.31
N LEU G 130 -14.64 -12.06 36.01
CA LEU G 130 -15.95 -11.42 36.09
C LEU G 130 -16.02 -10.15 36.98
N PRO G 131 -15.34 -10.06 38.14
CA PRO G 131 -15.36 -8.76 38.85
C PRO G 131 -14.66 -7.64 38.09
N PHE G 132 -13.65 -7.95 37.26
CA PHE G 132 -13.03 -6.92 36.44
C PHE G 132 -14.01 -6.40 35.39
N GLN G 133 -14.82 -7.29 34.83
CA GLN G 133 -15.85 -6.88 33.89
C GLN G 133 -16.96 -6.11 34.59
N SER G 134 -17.26 -6.45 35.84
CA SER G 134 -18.26 -5.71 36.61
C SER G 134 -17.80 -4.30 36.92
N VAL G 135 -16.53 -4.14 37.32
CA VAL G 135 -15.97 -2.81 37.58
C VAL G 135 -15.88 -2.00 36.28
N ASN G 136 -15.56 -2.68 35.16
CA ASN G 136 -15.51 -2.00 33.87
C ASN G 136 -16.90 -1.52 33.43
N TYR G 137 -17.95 -2.30 33.73
CA TYR G 137 -19.31 -1.87 33.40
C TYR G 137 -19.78 -0.74 34.32
N LEU G 138 -19.50 -0.84 35.62
CA LEU G 138 -19.98 0.17 36.56
C LEU G 138 -19.27 1.51 36.37
N MET G 139 -17.95 1.50 36.21
CA MET G 139 -17.23 2.74 36.03
C MET G 139 -17.41 3.29 34.62
N GLY G 140 -17.37 2.42 33.61
CA GLY G 140 -17.39 2.87 32.23
C GLY G 140 -16.03 3.03 31.61
N THR G 141 -14.97 2.78 32.36
CA THR G 141 -13.60 2.92 31.88
C THR G 141 -12.74 1.87 32.57
N TRP G 142 -11.53 1.68 32.06
CA TRP G 142 -10.61 0.68 32.60
C TRP G 142 -9.48 1.36 33.35
N PRO G 143 -9.48 1.33 34.69
CA PRO G 143 -8.38 1.95 35.46
C PRO G 143 -7.26 0.99 35.84
N PHE G 144 -7.38 -0.29 35.48
CA PHE G 144 -6.45 -1.31 35.99
C PHE G 144 -5.10 -1.30 35.29
N GLY G 145 -4.97 -0.67 34.14
CA GLY G 145 -3.71 -0.63 33.42
C GLY G 145 -3.70 -1.57 32.23
N THR G 146 -2.68 -1.38 31.38
CA THR G 146 -2.58 -2.14 30.13
C THR G 146 -2.19 -3.60 30.41
N ILE G 147 -1.27 -3.83 31.35
CA ILE G 147 -0.75 -5.17 31.62
C ILE G 147 -1.85 -6.06 32.21
N LEU G 148 -2.60 -5.53 33.18
CA LEU G 148 -3.68 -6.32 33.77
C LEU G 148 -4.85 -6.48 32.80
N CYS G 149 -5.03 -5.51 31.89
CA CYS G 149 -5.99 -5.68 30.78
C CYS G 149 -5.61 -6.88 29.92
N LYS G 150 -4.32 -6.99 29.57
CA LYS G 150 -3.84 -8.12 28.78
C LYS G 150 -4.02 -9.43 29.53
N ILE G 151 -3.69 -9.44 30.82
CA ILE G 151 -3.74 -10.67 31.62
C ILE G 151 -5.19 -11.15 31.78
N VAL G 152 -6.12 -10.23 32.09
CA VAL G 152 -7.50 -10.63 32.35
C VAL G 152 -8.21 -11.05 31.05
N ILE G 153 -7.95 -10.33 29.94
CA ILE G 153 -8.54 -10.73 28.66
C ILE G 153 -7.98 -12.08 28.19
N SER G 154 -6.67 -12.29 28.38
CA SER G 154 -6.07 -13.57 27.99
C SER G 154 -6.60 -14.72 28.84
N ILE G 155 -6.78 -14.50 30.14
CA ILE G 155 -7.32 -15.53 31.02
C ILE G 155 -8.78 -15.86 30.66
N ASP G 156 -9.58 -14.84 30.31
CA ASP G 156 -10.99 -15.08 29.97
C ASP G 156 -11.12 -15.88 28.67
N TYR G 157 -10.49 -15.39 27.59
CA TYR G 157 -10.54 -16.09 26.30
C TYR G 157 -9.85 -17.44 26.35
N TYR G 158 -8.83 -17.59 27.19
CA TYR G 158 -8.13 -18.86 27.35
C TYR G 158 -8.98 -19.89 28.08
N ASN G 159 -9.54 -19.50 29.22
CA ASN G 159 -10.23 -20.46 30.07
C ASN G 159 -11.64 -20.78 29.62
N MET G 160 -12.28 -19.96 28.76
CA MET G 160 -13.53 -20.43 28.17
C MET G 160 -13.28 -21.64 27.26
N PHE G 161 -12.32 -21.53 26.35
CA PHE G 161 -11.94 -22.67 25.50
C PHE G 161 -11.37 -23.82 26.33
N THR G 162 -10.69 -23.53 27.44
CA THR G 162 -10.20 -24.60 28.29
C THR G 162 -11.35 -25.38 28.93
N SER G 163 -12.36 -24.67 29.45
CA SER G 163 -13.52 -25.33 30.06
C SER G 163 -14.32 -26.11 29.03
N ILE G 164 -14.51 -25.55 27.83
CA ILE G 164 -15.30 -26.23 26.80
C ILE G 164 -14.56 -27.45 26.25
N PHE G 165 -13.23 -27.35 26.09
CA PHE G 165 -12.45 -28.51 25.68
C PHE G 165 -12.40 -29.58 26.77
N THR G 166 -12.45 -29.17 28.04
CA THR G 166 -12.56 -30.14 29.12
C THR G 166 -13.91 -30.84 29.09
N LEU G 167 -14.98 -30.11 28.76
CA LEU G 167 -16.30 -30.73 28.61
C LEU G 167 -16.34 -31.73 27.46
N CYS G 168 -15.74 -31.37 26.32
CA CYS G 168 -15.66 -32.28 25.18
C CYS G 168 -14.80 -33.50 25.51
N THR G 169 -13.73 -33.30 26.28
CA THR G 169 -12.86 -34.41 26.65
C THR G 169 -13.56 -35.37 27.61
N MET G 170 -14.36 -34.85 28.54
CA MET G 170 -15.14 -35.73 29.41
C MET G 170 -16.25 -36.46 28.64
N SER G 171 -16.81 -35.81 27.61
CA SER G 171 -17.78 -36.49 26.75
C SER G 171 -17.13 -37.64 26.00
N VAL G 172 -15.93 -37.41 25.46
CA VAL G 172 -15.18 -38.47 24.77
C VAL G 172 -14.78 -39.58 25.74
N ASP G 173 -14.45 -39.21 26.98
CA ASP G 173 -14.09 -40.19 28.01
C ASP G 173 -15.27 -41.09 28.33
N ARG G 174 -16.47 -40.52 28.50
CA ARG G 174 -17.64 -41.34 28.79
C ARG G 174 -18.06 -42.17 27.58
N TYR G 175 -17.86 -41.65 26.37
CA TYR G 175 -18.16 -42.41 25.16
C TYR G 175 -17.25 -43.62 25.03
N ILE G 176 -15.94 -43.45 25.27
CA ILE G 176 -15.01 -44.58 25.22
C ILE G 176 -15.28 -45.54 26.37
N ALA G 177 -15.66 -45.01 27.54
CA ALA G 177 -15.94 -45.85 28.70
C ALA G 177 -17.16 -46.74 28.50
N VAL G 178 -18.16 -46.27 27.77
CA VAL G 178 -19.34 -47.09 27.53
C VAL G 178 -19.19 -47.94 26.27
N CYS G 179 -18.94 -47.29 25.13
CA CYS G 179 -19.05 -47.99 23.85
C CYS G 179 -17.85 -48.88 23.53
N HIS G 180 -16.63 -48.49 23.92
CA HIS G 180 -15.41 -49.23 23.58
C HIS G 180 -14.68 -49.62 24.86
N PRO G 181 -15.16 -50.65 25.57
CA PRO G 181 -14.62 -50.93 26.92
C PRO G 181 -13.21 -51.49 26.94
N VAL G 182 -12.92 -52.39 25.99
CA VAL G 182 -11.59 -53.00 25.90
C VAL G 182 -10.54 -51.95 25.60
N LYS G 183 -10.87 -51.01 24.71
CA LYS G 183 -10.01 -49.86 24.48
C LYS G 183 -10.10 -48.83 25.59
N ALA G 184 -11.20 -48.79 26.35
CA ALA G 184 -11.26 -47.93 27.52
C ALA G 184 -10.32 -48.40 28.63
N LEU G 185 -9.97 -49.69 28.64
CA LEU G 185 -8.91 -50.16 29.53
C LEU G 185 -7.58 -49.47 29.21
N ASP G 186 -7.31 -49.21 27.92
CA ASP G 186 -6.13 -48.44 27.54
C ASP G 186 -6.33 -46.96 27.81
N PHE G 187 -7.54 -46.46 27.56
CA PHE G 187 -7.81 -45.02 27.59
C PHE G 187 -7.90 -44.50 29.02
N ARG G 188 -8.74 -45.11 29.85
CA ARG G 188 -9.02 -44.64 31.20
C ARG G 188 -7.87 -44.97 32.18
N THR G 189 -6.74 -44.31 31.96
CA THR G 189 -5.60 -44.37 32.85
C THR G 189 -5.25 -42.95 33.28
N PRO G 190 -4.70 -42.77 34.49
CA PRO G 190 -4.33 -41.40 34.92
C PRO G 190 -3.27 -40.74 34.07
N ARG G 191 -2.30 -41.51 33.54
CA ARG G 191 -1.28 -40.95 32.67
C ARG G 191 -1.86 -40.41 31.38
N ASN G 192 -2.80 -41.16 30.77
CA ASN G 192 -3.44 -40.71 29.53
C ASN G 192 -4.31 -39.49 29.78
N ALA G 193 -4.96 -39.43 30.94
CA ALA G 193 -5.78 -38.27 31.29
C ALA G 193 -4.91 -37.04 31.51
N LYS G 194 -3.73 -37.21 32.11
CA LYS G 194 -2.81 -36.08 32.27
C LYS G 194 -2.28 -35.61 30.92
N ILE G 195 -1.99 -36.54 30.01
CA ILE G 195 -1.46 -36.17 28.70
C ILE G 195 -2.52 -35.44 27.88
N ILE G 196 -3.76 -35.94 27.88
CA ILE G 196 -4.82 -35.30 27.11
C ILE G 196 -5.22 -33.97 27.74
N ASN G 197 -5.18 -33.83 29.06
CA ASN G 197 -5.49 -32.55 29.67
C ASN G 197 -4.40 -31.51 29.41
N VAL G 198 -3.13 -31.91 29.47
CA VAL G 198 -2.05 -30.99 29.10
C VAL G 198 -2.14 -30.59 27.63
N CYS G 199 -2.55 -31.53 26.76
CA CYS G 199 -2.80 -31.18 25.36
C CYS G 199 -4.00 -30.24 25.21
N ASN G 200 -5.01 -30.36 26.07
CA ASN G 200 -6.16 -29.44 26.01
C ASN G 200 -5.74 -28.03 26.42
N TRP G 201 -4.95 -27.90 27.49
CA TRP G 201 -4.46 -26.58 27.89
C TRP G 201 -3.50 -25.99 26.85
N ILE G 202 -2.70 -26.83 26.19
CA ILE G 202 -1.81 -26.36 25.12
C ILE G 202 -2.60 -25.91 23.89
N LEU G 203 -3.65 -26.65 23.53
CA LEU G 203 -4.51 -26.22 22.42
C LEU G 203 -5.29 -24.96 22.76
N SER G 204 -5.63 -24.76 24.03
CA SER G 204 -6.22 -23.49 24.44
C SER G 204 -5.20 -22.36 24.46
N SER G 205 -3.90 -22.67 24.59
CA SER G 205 -2.88 -21.63 24.51
C SER G 205 -2.78 -21.00 23.12
N ALA G 206 -3.23 -21.71 22.08
CA ALA G 206 -3.26 -21.18 20.72
C ALA G 206 -4.23 -20.01 20.58
N ILE G 207 -5.32 -19.99 21.36
CA ILE G 207 -6.17 -18.81 21.41
C ILE G 207 -5.78 -17.91 22.57
N GLY G 208 -5.05 -18.43 23.56
CA GLY G 208 -4.66 -17.61 24.70
C GLY G 208 -3.58 -16.59 24.36
N LEU G 209 -2.52 -17.02 23.65
CA LEU G 209 -1.36 -16.16 23.45
C LEU G 209 -1.59 -14.98 22.49
N PRO G 210 -2.14 -15.14 21.26
CA PRO G 210 -2.29 -13.96 20.40
C PRO G 210 -3.31 -12.95 20.90
N VAL G 211 -4.33 -13.40 21.63
CA VAL G 211 -5.25 -12.48 22.29
C VAL G 211 -4.51 -11.69 23.39
N MET G 212 -3.53 -12.31 24.05
CA MET G 212 -2.68 -11.58 24.98
C MET G 212 -1.82 -10.56 24.26
N PHE G 213 -1.31 -10.90 23.07
CA PHE G 213 -0.48 -9.93 22.33
C PHE G 213 -1.30 -8.75 21.82
N MET G 214 -2.51 -9.00 21.32
CA MET G 214 -3.27 -7.96 20.64
C MET G 214 -3.94 -6.98 21.59
N ALA G 215 -4.19 -7.35 22.84
CA ALA G 215 -4.93 -6.52 23.78
C ALA G 215 -4.10 -5.29 24.18
N THR G 216 -4.65 -4.10 23.95
CA THR G 216 -4.07 -2.85 24.43
C THR G 216 -5.20 -1.98 24.99
N THR G 217 -4.84 -0.80 25.47
CA THR G 217 -5.78 0.17 26.02
C THR G 217 -5.75 1.44 25.20
N LYS G 218 -6.91 1.87 24.71
CA LYS G 218 -7.03 3.07 23.89
C LYS G 218 -8.03 4.03 24.49
N TYR G 219 -7.71 5.32 24.43
CA TYR G 219 -8.59 6.36 24.95
C TYR G 219 -9.75 6.59 23.99
N ARG G 220 -10.97 6.35 24.46
CA ARG G 220 -12.18 6.56 23.66
C ARG G 220 -13.11 7.48 24.44
N GLN G 221 -13.33 8.69 23.91
CA GLN G 221 -14.22 9.72 24.46
C GLN G 221 -13.81 10.10 25.89
N GLY G 222 -12.51 10.19 26.13
CA GLY G 222 -12.00 10.51 27.45
C GLY G 222 -12.01 9.36 28.44
N SER G 223 -12.36 8.15 28.00
CA SER G 223 -12.43 6.98 28.85
C SER G 223 -11.52 5.90 28.29
N ILE G 224 -10.72 5.28 29.17
CA ILE G 224 -9.84 4.20 28.75
C ILE G 224 -10.69 2.98 28.40
N ASP G 225 -10.36 2.32 27.29
CA ASP G 225 -11.10 1.16 26.84
C ASP G 225 -10.14 -0.02 26.75
N CYS G 226 -10.49 -1.09 27.44
CA CYS G 226 -9.72 -2.32 27.48
C CYS G 226 -10.32 -3.27 26.45
N THR G 227 -9.60 -3.47 25.33
CA THR G 227 -10.17 -4.22 24.22
C THR G 227 -9.03 -4.83 23.40
N LEU G 228 -9.39 -5.37 22.23
CA LEU G 228 -8.45 -6.03 21.34
C LEU G 228 -8.26 -5.17 20.10
N THR G 229 -7.01 -4.97 19.71
CA THR G 229 -6.66 -4.21 18.52
C THR G 229 -6.06 -5.13 17.47
N PHE G 230 -6.62 -5.11 16.27
CA PHE G 230 -6.23 -5.99 15.18
C PHE G 230 -5.41 -5.21 14.16
N SER G 231 -4.54 -5.92 13.46
CA SER G 231 -3.81 -5.33 12.35
C SER G 231 -4.76 -5.01 11.20
N HIS G 232 -4.37 -4.03 10.38
CA HIS G 232 -5.22 -3.60 9.27
C HIS G 232 -5.30 -4.70 8.21
N PRO G 233 -6.50 -5.03 7.70
CA PRO G 233 -7.84 -4.51 8.04
C PRO G 233 -8.40 -5.03 9.35
N THR G 234 -8.97 -4.13 10.15
CA THR G 234 -9.47 -4.48 11.48
C THR G 234 -10.71 -5.37 11.40
N TRP G 235 -11.60 -5.08 10.44
CA TRP G 235 -12.88 -5.79 10.33
C TRP G 235 -12.67 -7.27 9.98
N TYR G 236 -11.68 -7.58 9.13
CA TYR G 236 -11.46 -8.95 8.70
C TYR G 236 -10.96 -9.82 9.84
N TRP G 237 -9.95 -9.34 10.57
CA TRP G 237 -9.41 -10.12 11.67
C TRP G 237 -10.38 -10.16 12.86
N GLU G 238 -11.18 -9.10 13.05
CA GLU G 238 -12.16 -9.10 14.12
C GLU G 238 -13.29 -10.11 13.86
N ASN G 239 -13.85 -10.10 12.64
CA ASN G 239 -14.86 -11.09 12.30
C ASN G 239 -14.27 -12.50 12.22
N LEU G 240 -12.99 -12.62 11.83
CA LEU G 240 -12.33 -13.92 11.85
C LEU G 240 -12.20 -14.46 13.27
N LEU G 241 -11.85 -13.59 14.22
CA LEU G 241 -11.77 -14.02 15.62
C LEU G 241 -13.15 -14.40 16.15
N LYS G 242 -14.18 -13.61 15.85
CA LYS G 242 -15.52 -13.89 16.34
C LYS G 242 -16.07 -15.19 15.75
N ILE G 243 -15.86 -15.42 14.46
CA ILE G 243 -16.36 -16.62 13.81
C ILE G 243 -15.55 -17.86 14.23
N CYS G 244 -14.23 -17.73 14.40
CA CYS G 244 -13.45 -18.85 14.88
C CYS G 244 -13.82 -19.24 16.31
N VAL G 245 -14.06 -18.25 17.18
CA VAL G 245 -14.51 -18.54 18.54
C VAL G 245 -15.91 -19.16 18.52
N PHE G 246 -16.79 -18.65 17.64
CA PHE G 246 -18.14 -19.20 17.51
C PHE G 246 -18.13 -20.65 17.06
N ILE G 247 -17.38 -20.96 16.01
CA ILE G 247 -17.31 -22.33 15.50
C ILE G 247 -16.64 -23.26 16.50
N PHE G 248 -15.43 -22.92 16.95
CA PHE G 248 -14.63 -23.81 17.78
C PHE G 248 -15.16 -23.93 19.20
N ALA G 249 -16.01 -23.02 19.66
CA ALA G 249 -16.59 -23.13 20.98
C ALA G 249 -18.06 -23.52 20.98
N PHE G 250 -18.75 -23.46 19.83
CA PHE G 250 -20.15 -23.85 19.79
C PHE G 250 -20.45 -24.96 18.80
N ILE G 251 -20.04 -24.82 17.53
CA ILE G 251 -20.54 -25.70 16.47
C ILE G 251 -19.96 -27.10 16.62
N MET G 252 -18.64 -27.22 16.69
CA MET G 252 -18.01 -28.50 16.96
C MET G 252 -18.27 -29.04 18.38
N PRO G 253 -18.25 -28.26 19.47
CA PRO G 253 -18.56 -28.88 20.78
C PRO G 253 -19.98 -29.39 20.95
N VAL G 254 -21.00 -28.68 20.45
CA VAL G 254 -22.38 -29.17 20.57
C VAL G 254 -22.56 -30.45 19.77
N LEU G 255 -21.97 -30.52 18.58
CA LEU G 255 -22.07 -31.73 17.77
C LEU G 255 -21.33 -32.91 18.40
N ILE G 256 -20.12 -32.68 18.93
CA ILE G 256 -19.35 -33.75 19.56
C ILE G 256 -20.06 -34.26 20.81
N ILE G 257 -20.51 -33.35 21.67
CA ILE G 257 -21.20 -33.73 22.91
C ILE G 257 -22.52 -34.45 22.60
N THR G 258 -23.30 -33.91 21.66
CA THR G 258 -24.61 -34.47 21.32
C THR G 258 -24.48 -35.87 20.71
N VAL G 259 -23.56 -36.04 19.75
CA VAL G 259 -23.41 -37.34 19.10
C VAL G 259 -22.81 -38.37 20.03
N CYS G 260 -21.78 -37.98 20.82
CA CYS G 260 -21.15 -38.92 21.74
C CYS G 260 -22.11 -39.36 22.85
N TYR G 261 -22.83 -38.43 23.46
CA TYR G 261 -23.80 -38.83 24.49
C TYR G 261 -25.02 -39.53 23.90
N GLY G 262 -25.43 -39.22 22.68
CA GLY G 262 -26.55 -39.93 22.07
C GLY G 262 -26.22 -41.38 21.77
N LEU G 263 -25.05 -41.63 21.18
CA LEU G 263 -24.61 -43.00 20.96
C LEU G 263 -24.29 -43.69 22.28
N MET G 264 -23.88 -42.93 23.30
CA MET G 264 -23.72 -43.47 24.64
C MET G 264 -25.05 -43.96 25.22
N ILE G 265 -26.11 -43.18 25.06
CA ILE G 265 -27.44 -43.58 25.53
C ILE G 265 -27.95 -44.79 24.75
N LEU G 266 -27.69 -44.84 23.45
CA LEU G 266 -28.05 -46.00 22.64
C LEU G 266 -27.31 -47.26 23.09
N ARG G 267 -26.03 -47.14 23.41
CA ARG G 267 -25.29 -48.29 23.91
C ARG G 267 -25.77 -48.70 25.31
N LEU G 268 -26.10 -47.72 26.16
CA LEU G 268 -26.57 -48.04 27.52
C LEU G 268 -27.93 -48.72 27.52
N LYS G 269 -28.84 -48.28 26.65
CA LYS G 269 -30.10 -49.02 26.51
C LYS G 269 -29.89 -50.37 25.83
N SER G 270 -28.84 -50.48 25.00
CA SER G 270 -28.48 -51.78 24.43
C SER G 270 -27.96 -52.75 25.49
N VAL G 271 -27.39 -52.24 26.59
CA VAL G 271 -26.85 -53.09 27.65
C VAL G 271 -27.96 -53.87 28.33
N ARG G 272 -27.76 -55.19 28.44
CA ARG G 272 -28.73 -56.08 29.08
C ARG G 272 -28.80 -55.85 30.59
N MET G 273 -27.68 -55.46 31.21
CA MET G 273 -27.62 -55.28 32.65
C MET G 273 -28.52 -54.14 33.13
N LEU G 274 -28.53 -53.02 32.39
CA LEU G 274 -29.34 -51.87 32.78
C LEU G 274 -30.83 -52.13 32.65
N SER G 275 -31.23 -52.98 31.70
CA SER G 275 -32.63 -53.36 31.58
C SER G 275 -32.90 -54.60 32.43
N GLY G 276 -34.15 -55.06 32.42
CA GLY G 276 -34.49 -56.31 33.09
C GLY G 276 -35.44 -56.20 34.26
N SER G 277 -35.25 -55.21 35.14
CA SER G 277 -36.06 -55.08 36.34
C SER G 277 -36.41 -53.62 36.56
N LYS G 278 -37.35 -53.39 37.48
CA LYS G 278 -37.87 -52.05 37.74
C LYS G 278 -36.80 -51.12 38.34
N GLU G 279 -36.00 -51.66 39.27
CA GLU G 279 -34.94 -50.85 39.89
C GLU G 279 -33.85 -50.51 38.88
N LYS G 280 -33.46 -51.48 38.05
CA LYS G 280 -32.44 -51.25 37.04
C LYS G 280 -32.95 -50.32 35.94
N ASP G 281 -34.23 -50.44 35.56
CA ASP G 281 -34.82 -49.49 34.62
C ASP G 281 -34.92 -48.09 35.21
N ARG G 282 -35.17 -47.98 36.53
CA ARG G 282 -35.19 -46.69 37.19
C ARG G 282 -33.80 -46.06 37.17
N ASN G 283 -32.77 -46.85 37.43
CA ASN G 283 -31.40 -46.32 37.41
C ASN G 283 -30.97 -45.94 35.99
N LEU G 284 -31.41 -46.72 34.98
CA LEU G 284 -31.16 -46.37 33.58
C LEU G 284 -31.85 -45.07 33.20
N ARG G 285 -33.10 -44.87 33.65
CA ARG G 285 -33.80 -43.62 33.42
C ARG G 285 -33.11 -42.46 34.11
N ARG G 286 -32.55 -42.69 35.31
CA ARG G 286 -31.83 -41.65 36.03
C ARG G 286 -30.54 -41.27 35.31
N ILE G 287 -29.81 -42.25 34.77
CA ILE G 287 -28.58 -41.97 34.03
C ILE G 287 -28.89 -41.22 32.73
N THR G 288 -29.93 -41.66 32.01
CA THR G 288 -30.32 -40.99 30.77
C THR G 288 -30.83 -39.57 31.04
N ARG G 289 -31.55 -39.38 32.16
CA ARG G 289 -31.99 -38.06 32.57
C ARG G 289 -30.82 -37.15 32.92
N MET G 290 -29.82 -37.69 33.62
CA MET G 290 -28.62 -36.93 33.97
C MET G 290 -27.86 -36.49 32.71
N VAL G 291 -27.72 -37.40 31.75
CA VAL G 291 -27.04 -37.09 30.49
C VAL G 291 -27.80 -36.02 29.71
N LEU G 292 -29.13 -36.16 29.62
CA LEU G 292 -29.93 -35.16 28.91
C LEU G 292 -29.93 -33.81 29.62
N VAL G 293 -29.87 -33.79 30.95
CA VAL G 293 -29.74 -32.53 31.69
C VAL G 293 -28.39 -31.87 31.40
N VAL G 294 -27.32 -32.67 31.31
CA VAL G 294 -25.99 -32.13 30.99
C VAL G 294 -25.97 -31.50 29.60
N VAL G 295 -26.48 -32.23 28.60
CA VAL G 295 -26.49 -31.73 27.23
C VAL G 295 -27.42 -30.53 27.09
N ALA G 296 -28.57 -30.56 27.77
CA ALA G 296 -29.53 -29.46 27.71
C ALA G 296 -28.98 -28.20 28.37
N VAL G 297 -28.30 -28.33 29.51
CA VAL G 297 -27.70 -27.17 30.17
C VAL G 297 -26.61 -26.56 29.31
N PHE G 298 -25.78 -27.40 28.68
CA PHE G 298 -24.72 -26.90 27.81
C PHE G 298 -25.29 -26.14 26.60
N ILE G 299 -26.29 -26.71 25.93
CA ILE G 299 -26.86 -26.09 24.74
C ILE G 299 -27.63 -24.83 25.10
N VAL G 300 -28.52 -24.91 26.10
CA VAL G 300 -29.35 -23.78 26.51
C VAL G 300 -28.51 -22.63 27.06
N CYS G 301 -27.37 -22.92 27.68
CA CYS G 301 -26.55 -21.82 28.16
C CYS G 301 -25.71 -21.19 27.06
N TRP G 302 -25.02 -21.98 26.24
CA TRP G 302 -24.10 -21.36 25.28
C TRP G 302 -24.75 -20.94 23.96
N THR G 303 -25.98 -21.41 23.66
CA THR G 303 -26.62 -21.05 22.40
C THR G 303 -27.03 -19.57 22.28
N PRO G 304 -27.72 -18.93 23.25
CA PRO G 304 -28.21 -17.56 22.98
C PRO G 304 -27.12 -16.52 22.88
N ILE G 305 -26.06 -16.62 23.69
CA ILE G 305 -24.99 -15.63 23.65
C ILE G 305 -24.23 -15.71 22.34
N HIS G 306 -24.02 -16.92 21.81
CA HIS G 306 -23.32 -17.06 20.53
C HIS G 306 -24.18 -16.57 19.37
N ILE G 307 -25.46 -16.93 19.35
CA ILE G 307 -26.35 -16.45 18.28
C ILE G 307 -26.52 -14.93 18.38
N TYR G 308 -26.55 -14.38 19.59
CA TYR G 308 -26.74 -12.95 19.76
C TYR G 308 -25.48 -12.16 19.37
N VAL G 309 -24.29 -12.71 19.64
CA VAL G 309 -23.05 -12.09 19.16
C VAL G 309 -22.97 -12.13 17.64
N ILE G 310 -23.42 -13.25 17.03
CA ILE G 310 -23.43 -13.33 15.56
C ILE G 310 -24.41 -12.33 14.96
N ILE G 311 -25.59 -12.18 15.57
CA ILE G 311 -26.59 -11.22 15.08
C ILE G 311 -26.11 -9.78 15.28
N LYS G 312 -25.45 -9.49 16.41
CA LYS G 312 -24.91 -8.16 16.63
C LYS G 312 -23.77 -7.83 15.65
N ALA G 313 -22.94 -8.83 15.34
CA ALA G 313 -21.86 -8.62 14.37
C ALA G 313 -22.40 -8.40 12.96
N LEU G 314 -23.39 -9.21 12.54
CA LEU G 314 -23.92 -9.09 11.19
C LEU G 314 -24.73 -7.81 11.01
N VAL G 315 -25.73 -7.59 11.87
CA VAL G 315 -26.69 -6.51 11.69
C VAL G 315 -26.50 -5.51 12.82
N THR G 316 -26.26 -4.25 12.44
CA THR G 316 -26.17 -3.17 13.43
C THR G 316 -27.54 -2.92 14.04
N ILE G 317 -27.59 -2.91 15.37
CA ILE G 317 -28.84 -2.76 16.10
C ILE G 317 -28.77 -1.50 16.96
N PRO G 318 -29.87 -0.74 17.07
CA PRO G 318 -29.84 0.47 17.90
C PRO G 318 -29.73 0.13 19.38
N GLU G 319 -28.96 0.94 20.10
CA GLU G 319 -28.76 0.74 21.53
C GLU G 319 -30.06 1.03 22.28
N THR G 320 -30.53 0.04 23.04
CA THR G 320 -31.79 0.13 23.77
C THR G 320 -31.52 -0.43 25.16
N THR G 321 -32.37 -0.05 26.14
CA THR G 321 -32.26 -0.60 27.48
C THR G 321 -32.52 -2.10 27.48
N PHE G 322 -33.57 -2.53 26.77
CA PHE G 322 -33.86 -3.96 26.64
C PHE G 322 -32.77 -4.70 25.89
N GLN G 323 -32.15 -4.03 24.90
CA GLN G 323 -31.01 -4.61 24.19
C GLN G 323 -29.85 -4.87 25.14
N THR G 324 -29.57 -3.93 26.03
CA THR G 324 -28.50 -4.07 27.03
C THR G 324 -28.84 -5.16 28.04
N VAL G 325 -30.11 -5.24 28.47
CA VAL G 325 -30.53 -6.26 29.42
C VAL G 325 -30.42 -7.66 28.80
N SER G 326 -30.80 -7.80 27.53
CA SER G 326 -30.66 -9.08 26.84
C SER G 326 -29.19 -9.45 26.64
N TRP G 327 -28.34 -8.46 26.37
CA TRP G 327 -26.90 -8.68 26.23
C TRP G 327 -26.29 -9.20 27.53
N HIS G 328 -26.59 -8.54 28.64
CA HIS G 328 -26.02 -8.99 29.91
C HIS G 328 -26.69 -10.25 30.45
N PHE G 329 -27.93 -10.55 30.06
CA PHE G 329 -28.51 -11.83 30.42
C PHE G 329 -27.87 -12.98 29.65
N CYS G 330 -27.55 -12.76 28.37
CA CYS G 330 -26.88 -13.80 27.61
C CYS G 330 -25.45 -14.04 28.11
N ILE G 331 -24.73 -12.97 28.46
CA ILE G 331 -23.41 -13.13 29.06
C ILE G 331 -23.52 -13.79 30.44
N ALA G 332 -24.58 -13.46 31.19
CA ALA G 332 -24.81 -14.07 32.50
C ALA G 332 -25.08 -15.57 32.39
N LEU G 333 -25.83 -15.99 31.36
CA LEU G 333 -26.04 -17.42 31.13
C LEU G 333 -24.73 -18.11 30.70
N GLY G 334 -23.94 -17.42 29.88
CA GLY G 334 -22.66 -17.97 29.45
C GLY G 334 -21.70 -18.23 30.59
N TYR G 335 -21.66 -17.33 31.57
CA TYR G 335 -20.89 -17.60 32.78
C TYR G 335 -21.62 -18.52 33.76
N THR G 336 -22.95 -18.55 33.72
CA THR G 336 -23.74 -19.40 34.60
C THR G 336 -23.50 -20.88 34.31
N ASN G 337 -23.22 -21.22 33.05
CA ASN G 337 -22.85 -22.61 32.75
C ASN G 337 -21.54 -23.01 33.43
N SER G 338 -20.53 -22.13 33.39
CA SER G 338 -19.29 -22.38 34.11
C SER G 338 -19.51 -22.42 35.61
N CYS G 339 -20.48 -21.65 36.12
CA CYS G 339 -20.81 -21.70 37.54
C CYS G 339 -21.47 -23.02 37.93
N LEU G 340 -22.35 -23.54 37.08
CA LEU G 340 -23.13 -24.74 37.38
C LEU G 340 -22.47 -26.03 36.92
N ASN G 341 -21.35 -25.97 36.21
CA ASN G 341 -20.59 -27.19 35.93
C ASN G 341 -20.12 -27.96 37.16
N PRO G 342 -19.72 -27.34 38.30
CA PRO G 342 -19.56 -28.16 39.52
C PRO G 342 -20.82 -28.86 39.99
N VAL G 343 -21.98 -28.18 39.94
CA VAL G 343 -23.23 -28.76 40.42
C VAL G 343 -23.63 -29.96 39.57
N LEU G 344 -23.51 -29.85 38.25
CA LEU G 344 -23.84 -30.96 37.37
C LEU G 344 -22.81 -32.08 37.45
N TYR G 345 -21.52 -31.74 37.42
CA TYR G 345 -20.49 -32.77 37.23
C TYR G 345 -19.97 -33.37 38.54
N ALA G 346 -19.61 -32.55 39.52
CA ALA G 346 -18.97 -33.06 40.72
C ALA G 346 -19.96 -33.34 41.85
N PHE G 347 -20.92 -32.45 42.07
CA PHE G 347 -21.87 -32.63 43.16
C PHE G 347 -22.81 -33.80 42.91
N LEU G 348 -23.21 -34.00 41.65
CA LEU G 348 -24.05 -35.13 41.28
C LEU G 348 -23.25 -36.39 40.98
N ASP G 349 -21.92 -36.33 41.07
CA ASP G 349 -21.09 -37.52 40.93
C ASP G 349 -21.28 -38.42 42.16
N GLU G 350 -21.55 -39.70 41.92
CA GLU G 350 -21.85 -40.64 43.00
C GLU G 350 -20.65 -40.90 43.90
N ASN G 351 -19.43 -40.88 43.35
CA ASN G 351 -18.24 -41.05 44.17
C ASN G 351 -18.07 -39.88 45.14
N PHE G 352 -18.28 -38.65 44.65
CA PHE G 352 -18.29 -37.50 45.54
C PHE G 352 -19.47 -37.52 46.51
N LYS G 353 -20.62 -38.08 46.09
CA LYS G 353 -21.75 -38.25 47.00
C LYS G 353 -21.37 -39.17 48.16
N ARG G 354 -20.65 -40.26 47.86
CA ARG G 354 -20.13 -41.13 48.91
C ARG G 354 -19.10 -40.41 49.78
N CYS G 355 -18.27 -39.54 49.17
CA CYS G 355 -17.29 -38.78 49.93
C CYS G 355 -17.94 -37.80 50.89
N PHE G 356 -19.01 -37.13 50.47
CA PHE G 356 -19.76 -36.26 51.37
C PHE G 356 -20.51 -37.07 52.43
N ARG G 357 -21.03 -38.24 52.05
CA ARG G 357 -21.81 -39.06 52.98
C ARG G 357 -20.94 -39.65 54.08
N GLU G 358 -19.69 -40.01 53.76
CA GLU G 358 -18.80 -40.53 54.79
C GLU G 358 -18.34 -39.43 55.75
N PHE G 359 -18.10 -38.23 55.23
CA PHE G 359 -17.64 -37.12 56.06
C PHE G 359 -18.76 -36.11 56.28
N TYR H 1 -16.23 -14.67 27.53
CA TYR H 1 -16.67 -14.31 26.19
C TYR H 1 -18.17 -14.03 26.17
N PRO H 2 -18.56 -12.86 25.64
CA PRO H 2 -17.68 -11.81 25.13
C PRO H 2 -17.24 -10.86 26.23
N TRP H 3 -16.42 -9.87 25.88
CA TRP H 3 -15.92 -8.93 26.85
C TRP H 3 -16.81 -7.69 26.93
N PHE H 4 -16.98 -7.15 28.13
CA PHE H 4 -17.70 -5.86 28.30
C PHE H 4 -17.05 -5.05 29.43
N NH2 H 5 -17.61 -3.92 29.75
N ALA I 338 -20.52 -61.14 28.18
CA ALA I 338 -20.74 -61.05 29.62
C ALA I 338 -19.63 -60.26 30.30
N VAL I 339 -18.39 -60.52 29.88
CA VAL I 339 -17.23 -59.81 30.42
C VAL I 339 -17.29 -58.33 30.02
N THR I 340 -17.72 -58.06 28.79
CA THR I 340 -17.84 -56.69 28.28
C THR I 340 -18.84 -55.88 29.09
N ASP I 341 -19.95 -56.50 29.49
CA ASP I 341 -20.93 -55.83 30.36
C ASP I 341 -20.35 -55.53 31.73
N VAL I 342 -19.51 -56.43 32.26
CA VAL I 342 -18.84 -56.20 33.54
C VAL I 342 -17.88 -55.01 33.43
N ILE I 343 -17.15 -54.92 32.33
CA ILE I 343 -16.25 -53.78 32.12
C ILE I 343 -17.04 -52.48 31.93
N ILE I 344 -18.20 -52.56 31.27
CA ILE I 344 -19.08 -51.39 31.14
C ILE I 344 -19.58 -50.94 32.51
N LYS I 345 -19.97 -51.89 33.36
CA LYS I 345 -20.42 -51.57 34.72
C LYS I 345 -19.28 -50.95 35.55
N ASN I 346 -18.07 -51.48 35.40
CA ASN I 346 -16.91 -50.93 36.10
C ASN I 346 -16.61 -49.51 35.62
N ASN I 347 -16.69 -49.26 34.31
CA ASN I 347 -16.45 -47.93 33.77
C ASN I 347 -17.53 -46.94 34.21
N LEU I 348 -18.79 -47.38 34.26
CA LEU I 348 -19.87 -46.52 34.73
C LEU I 348 -19.71 -46.20 36.22
N LYS I 349 -19.30 -47.18 37.03
CA LYS I 349 -19.01 -46.90 38.43
C LYS I 349 -17.81 -45.96 38.58
N ASP I 350 -16.81 -46.11 37.70
CA ASP I 350 -15.65 -45.23 37.72
C ASP I 350 -16.01 -43.79 37.36
N CYS I 351 -16.84 -43.61 36.33
CA CYS I 351 -17.34 -42.28 35.99
C CYS I 351 -18.26 -41.74 37.07
N GLY I 352 -19.06 -42.62 37.68
CA GLY I 352 -19.98 -42.22 38.71
C GLY I 352 -21.38 -41.89 38.27
N LEU I 353 -21.69 -42.05 36.98
CA LEU I 353 -23.07 -41.92 36.53
C LEU I 353 -23.94 -43.04 37.08
N PHE I 354 -23.39 -44.23 37.24
CA PHE I 354 -24.12 -45.36 37.80
C PHE I 354 -24.10 -45.30 39.32
C1 CLR J . 7.08 -12.82 -0.31
C2 CLR J . 6.65 -11.60 -1.15
C3 CLR J . 6.47 -12.02 -2.61
C4 CLR J . 5.30 -13.00 -2.68
C5 CLR J . 5.66 -14.20 -1.80
C6 CLR J . 5.60 -15.38 -2.35
C7 CLR J . 5.93 -16.65 -1.62
C8 CLR J . 5.92 -16.48 -0.09
C9 CLR J . 6.65 -15.18 0.29
C10 CLR J . 6.06 -13.95 -0.38
C11 CLR J . 6.74 -15.04 1.82
C12 CLR J . 7.43 -16.24 2.45
C13 CLR J . 6.77 -17.57 2.05
C14 CLR J . 6.74 -17.62 0.49
C15 CLR J . 6.25 -19.04 0.20
C16 CLR J . 7.11 -19.86 1.19
C17 CLR J . 7.53 -18.89 2.35
C18 CLR J . 5.32 -17.62 2.56
C19 CLR J . 4.79 -13.53 0.36
C20 CLR J . 7.29 -19.61 3.70
C21 CLR J . 7.82 -18.86 4.93
C22 CLR J . 8.06 -20.93 3.70
C23 CLR J . 7.20 -22.08 4.20
C24 CLR J . 8.06 -23.32 4.46
C25 CLR J . 8.79 -23.79 3.19
C26 CLR J . 9.75 -24.91 3.57
C27 CLR J . 7.78 -24.32 2.18
O1 CLR J . 6.19 -10.87 -3.41
C1 CLR K . -17.29 -51.30 -0.35
C2 CLR K . -16.66 -52.55 0.28
C3 CLR K . -15.57 -53.09 -0.64
C4 CLR K . -14.44 -52.07 -0.69
C5 CLR K . -15.02 -50.76 -1.19
C6 CLR K . -14.40 -50.17 -2.18
C7 CLR K . -14.85 -48.88 -2.78
C8 CLR K . -15.73 -48.10 -1.79
C9 CLR K . -16.85 -49.02 -1.31
C10 CLR K . -16.24 -50.20 -0.53
C11 CLR K . -17.91 -48.28 -0.50
C12 CLR K . -18.40 -47.00 -1.21
C13 CLR K . -17.24 -46.06 -1.59
C14 CLR K . -16.31 -46.90 -2.52
C15 CLR K . -15.30 -45.86 -3.00
C16 CLR K . -16.21 -44.65 -3.29
C17 CLR K . -17.52 -44.84 -2.47
C18 CLR K . -16.45 -45.65 -0.33
C19 CLR K . -15.82 -49.69 0.86
C20 CLR K . -17.91 -43.53 -1.70
C21 CLR K . -19.39 -43.50 -1.33
C22 CLR K . -17.54 -42.24 -2.48
C23 CLR K . -18.58 -41.84 -3.53
C24 CLR K . -18.16 -40.52 -4.18
C25 CLR K . -19.18 -40.09 -5.24
C26 CLR K . -20.54 -39.84 -4.58
C27 CLR K . -18.69 -38.81 -5.92
O1 CLR K . -15.07 -54.33 -0.11
C1 CLR L . -0.95 -32.44 16.24
C2 CLR L . -0.63 -33.89 16.60
C3 CLR L . -1.16 -34.17 18.01
C4 CLR L . -2.68 -34.13 17.97
C5 CLR L . -3.13 -32.77 17.47
C6 CLR L . -4.06 -32.14 18.11
C7 CLR L . -4.60 -30.78 17.73
C8 CLR L . -4.27 -30.48 16.26
C9 CLR L . -2.76 -30.71 16.06
C10 CLR L . -2.48 -32.20 16.24
C11 CLR L . -2.26 -30.20 14.72
C12 CLR L . -2.73 -28.78 14.38
C13 CLR L . -4.24 -28.63 14.50
C14 CLR L . -4.59 -29.01 15.98
C15 CLR L . -6.06 -28.60 16.07
C16 CLR L . -6.03 -27.22 15.38
C17 CLR L . -4.83 -27.21 14.40
C18 CLR L . -4.96 -29.59 13.55
C19 CLR L . -3.09 -32.94 15.04
C20 CLR L . -5.21 -26.77 12.96
C21 CLR L . -4.04 -26.03 12.31
C22 CLR L . -6.44 -25.85 12.93
C23 CLR L . -6.76 -25.33 11.53
C24 CLR L . -8.04 -24.48 11.59
C25 CLR L . -8.28 -23.81 10.24
C26 CLR L . -7.14 -22.83 9.94
C27 CLR L . -9.61 -23.05 10.27
O1 CLR L . -0.72 -35.47 18.42
C1 CLR M . -12.14 -46.60 15.09
C2 CLR M . -12.38 -48.06 14.70
C3 CLR M . -11.67 -48.97 15.71
C4 CLR M . -12.40 -48.83 17.04
C5 CLR M . -12.32 -47.37 17.45
C6 CLR M . -11.88 -47.10 18.64
C7 CLR M . -11.74 -45.72 19.21
C8 CLR M . -12.57 -44.71 18.43
C9 CLR M . -12.34 -44.90 16.92
C10 CLR M . -12.73 -46.30 16.48
C11 CLR M . -13.05 -43.80 16.12
C12 CLR M . -12.70 -42.39 16.63
C13 CLR M . -12.93 -42.21 18.13
C14 CLR M . -12.07 -43.33 18.81
C15 CLR M . -12.17 -42.97 20.29
C16 CLR M . -11.90 -41.45 20.22
C17 CLR M . -12.35 -40.95 18.81
C18 CLR M . -14.39 -42.48 18.50
C19 CLR M . -14.26 -46.39 16.39
C20 CLR M . -13.25 -39.68 19.00
C21 CLR M . -13.68 -39.01 17.68
C22 CLR M . -12.46 -38.67 19.87
C23 CLR M . -12.46 -37.20 19.45
C24 CLR M . -11.49 -36.41 20.35
C25 CLR M . -11.47 -34.93 19.96
C26 CLR M . -10.51 -34.18 20.89
C27 CLR M . -12.87 -34.32 20.11
O1 CLR M . -11.73 -50.33 15.27
C1 CLR N . -23.83 -14.90 5.46
C2 CLR N . -24.03 -13.55 4.74
C3 CLR N . -23.69 -12.42 5.71
C4 CLR N . -22.20 -12.48 6.00
C5 CLR N . -21.85 -13.84 6.58
C6 CLR N . -21.10 -13.89 7.65
C7 CLR N . -20.69 -15.18 8.31
C8 CLR N . -20.80 -16.33 7.31
C9 CLR N . -22.26 -16.29 6.80
C10 CLR N . -22.38 -15.07 5.91
C11 CLR N . -22.66 -17.56 6.03
C12 CLR N . -22.18 -18.86 6.70
C13 CLR N . -20.68 -18.85 7.01
C14 CLR N . -20.48 -17.64 7.98
C15 CLR N . -19.02 -17.82 8.41
C16 CLR N . -18.93 -19.35 8.63
C17 CLR N . -20.08 -20.02 7.83
C18 CLR N . -19.84 -18.61 5.73
C19 CLR N . -21.48 -15.30 4.69
C20 CLR N . -19.55 -21.22 7.00
C21 CLR N . -20.67 -22.15 6.48
C22 CLR N . -18.56 -22.10 7.81
C23 CLR N . -19.27 -22.97 8.86
C24 CLR N . -18.31 -24.00 9.44
C25 CLR N . -19.00 -24.80 10.55
C26 CLR N . -18.07 -25.92 11.05
C27 CLR N . -20.31 -25.42 10.06
O1 CLR N . -24.02 -11.16 5.11
C1 CLR O . -19.59 -42.68 15.02
C2 CLR O . -19.54 -44.05 15.71
C3 CLR O . -18.28 -44.78 15.28
C4 CLR O . -17.08 -44.03 15.86
C5 CLR O . -17.09 -42.60 15.36
C6 CLR O . -15.99 -42.09 14.91
C7 CLR O . -15.88 -40.68 14.39
C8 CLR O . -17.03 -39.84 14.96
C9 CLR O . -18.32 -40.57 14.58
C10 CLR O . -18.38 -41.83 15.43
C11 CLR O . -19.58 -39.72 14.77
C12 CLR O . -19.42 -38.27 14.28
C13 CLR O . -18.18 -37.58 14.87
C14 CLR O . -16.98 -38.43 14.38
C15 CLR O . -15.78 -37.59 14.83
C16 CLR O . -16.24 -36.16 14.45
C17 CLR O . -17.80 -36.17 14.36
C18 CLR O . -18.21 -37.58 16.41
C19 CLR O . -18.53 -41.38 16.89
C20 CLR O . -18.41 -34.97 15.13
C21 CLR O . -19.89 -34.70 14.80
C22 CLR O . -17.63 -33.66 14.87
C23 CLR O . -17.91 -33.07 13.49
C24 CLR O . -17.36 -31.64 13.38
C25 CLR O . -17.56 -31.10 11.96
C26 CLR O . -17.11 -29.63 11.91
C27 CLR O . -19.03 -31.19 11.55
O1 CLR O . -18.31 -46.11 15.78
C1 CLR P . -0.40 -32.41 36.80
C2 CLR P . -0.65 -33.80 37.39
C3 CLR P . -1.76 -33.75 38.42
C4 CLR P . -3.06 -33.39 37.69
C5 CLR P . -2.85 -32.03 37.04
C6 CLR P . -3.71 -31.09 37.30
C7 CLR P . -3.63 -29.70 36.72
C8 CLR P . -2.72 -29.62 35.49
C9 CLR P . -1.42 -30.39 35.76
C10 CLR P . -1.67 -31.86 36.13
C11 CLR P . -0.45 -30.25 34.58
C12 CLR P . -0.14 -28.77 34.31
C13 CLR P . -1.41 -27.93 34.08
C14 CLR P . -2.32 -28.16 35.34
C15 CLR P . -3.46 -27.16 35.11
C16 CLR P . -2.65 -25.90 34.69
C17 CLR P . -1.29 -26.39 34.10
C18 CLR P . -2.17 -28.45 32.85
C19 CLR P . -1.97 -32.67 34.86
C20 CLR P . -1.02 -25.65 32.77
C21 CLR P . 0.36 -25.89 32.17
C22 CLR P . -1.06 -24.14 33.04
C23 CLR P . -1.91 -23.41 32.00
C24 CLR P . -1.68 -21.90 32.11
C25 CLR P . -2.08 -21.37 33.50
C26 CLR P . -1.69 -19.90 33.61
C27 CLR P . -3.59 -21.49 33.69
O1 CLR P . -1.91 -35.02 39.07
C1 CLR Q . -34.55 -8.68 18.19
C2 CLR Q . -34.31 -7.20 17.87
C3 CLR Q . -34.29 -6.39 19.16
C4 CLR Q . -33.07 -6.83 19.97
C5 CLR Q . -33.17 -8.31 20.23
C6 CLR Q . -33.03 -8.73 21.45
C7 CLR Q . -33.12 -10.18 21.86
C8 CLR Q . -32.84 -11.08 20.66
C9 CLR Q . -33.77 -10.66 19.51
C10 CLR Q . -33.43 -9.24 19.06
C11 CLR Q . -33.74 -11.66 18.35
C12 CLR Q . -33.92 -13.11 18.81
C13 CLR Q . -32.90 -13.50 19.90
C14 CLR Q . -33.12 -12.51 21.07
C15 CLR Q . -32.22 -13.08 22.17
C16 CLR Q . -32.49 -14.59 22.04
C17 CLR Q . -33.05 -14.86 20.62
C18 CLR Q . -31.46 -13.33 19.36
C19 CLR Q . -32.14 -9.28 18.24
C20 CLR Q . -32.32 -16.05 19.93
C21 CLR Q . -33.16 -16.67 18.80
C22 CLR Q . -31.93 -17.17 20.93
C23 CLR Q . -33.07 -18.15 21.26
C24 CLR Q . -32.55 -19.24 22.20
C25 CLR Q . -33.67 -20.23 22.54
C26 CLR Q . -34.15 -20.93 21.27
C27 CLR Q . -33.14 -21.27 23.53
O1 CLR Q . -34.19 -5.00 18.87
C1 CLR R . -5.50 -15.80 16.25
C2 CLR R . -5.72 -14.32 15.96
C3 CLR R . -5.43 -14.06 14.48
C4 CLR R . -6.51 -14.76 13.66
C5 CLR R . -6.50 -16.25 14.00
C6 CLR R . -6.53 -17.10 13.01
C7 CLR R . -6.52 -18.60 13.20
C8 CLR R . -6.97 -18.96 14.63
C9 CLR R . -6.13 -18.13 15.60
C10 CLR R . -6.47 -16.66 15.44
C11 CLR R . -6.29 -18.59 17.06
C12 CLR R . -6.18 -20.10 17.25
C13 CLR R . -7.12 -20.87 16.31
C14 CLR R . -6.70 -20.45 14.85
C15 CLR R . -7.51 -21.43 14.00
C16 CLR R . -7.26 -22.76 14.76
C17 CLR R . -6.95 -22.40 16.25
C18 CLR R . -8.58 -20.48 16.57
C19 CLR R . -7.90 -16.46 15.97
C20 CLR R . -7.84 -23.19 17.25
C21 CLR R . -7.05 -23.44 18.55
C22 CLR R . -8.31 -24.54 16.70
C23 CLR R . -9.09 -25.36 17.74
C24 CLR R . -9.59 -26.65 17.08
C25 CLR R . -10.21 -27.57 18.13
C26 CLR R . -9.14 -28.00 19.14
C27 CLR R . -10.80 -28.81 17.44
O1 CLR R . -5.47 -12.65 14.22
C1 CLR S . -20.27 -8.20 9.09
C2 CLR S . -21.29 -7.06 9.09
C3 CLR S . -20.63 -5.78 8.56
C4 CLR S . -20.34 -6.01 7.07
C5 CLR S . -19.42 -7.22 6.97
C6 CLR S . -18.33 -7.08 6.27
C7 CLR S . -17.31 -8.15 6.07
C8 CLR S . -17.89 -9.54 6.37
C9 CLR S . -18.64 -9.51 7.70
C10 CLR S . -19.79 -8.49 7.66
C11 CLR S . -19.10 -10.91 8.09
C12 CLR S . -17.96 -11.94 8.06
C13 CLR S . -17.20 -11.96 6.72
C14 CLR S . -16.71 -10.49 6.51
C15 CLR S . -15.80 -10.61 5.30
C16 CLR S . -14.97 -11.87 5.70
C17 CLR S . -15.85 -12.73 6.66
C18 CLR S . -18.15 -12.29 5.57
C19 CLR S . -20.95 -9.09 6.87
C20 CLR S . -15.83 -14.21 6.16
C21 CLR S . -16.57 -15.19 7.07
C22 CLR S . -14.35 -14.62 6.02
C23 CLR S . -13.93 -16.00 6.54
C24 CLR S . -12.41 -16.14 6.47
C25 CLR S . -11.95 -17.51 6.98
C26 CLR S . -10.44 -17.62 6.86
C27 CLR S . -12.59 -18.63 6.15
O1 CLR S . -21.53 -4.68 8.71
#